data_4KRY
#
_entry.id   4KRY
#
_cell.length_a   111.401
_cell.length_b   111.401
_cell.length_c   282.187
_cell.angle_alpha   90.000
_cell.angle_beta   90.000
_cell.angle_gamma   90.000
#
_symmetry.space_group_name_H-M   'P 41'
#
loop_
_entity.id
_entity.type
_entity.pdbx_description
1 polymer 'Acetyl esterase'
2 non-polymer 'TRIETHYLENE GLYCOL'
3 non-polymer IMIDAZOLE
4 non-polymer 'PENTAETHYLENE GLYCOL'
5 water water
#
_entity_poly.entity_id   1
_entity_poly.type   'polypeptide(L)'
_entity_poly.pdbx_seq_one_letter_code
;MRGSHHHHHHTDPIMKPENKLPVLDLISAEMKTVVNTLQPDLPPWPATGTIAEQRQYYTLERRFWNAGAPEMATRAYMVP
TKYGQVETRLFCPQPDSPATLFYLHGGGFILGNLDTHDRIMRLLASYSQCTVIGIDYTLSPEARFPQAIEEIVAACCYFH
QQAEDYQINMSRIGFAGD(SEB)AGAMLALASALWLRDKQIDCGKVAGVLLWYGLYGLRDSVTRRLLGGVWDGLTQQDLQ
MYEEAYLSNDADRESPYYCLFNNDLTREVPPCFIAGAEFDPLLDDSRLLYQTLAAHQQPCEFKLYPGTLHAFLHYSRMMK
TADEALRDGAQFFTAQL
;
_entity_poly.pdbx_strand_id   A,B,C,D,E,F
#
# COMPACT_ATOMS: atom_id res chain seq x y z
N LYS A 16 31.91 -19.98 -20.35
CA LYS A 16 31.85 -21.46 -20.54
C LYS A 16 30.40 -21.94 -20.64
N PRO A 17 30.19 -23.14 -21.22
CA PRO A 17 28.89 -23.81 -21.10
C PRO A 17 28.49 -24.09 -19.64
N GLU A 18 29.47 -24.46 -18.80
CA GLU A 18 29.22 -24.70 -17.37
C GLU A 18 28.58 -23.51 -16.64
N ASN A 19 28.87 -22.28 -17.09
CA ASN A 19 28.38 -21.04 -16.45
C ASN A 19 26.88 -20.76 -16.63
N LYS A 20 26.22 -21.51 -17.51
CA LYS A 20 24.79 -21.33 -17.77
C LYS A 20 23.97 -21.88 -16.59
N LEU A 21 22.84 -21.26 -16.25
CA LEU A 21 21.96 -21.84 -15.23
C LEU A 21 21.14 -22.98 -15.88
N PRO A 22 20.77 -24.01 -15.08
CA PRO A 22 20.16 -25.24 -15.60
C PRO A 22 18.70 -25.06 -16.03
N VAL A 23 18.50 -24.89 -17.33
CA VAL A 23 17.21 -24.43 -17.86
C VAL A 23 16.13 -25.51 -17.76
N LEU A 24 16.45 -26.72 -18.20
CA LEU A 24 15.48 -27.85 -18.23
C LEU A 24 14.83 -28.10 -16.86
N ASP A 25 15.58 -27.85 -15.79
CA ASP A 25 15.04 -27.99 -14.43
C ASP A 25 14.02 -26.90 -14.09
N LEU A 26 14.26 -25.68 -14.58
CA LEU A 26 13.54 -24.47 -14.13
C LEU A 26 12.21 -24.13 -14.85
N ILE A 27 12.03 -24.64 -16.09
CA ILE A 27 10.85 -24.34 -16.91
C ILE A 27 9.50 -24.86 -16.39
N SER A 28 8.41 -24.40 -16.98
CA SER A 28 7.05 -24.79 -16.56
C SER A 28 6.71 -26.25 -16.89
N ALA A 29 5.72 -26.78 -16.19
CA ALA A 29 5.24 -28.15 -16.37
C ALA A 29 4.85 -28.44 -17.82
N GLU A 30 4.07 -27.53 -18.41
CA GLU A 30 3.58 -27.73 -19.80
C GLU A 30 4.69 -27.56 -20.85
N MET A 31 5.71 -26.76 -20.55
CA MET A 31 6.90 -26.64 -21.42
C MET A 31 7.69 -27.96 -21.38
N LYS A 32 7.73 -28.60 -20.21
CA LYS A 32 8.35 -29.92 -20.06
C LYS A 32 7.62 -30.99 -20.86
N THR A 33 6.28 -30.93 -20.91
CA THR A 33 5.54 -31.91 -21.71
C THR A 33 5.96 -31.82 -23.18
N VAL A 34 6.15 -30.60 -23.67
CA VAL A 34 6.62 -30.38 -25.03
C VAL A 34 8.05 -30.91 -25.21
N VAL A 35 8.93 -30.53 -24.28
CA VAL A 35 10.34 -30.95 -24.29
C VAL A 35 10.50 -32.47 -24.27
N ASN A 36 9.66 -33.16 -23.51
CA ASN A 36 9.70 -34.62 -23.38
C ASN A 36 8.96 -35.40 -24.48
N THR A 37 8.36 -34.70 -25.45
CA THR A 37 7.63 -35.37 -26.54
C THR A 37 8.59 -35.96 -27.58
N LEU A 38 8.52 -37.27 -27.77
CA LEU A 38 9.34 -37.94 -28.77
C LEU A 38 8.60 -38.05 -30.10
N GLN A 39 9.33 -37.78 -31.19
CA GLN A 39 8.89 -38.10 -32.53
C GLN A 39 9.82 -39.23 -33.02
N PRO A 40 9.34 -40.48 -32.97
CA PRO A 40 10.20 -41.62 -33.35
C PRO A 40 10.55 -41.62 -34.85
N ASP A 41 9.69 -41.02 -35.67
CA ASP A 41 9.81 -41.06 -37.13
C ASP A 41 11.05 -40.37 -37.65
N LEU A 42 11.31 -39.16 -37.16
CA LEU A 42 12.33 -38.28 -37.73
C LEU A 42 13.76 -38.78 -37.47
N PRO A 43 14.73 -38.35 -38.31
CA PRO A 43 16.17 -38.64 -38.06
C PRO A 43 16.72 -38.06 -36.73
N PRO A 44 18.05 -38.15 -36.51
CA PRO A 44 18.71 -37.36 -35.47
C PRO A 44 19.15 -35.99 -36.02
N TRP A 45 19.37 -35.01 -35.15
CA TRP A 45 19.68 -33.63 -35.60
C TRP A 45 20.99 -33.57 -36.39
N PRO A 46 20.93 -33.25 -37.70
CA PRO A 46 22.15 -33.24 -38.50
C PRO A 46 22.96 -31.94 -38.36
N ALA A 47 23.77 -31.86 -37.32
CA ALA A 47 24.72 -30.75 -37.14
C ALA A 47 25.83 -30.78 -38.19
N THR A 48 26.24 -31.97 -38.61
CA THR A 48 27.27 -32.14 -39.63
C THR A 48 26.70 -32.15 -41.06
N GLY A 49 25.40 -31.91 -41.20
CA GLY A 49 24.75 -32.03 -42.49
C GLY A 49 24.73 -30.73 -43.28
N THR A 50 24.27 -30.86 -44.51
CA THR A 50 24.05 -29.73 -45.39
C THR A 50 22.98 -28.81 -44.80
N ILE A 51 23.08 -27.54 -45.19
CA ILE A 51 22.00 -26.59 -44.98
C ILE A 51 20.65 -27.20 -45.45
N ALA A 52 20.67 -27.88 -46.60
CA ALA A 52 19.48 -28.54 -47.13
C ALA A 52 18.94 -29.61 -46.18
N GLU A 53 19.83 -30.39 -45.57
CA GLU A 53 19.41 -31.42 -44.64
C GLU A 53 18.91 -30.77 -43.34
N GLN A 54 19.48 -29.62 -42.96
CA GLN A 54 18.99 -28.88 -41.81
C GLN A 54 17.55 -28.35 -42.06
N ARG A 55 17.33 -27.75 -43.24
CA ARG A 55 16.02 -27.23 -43.59
C ARG A 55 14.98 -28.34 -43.60
N GLN A 56 15.36 -29.44 -44.23
CA GLN A 56 14.52 -30.63 -44.31
C GLN A 56 14.16 -31.13 -42.92
N TYR A 57 15.15 -31.23 -42.05
CA TYR A 57 14.87 -31.67 -40.71
C TYR A 57 13.88 -30.74 -40.00
N TYR A 58 14.19 -29.43 -40.02
CA TYR A 58 13.36 -28.43 -39.38
C TYR A 58 11.91 -28.49 -39.89
N THR A 59 11.76 -28.64 -41.20
CA THR A 59 10.43 -28.75 -41.80
C THR A 59 9.69 -29.98 -41.28
N LEU A 60 10.32 -31.15 -41.38
CA LEU A 60 9.73 -32.40 -40.90
C LEU A 60 9.41 -32.33 -39.41
N GLU A 61 10.31 -31.80 -38.61
CA GLU A 61 10.11 -31.83 -37.19
C GLU A 61 8.96 -30.88 -36.79
N ARG A 62 8.89 -29.74 -37.46
CA ARG A 62 7.86 -28.74 -37.18
C ARG A 62 6.46 -29.14 -37.65
N ARG A 63 6.40 -30.02 -38.64
CA ARG A 63 5.11 -30.48 -39.14
C ARG A 63 4.11 -30.94 -38.07
N PHE A 64 4.60 -31.70 -37.09
CA PHE A 64 3.76 -32.25 -36.04
C PHE A 64 3.04 -31.13 -35.29
N TRP A 65 3.79 -30.09 -34.96
CA TRP A 65 3.27 -28.96 -34.23
C TRP A 65 2.34 -28.06 -35.03
N ASN A 66 2.21 -28.29 -36.33
CA ASN A 66 1.32 -27.51 -37.16
C ASN A 66 0.01 -28.19 -37.50
N ALA A 67 -0.17 -29.41 -37.00
CA ALA A 67 -1.41 -30.12 -37.20
C ALA A 67 -2.59 -29.39 -36.56
N GLY A 68 -3.78 -29.64 -37.13
CA GLY A 68 -5.04 -29.13 -36.60
C GLY A 68 -5.20 -27.63 -36.77
N ALA A 69 -4.56 -27.04 -37.77
CA ALA A 69 -4.63 -25.59 -37.99
C ALA A 69 -5.99 -25.16 -38.46
N PRO A 70 -6.42 -23.93 -38.12
CA PRO A 70 -7.69 -23.39 -38.61
C PRO A 70 -7.83 -23.54 -40.12
N GLU A 71 -8.98 -24.00 -40.60
CA GLU A 71 -9.28 -24.02 -42.02
C GLU A 71 -10.02 -22.74 -42.43
N MET A 72 -9.55 -22.08 -43.48
CA MET A 72 -10.21 -20.88 -43.99
C MET A 72 -9.82 -20.67 -45.43
N ALA A 73 -10.50 -19.73 -46.08
CA ALA A 73 -10.13 -19.25 -47.36
C ALA A 73 -8.65 -18.90 -47.38
N THR A 74 -7.90 -19.55 -48.26
CA THR A 74 -6.47 -19.34 -48.40
C THR A 74 -6.17 -19.17 -49.87
N ARG A 75 -5.15 -18.37 -50.17
CA ARG A 75 -4.76 -18.16 -51.55
C ARG A 75 -3.25 -18.11 -51.63
N ALA A 76 -2.67 -18.36 -52.78
CA ALA A 76 -1.25 -18.15 -52.94
C ALA A 76 -0.99 -17.23 -54.13
N TYR A 77 -0.10 -16.28 -53.95
CA TYR A 77 0.25 -15.34 -55.00
C TYR A 77 1.74 -15.14 -55.04
N MET A 78 2.27 -15.06 -56.27
CA MET A 78 3.63 -14.68 -56.56
C MET A 78 3.63 -13.15 -56.69
N VAL A 79 4.51 -12.50 -55.93
CA VAL A 79 4.62 -11.06 -55.94
C VAL A 79 5.99 -10.66 -56.51
N PRO A 80 6.06 -9.57 -57.30
CA PRO A 80 7.39 -9.28 -57.90
C PRO A 80 8.26 -8.38 -57.06
N THR A 81 9.57 -8.61 -57.13
CA THR A 81 10.56 -7.81 -56.40
C THR A 81 11.80 -7.71 -57.25
N LYS A 82 12.67 -6.76 -56.89
CA LYS A 82 13.95 -6.60 -57.57
C LYS A 82 14.77 -7.87 -57.59
N TYR A 83 14.53 -8.79 -56.65
CA TYR A 83 15.28 -10.06 -56.61
C TYR A 83 14.55 -11.20 -57.29
N GLY A 84 13.36 -10.95 -57.83
CA GLY A 84 12.57 -11.99 -58.49
C GLY A 84 11.24 -12.18 -57.79
N GLN A 85 10.45 -13.13 -58.27
CA GLN A 85 9.17 -13.42 -57.69
C GLN A 85 9.34 -13.97 -56.30
N VAL A 86 8.46 -13.56 -55.39
CA VAL A 86 8.42 -14.07 -54.02
C VAL A 86 7.03 -14.59 -53.76
N GLU A 87 6.96 -15.82 -53.25
CA GLU A 87 5.74 -16.45 -52.92
C GLU A 87 5.18 -15.89 -51.63
N THR A 88 3.87 -15.67 -51.66
CA THR A 88 3.12 -15.23 -50.52
C THR A 88 1.88 -16.08 -50.39
N ARG A 89 1.34 -16.14 -49.17
CA ARG A 89 0.16 -16.93 -48.86
C ARG A 89 -0.76 -16.12 -48.00
N LEU A 90 -2.05 -16.20 -48.30
CA LEU A 90 -3.00 -15.29 -47.82
C LEU A 90 -4.12 -16.08 -47.12
N PHE A 91 -4.31 -15.79 -45.85
CA PHE A 91 -5.32 -16.45 -45.05
C PHE A 91 -6.36 -15.41 -44.74
N CYS A 92 -7.58 -15.62 -45.25
CA CYS A 92 -8.68 -14.66 -45.19
C CYS A 92 -9.79 -15.27 -44.34
N PRO A 93 -9.88 -14.86 -43.06
CA PRO A 93 -10.93 -15.38 -42.15
C PRO A 93 -12.34 -14.88 -42.43
N GLN A 94 -12.46 -13.65 -42.94
CA GLN A 94 -13.75 -13.01 -43.20
C GLN A 94 -13.62 -12.03 -44.38
N PRO A 95 -14.73 -11.70 -45.05
CA PRO A 95 -14.69 -10.82 -46.23
C PRO A 95 -14.56 -9.30 -45.99
N ASP A 96 -14.53 -8.82 -44.75
CA ASP A 96 -14.49 -7.37 -44.50
C ASP A 96 -13.35 -7.04 -43.53
N SER A 97 -12.18 -7.57 -43.83
CA SER A 97 -11.00 -7.37 -43.02
C SER A 97 -10.70 -5.87 -42.86
N PRO A 98 -10.44 -5.41 -41.63
CA PRO A 98 -10.09 -4.03 -41.42
C PRO A 98 -8.61 -3.72 -41.66
N ALA A 99 -7.79 -4.76 -41.77
CA ALA A 99 -6.36 -4.54 -42.00
C ALA A 99 -5.67 -5.79 -42.51
N THR A 100 -4.47 -5.62 -43.05
CA THR A 100 -3.67 -6.74 -43.52
C THR A 100 -2.37 -6.83 -42.71
N LEU A 101 -2.13 -8.03 -42.19
CA LEU A 101 -1.02 -8.32 -41.27
C LEU A 101 -0.03 -9.25 -41.97
N PHE A 102 1.21 -8.79 -42.18
CA PHE A 102 2.26 -9.63 -42.79
C PHE A 102 3.02 -10.40 -41.72
N TYR A 103 3.06 -11.72 -41.85
CA TYR A 103 3.80 -12.59 -40.96
C TYR A 103 5.15 -13.00 -41.60
N LEU A 104 6.22 -12.84 -40.82
CA LEU A 104 7.58 -13.23 -41.21
C LEU A 104 8.07 -14.33 -40.27
N HIS A 105 8.25 -15.52 -40.80
CA HIS A 105 8.64 -16.64 -39.98
C HIS A 105 10.08 -16.50 -39.49
N GLY A 106 10.33 -17.16 -38.37
CA GLY A 106 11.69 -17.30 -37.85
C GLY A 106 12.43 -18.49 -38.42
N GLY A 107 13.50 -18.89 -37.71
CA GLY A 107 14.39 -19.94 -38.17
C GLY A 107 15.82 -19.47 -38.43
N GLY A 108 16.24 -18.45 -37.68
CA GLY A 108 17.61 -17.96 -37.74
C GLY A 108 18.11 -17.57 -39.11
N PHE A 109 17.19 -17.12 -39.96
CA PHE A 109 17.49 -16.61 -41.32
C PHE A 109 17.81 -17.65 -42.35
N ILE A 110 18.15 -18.86 -41.90
CA ILE A 110 18.59 -19.94 -42.78
C ILE A 110 17.59 -21.11 -42.90
N LEU A 111 16.62 -21.15 -41.99
CA LEU A 111 15.61 -22.17 -41.95
C LEU A 111 14.22 -21.59 -41.95
N GLY A 112 13.23 -22.46 -42.11
CA GLY A 112 11.84 -22.05 -42.07
C GLY A 112 11.26 -21.77 -43.43
N ASN A 113 9.95 -21.67 -43.46
CA ASN A 113 9.14 -21.49 -44.65
C ASN A 113 7.69 -21.28 -44.23
N LEU A 114 6.80 -21.23 -45.22
CA LEU A 114 5.42 -20.97 -44.94
C LEU A 114 4.70 -22.17 -44.27
N ASP A 115 5.20 -23.39 -44.48
CA ASP A 115 4.59 -24.58 -43.86
C ASP A 115 4.94 -24.76 -42.40
N THR A 116 6.15 -24.39 -42.01
CA THR A 116 6.58 -24.55 -40.61
C THR A 116 5.84 -23.59 -39.66
N HIS A 117 5.31 -22.51 -40.21
CA HIS A 117 4.59 -21.54 -39.44
C HIS A 117 3.11 -21.38 -39.87
N ASP A 118 2.59 -22.39 -40.57
CA ASP A 118 1.25 -22.36 -41.14
C ASP A 118 0.20 -22.17 -40.02
N ARG A 119 0.33 -22.94 -38.96
CA ARG A 119 -0.61 -22.91 -37.87
C ARG A 119 -0.57 -21.60 -37.12
N ILE A 120 0.63 -21.08 -36.86
CA ILE A 120 0.74 -19.77 -36.24
C ILE A 120 -0.02 -18.74 -37.07
N MET A 121 0.18 -18.74 -38.38
CA MET A 121 -0.39 -17.69 -39.23
C MET A 121 -1.91 -17.76 -39.28
N ARG A 122 -2.44 -18.98 -39.32
CA ARG A 122 -3.87 -19.21 -39.42
C ARG A 122 -4.59 -18.90 -38.09
N LEU A 123 -3.95 -19.20 -36.97
CA LEU A 123 -4.50 -18.81 -35.66
C LEU A 123 -4.44 -17.29 -35.54
N LEU A 124 -3.42 -16.68 -36.10
CA LEU A 124 -3.31 -15.23 -36.00
C LEU A 124 -4.45 -14.59 -36.75
N ALA A 125 -4.76 -15.15 -37.92
CA ALA A 125 -5.86 -14.66 -38.72
C ALA A 125 -7.19 -14.85 -38.00
N SER A 126 -7.34 -15.98 -37.32
CA SER A 126 -8.58 -16.34 -36.65
C SER A 126 -8.79 -15.47 -35.47
N TYR A 127 -7.71 -15.25 -34.70
CA TYR A 127 -7.80 -14.44 -33.49
C TYR A 127 -7.90 -12.96 -33.83
N SER A 128 -7.35 -12.55 -34.96
CA SER A 128 -7.36 -11.13 -35.31
C SER A 128 -8.54 -10.76 -36.18
N GLN A 129 -9.10 -11.74 -36.88
CA GLN A 129 -10.06 -11.48 -37.96
C GLN A 129 -9.55 -10.50 -39.01
N CYS A 130 -8.23 -10.54 -39.21
CA CYS A 130 -7.61 -9.80 -40.29
C CYS A 130 -6.99 -10.77 -41.26
N THR A 131 -7.00 -10.42 -42.53
CA THR A 131 -6.18 -11.13 -43.52
C THR A 131 -4.75 -11.18 -43.04
N VAL A 132 -4.19 -12.39 -42.96
CA VAL A 132 -2.76 -12.58 -42.74
C VAL A 132 -2.10 -13.02 -44.03
N ILE A 133 -1.03 -12.32 -44.41
CA ILE A 133 -0.25 -12.73 -45.56
C ILE A 133 1.16 -13.11 -45.15
N GLY A 134 1.51 -14.37 -45.36
CA GLY A 134 2.82 -14.86 -45.07
C GLY A 134 3.72 -14.67 -46.27
N ILE A 135 4.98 -14.31 -46.01
CA ILE A 135 5.91 -14.01 -47.06
C ILE A 135 7.09 -14.95 -46.99
N ASP A 136 7.29 -15.62 -48.10
CA ASP A 136 8.30 -16.62 -48.18
C ASP A 136 9.55 -15.95 -48.70
N TYR A 137 10.17 -15.20 -47.80
CA TYR A 137 11.33 -14.40 -48.13
C TYR A 137 12.50 -15.31 -48.42
N THR A 138 13.44 -14.82 -49.19
CA THR A 138 14.58 -15.69 -49.57
C THR A 138 15.51 -15.91 -48.36
N LEU A 139 15.76 -17.19 -48.07
CA LEU A 139 16.57 -17.56 -46.97
C LEU A 139 18.04 -17.32 -47.25
N SER A 140 18.78 -17.18 -46.17
CA SER A 140 20.23 -17.11 -46.21
C SER A 140 20.84 -18.53 -46.11
N PRO A 141 22.10 -18.71 -46.59
CA PRO A 141 23.05 -17.75 -47.18
C PRO A 141 22.86 -17.41 -48.67
N GLU A 142 21.90 -18.03 -49.36
CA GLU A 142 21.63 -17.68 -50.76
C GLU A 142 21.35 -16.19 -50.91
N ALA A 143 20.50 -15.68 -50.06
CA ALA A 143 20.21 -14.28 -49.88
C ALA A 143 21.00 -13.78 -48.66
N ARG A 144 21.38 -12.51 -48.72
CA ARG A 144 22.04 -11.84 -47.65
C ARG A 144 21.30 -10.58 -47.35
N PHE A 145 21.58 -10.02 -46.19
CA PHE A 145 21.04 -8.72 -45.79
C PHE A 145 21.36 -7.67 -46.85
N PRO A 146 20.40 -6.78 -47.21
CA PRO A 146 19.03 -6.59 -46.80
C PRO A 146 18.00 -7.23 -47.78
N GLN A 147 18.37 -8.31 -48.48
CA GLN A 147 17.48 -8.87 -49.50
C GLN A 147 16.08 -9.18 -48.97
N ALA A 148 15.98 -9.93 -47.90
CA ALA A 148 14.65 -10.29 -47.37
C ALA A 148 13.78 -9.13 -46.95
N ILE A 149 14.37 -8.16 -46.31
CA ILE A 149 13.66 -6.95 -45.92
C ILE A 149 13.16 -6.26 -47.16
N GLU A 150 13.99 -6.18 -48.20
CA GLU A 150 13.59 -5.53 -49.44
C GLU A 150 12.47 -6.25 -50.15
N GLU A 151 12.49 -7.60 -50.08
CA GLU A 151 11.41 -8.41 -50.62
C GLU A 151 10.08 -8.17 -49.82
N ILE A 152 10.20 -8.03 -48.51
CA ILE A 152 9.07 -7.82 -47.64
C ILE A 152 8.45 -6.46 -47.94
N VAL A 153 9.29 -5.43 -47.93
CA VAL A 153 8.86 -4.08 -48.20
C VAL A 153 8.22 -4.05 -49.57
N ALA A 154 8.86 -4.68 -50.55
CA ALA A 154 8.32 -4.70 -51.91
C ALA A 154 6.98 -5.37 -51.99
N ALA A 155 6.86 -6.54 -51.37
CA ALA A 155 5.63 -7.28 -51.39
C ALA A 155 4.49 -6.46 -50.73
N CYS A 156 4.82 -5.80 -49.65
CA CYS A 156 3.88 -4.98 -48.94
C CYS A 156 3.40 -3.73 -49.73
N CYS A 157 4.31 -3.11 -50.46
CA CYS A 157 4.01 -1.91 -51.22
C CYS A 157 3.24 -2.30 -52.46
N TYR A 158 3.52 -3.49 -52.95
CA TYR A 158 2.81 -3.99 -54.10
C TYR A 158 1.35 -4.23 -53.74
N PHE A 159 1.09 -4.97 -52.66
CA PHE A 159 -0.28 -5.24 -52.23
C PHE A 159 -1.06 -3.93 -51.92
N HIS A 160 -0.40 -2.91 -51.38
CA HIS A 160 -1.07 -1.63 -51.11
C HIS A 160 -1.51 -0.96 -52.39
N GLN A 161 -0.58 -0.86 -53.33
CA GLN A 161 -0.91 -0.33 -54.64
C GLN A 161 -1.92 -1.20 -55.39
N GLN A 162 -1.94 -2.52 -55.17
CA GLN A 162 -2.93 -3.40 -55.84
C GLN A 162 -4.02 -3.91 -54.91
N ALA A 163 -4.24 -3.22 -53.79
CA ALA A 163 -5.20 -3.69 -52.77
C ALA A 163 -6.52 -4.16 -53.35
N GLU A 164 -7.10 -3.37 -54.24
CA GLU A 164 -8.43 -3.62 -54.81
C GLU A 164 -8.53 -4.89 -55.65
N ASP A 165 -7.45 -5.23 -56.35
CA ASP A 165 -7.39 -6.44 -57.18
C ASP A 165 -7.40 -7.73 -56.36
N TYR A 166 -6.73 -7.71 -55.23
CA TYR A 166 -6.71 -8.85 -54.33
C TYR A 166 -7.80 -8.77 -53.27
N GLN A 167 -8.60 -7.70 -53.26
CA GLN A 167 -9.70 -7.54 -52.32
C GLN A 167 -9.29 -7.61 -50.84
N ILE A 168 -8.27 -6.85 -50.50
CA ILE A 168 -7.77 -6.76 -49.16
C ILE A 168 -7.80 -5.28 -48.81
N ASN A 169 -7.80 -5.01 -47.51
CA ASN A 169 -7.73 -3.67 -46.99
C ASN A 169 -6.27 -3.40 -46.63
N MET A 170 -5.66 -2.46 -47.34
CA MET A 170 -4.28 -2.10 -47.11
C MET A 170 -4.20 -0.68 -46.59
N SER A 171 -5.34 -0.13 -46.18
CA SER A 171 -5.34 1.20 -45.56
C SER A 171 -4.60 1.11 -44.23
N ARG A 172 -4.62 -0.08 -43.64
CA ARG A 172 -3.87 -0.33 -42.43
C ARG A 172 -3.23 -1.68 -42.51
N ILE A 173 -2.01 -1.77 -41.96
CA ILE A 173 -1.24 -2.99 -42.01
C ILE A 173 -0.47 -3.20 -40.71
N GLY A 174 -0.07 -4.45 -40.50
CA GLY A 174 0.82 -4.82 -39.41
C GLY A 174 1.98 -5.60 -39.99
N PHE A 175 3.06 -5.74 -39.21
CA PHE A 175 4.06 -6.78 -39.45
C PHE A 175 4.16 -7.64 -38.22
N ALA A 176 4.40 -8.94 -38.39
CA ALA A 176 4.41 -9.86 -37.24
C ALA A 176 5.45 -10.93 -37.49
N GLY A 177 6.10 -11.40 -36.42
CA GLY A 177 7.06 -12.47 -36.58
C GLY A 177 7.66 -12.98 -35.30
N ASP A 178 8.32 -14.13 -35.42
CA ASP A 178 8.92 -14.80 -34.31
C ASP A 178 10.42 -14.88 -34.57
N ALA A 180 14.09 -14.54 -35.71
CA ALA A 180 14.53 -13.80 -36.89
C ALA A 180 13.37 -13.06 -37.58
N GLY A 181 12.20 -13.67 -37.58
CA GLY A 181 11.04 -13.08 -38.19
C GLY A 181 10.62 -11.76 -37.56
N ALA A 182 10.78 -11.68 -36.23
CA ALA A 182 10.49 -10.47 -35.49
C ALA A 182 11.44 -9.37 -35.87
N MET A 183 12.71 -9.72 -36.02
CA MET A 183 13.68 -8.77 -36.56
C MET A 183 13.21 -8.23 -37.90
N LEU A 184 12.82 -9.13 -38.77
CA LEU A 184 12.36 -8.73 -40.08
C LEU A 184 11.12 -7.87 -40.01
N ALA A 185 10.17 -8.26 -39.15
CA ALA A 185 8.96 -7.47 -38.99
C ALA A 185 9.30 -6.02 -38.64
N LEU A 186 10.13 -5.82 -37.63
CA LEU A 186 10.43 -4.48 -37.18
C LEU A 186 11.34 -3.73 -38.14
N ALA A 187 12.36 -4.41 -38.69
CA ALA A 187 13.20 -3.79 -39.69
C ALA A 187 12.35 -3.28 -40.80
N SER A 188 11.36 -4.07 -41.20
CA SER A 188 10.55 -3.73 -42.33
C SER A 188 9.74 -2.48 -42.06
N ALA A 189 9.11 -2.41 -40.88
CA ALA A 189 8.34 -1.27 -40.48
C ALA A 189 9.23 -0.05 -40.38
N LEU A 190 10.38 -0.18 -39.72
CA LEU A 190 11.30 0.97 -39.64
C LEU A 190 11.80 1.38 -41.03
N TRP A 191 12.05 0.41 -41.91
CA TRP A 191 12.43 0.74 -43.29
C TRP A 191 11.33 1.60 -43.91
N LEU A 192 10.06 1.19 -43.77
CA LEU A 192 8.95 1.95 -44.36
C LEU A 192 8.88 3.36 -43.77
N ARG A 193 8.95 3.45 -42.44
CA ARG A 193 8.97 4.74 -41.75
C ARG A 193 10.05 5.69 -42.25
N ASP A 194 11.30 5.19 -42.30
CA ASP A 194 12.45 6.02 -42.64
C ASP A 194 12.39 6.53 -44.06
N LYS A 195 11.85 5.72 -44.97
CA LYS A 195 11.57 6.21 -46.30
C LYS A 195 10.40 7.20 -46.31
N GLN A 196 9.61 7.25 -45.24
CA GLN A 196 8.44 8.14 -45.16
C GLN A 196 7.40 7.76 -46.23
N ILE A 197 7.54 6.56 -46.78
CA ILE A 197 6.60 6.02 -47.77
C ILE A 197 5.27 5.62 -47.09
N ASP A 198 4.19 5.71 -47.84
CA ASP A 198 2.87 5.27 -47.40
C ASP A 198 2.52 3.98 -48.17
N CYS A 199 2.79 2.81 -47.56
CA CYS A 199 2.36 1.51 -48.11
C CYS A 199 1.23 0.95 -47.25
N GLY A 200 0.52 1.86 -46.56
CA GLY A 200 -0.44 1.55 -45.50
C GLY A 200 0.02 2.13 -44.17
N LYS A 201 -0.92 2.61 -43.35
CA LYS A 201 -0.55 3.03 -42.01
C LYS A 201 -0.18 1.77 -41.23
N VAL A 202 1.03 1.75 -40.69
CA VAL A 202 1.48 0.67 -39.86
C VAL A 202 0.82 0.84 -38.49
N ALA A 203 -0.19 0.02 -38.24
CA ALA A 203 -1.00 0.14 -37.05
C ALA A 203 -0.37 -0.57 -35.87
N GLY A 204 0.50 -1.53 -36.14
CA GLY A 204 1.06 -2.38 -35.10
C GLY A 204 2.16 -3.31 -35.62
N VAL A 205 3.11 -3.63 -34.76
CA VAL A 205 4.10 -4.62 -35.04
C VAL A 205 4.08 -5.64 -33.89
N LEU A 206 3.90 -6.91 -34.23
CA LEU A 206 3.77 -8.01 -33.28
C LEU A 206 5.06 -8.80 -33.25
N LEU A 207 5.69 -8.91 -32.09
CA LEU A 207 7.08 -9.38 -31.99
C LEU A 207 7.34 -10.47 -30.95
N TRP A 208 7.27 -11.72 -31.36
CA TRP A 208 7.55 -12.83 -30.43
C TRP A 208 9.03 -13.23 -30.37
N TYR A 209 9.62 -13.01 -29.19
CA TYR A 209 10.97 -13.43 -28.84
C TYR A 209 11.99 -13.15 -29.95
N GLY A 210 12.04 -11.88 -30.34
CA GLY A 210 12.91 -11.47 -31.40
C GLY A 210 14.33 -11.25 -30.96
N LEU A 211 15.19 -11.09 -31.95
CA LEU A 211 16.50 -10.52 -31.68
C LEU A 211 16.57 -9.26 -32.52
N TYR A 212 17.26 -8.23 -32.00
CA TYR A 212 17.25 -6.90 -32.60
C TYR A 212 18.65 -6.26 -32.77
N GLY A 213 19.69 -7.04 -32.57
CA GLY A 213 21.05 -6.56 -32.85
C GLY A 213 22.00 -6.41 -31.68
N LEU A 214 21.54 -6.66 -30.45
CA LEU A 214 22.48 -6.88 -29.34
C LEU A 214 23.58 -7.88 -29.78
N ARG A 215 24.82 -7.63 -29.38
CA ARG A 215 25.90 -8.56 -29.67
C ARG A 215 26.19 -9.46 -28.49
N ASP A 216 25.50 -9.23 -27.37
CA ASP A 216 25.84 -9.87 -26.12
C ASP A 216 24.85 -9.33 -25.12
N SER A 217 24.64 -10.04 -24.03
CA SER A 217 23.71 -9.55 -22.98
C SER A 217 23.81 -10.49 -21.82
N VAL A 218 23.19 -10.10 -20.71
CA VAL A 218 23.11 -10.93 -19.56
C VAL A 218 22.45 -12.28 -19.92
N THR A 219 21.26 -12.20 -20.52
CA THR A 219 20.51 -13.41 -20.87
C THR A 219 21.27 -14.25 -21.93
N ARG A 220 21.92 -13.62 -22.89
CA ARG A 220 22.76 -14.40 -23.85
C ARG A 220 23.84 -15.20 -23.16
N ARG A 221 24.47 -14.65 -22.13
CA ARG A 221 25.50 -15.36 -21.40
C ARG A 221 24.98 -16.44 -20.50
N LEU A 222 23.86 -16.15 -19.87
CA LEU A 222 23.34 -16.97 -18.81
C LEU A 222 22.48 -18.13 -19.38
N LEU A 223 21.90 -17.94 -20.56
CA LEU A 223 21.02 -18.94 -21.16
C LEU A 223 21.55 -19.41 -22.51
N GLY A 224 20.86 -20.37 -23.09
CA GLY A 224 21.20 -20.86 -24.45
C GLY A 224 22.14 -22.06 -24.46
N GLY A 225 21.62 -23.17 -24.99
CA GLY A 225 22.35 -24.44 -25.14
C GLY A 225 21.79 -25.34 -26.24
N VAL A 226 22.18 -26.61 -26.22
CA VAL A 226 21.65 -27.61 -27.15
C VAL A 226 20.11 -27.66 -27.14
N TRP A 227 19.53 -27.52 -25.94
CA TRP A 227 18.07 -27.54 -25.74
C TRP A 227 17.28 -26.56 -26.63
N ASP A 228 17.88 -25.42 -26.99
CA ASP A 228 17.24 -24.46 -27.94
C ASP A 228 18.04 -24.19 -29.24
N GLY A 229 19.31 -24.61 -29.30
CA GLY A 229 20.19 -24.26 -30.42
C GLY A 229 20.49 -22.76 -30.50
N LEU A 230 20.57 -22.11 -29.33
CA LEU A 230 20.84 -20.66 -29.26
C LEU A 230 22.05 -20.37 -28.37
N THR A 231 23.09 -21.18 -28.52
CA THR A 231 24.38 -20.84 -27.96
C THR A 231 24.86 -19.59 -28.69
N GLN A 232 25.85 -18.89 -28.15
CA GLN A 232 26.36 -17.71 -28.83
C GLN A 232 27.16 -18.11 -30.09
N GLN A 233 27.66 -19.35 -30.12
CA GLN A 233 28.26 -19.92 -31.32
C GLN A 233 27.21 -20.09 -32.43
N ASP A 234 26.04 -20.65 -32.08
CA ASP A 234 24.94 -20.76 -33.03
C ASP A 234 24.56 -19.39 -33.59
N LEU A 235 24.44 -18.40 -32.71
CA LEU A 235 24.02 -17.08 -33.12
C LEU A 235 25.03 -16.44 -34.05
N GLN A 236 26.31 -16.68 -33.81
CA GLN A 236 27.32 -16.13 -34.65
C GLN A 236 27.21 -16.74 -36.04
N MET A 237 26.96 -18.05 -36.09
CA MET A 237 26.83 -18.79 -37.34
C MET A 237 25.65 -18.30 -38.23
N TYR A 238 24.50 -18.02 -37.62
CA TYR A 238 23.35 -17.55 -38.38
C TYR A 238 23.59 -16.14 -38.91
N GLU A 239 24.19 -15.29 -38.08
CA GLU A 239 24.58 -13.96 -38.51
C GLU A 239 25.60 -14.00 -39.67
N GLU A 240 26.51 -14.96 -39.66
CA GLU A 240 27.53 -15.01 -40.71
C GLU A 240 26.91 -15.45 -42.05
N ALA A 241 25.85 -16.25 -41.97
CA ALA A 241 25.08 -16.67 -43.12
C ALA A 241 24.22 -15.50 -43.67
N TYR A 242 23.76 -14.63 -42.79
CA TYR A 242 22.80 -13.60 -43.13
C TYR A 242 23.45 -12.33 -43.68
N LEU A 243 24.56 -11.93 -43.09
CA LEU A 243 25.16 -10.66 -43.46
C LEU A 243 26.08 -10.84 -44.63
N SER A 244 26.24 -9.76 -45.36
CA SER A 244 27.10 -9.73 -46.54
C SER A 244 28.45 -9.09 -46.29
N ASN A 245 28.47 -8.13 -45.39
CA ASN A 245 29.65 -7.36 -45.04
C ASN A 245 29.60 -7.13 -43.51
N ASP A 246 30.76 -7.18 -42.87
CA ASP A 246 30.91 -6.99 -41.43
C ASP A 246 30.31 -5.70 -40.97
N ALA A 247 30.47 -4.63 -41.75
CA ALA A 247 29.80 -3.37 -41.43
C ALA A 247 28.26 -3.47 -41.33
N ASP A 248 27.64 -4.45 -41.97
CA ASP A 248 26.19 -4.61 -41.84
C ASP A 248 25.76 -4.85 -40.40
N ARG A 249 26.70 -5.30 -39.56
CA ARG A 249 26.46 -5.43 -38.11
C ARG A 249 25.95 -4.18 -37.45
N GLU A 250 26.29 -3.01 -37.99
CA GLU A 250 25.91 -1.73 -37.43
C GLU A 250 24.74 -1.07 -38.15
N SER A 251 24.23 -1.70 -39.21
CA SER A 251 23.15 -1.13 -39.97
C SER A 251 21.94 -0.90 -39.04
N PRO A 252 21.24 0.23 -39.22
CA PRO A 252 20.00 0.46 -38.50
C PRO A 252 18.85 -0.45 -38.93
N TYR A 253 19.07 -1.33 -39.93
CA TYR A 253 18.07 -2.33 -40.28
C TYR A 253 18.51 -3.72 -39.92
N TYR A 254 19.63 -3.82 -39.18
CA TYR A 254 20.07 -5.07 -38.55
C TYR A 254 20.18 -4.88 -37.02
N CYS A 255 21.08 -3.99 -36.60
CA CYS A 255 21.09 -3.49 -35.22
C CYS A 255 20.09 -2.36 -35.16
N LEU A 256 18.86 -2.71 -34.83
CA LEU A 256 17.74 -1.78 -34.87
C LEU A 256 17.91 -0.71 -33.82
N PHE A 257 18.70 -1.03 -32.80
CA PHE A 257 19.02 -0.07 -31.75
C PHE A 257 19.94 1.02 -32.26
N ASN A 258 20.56 0.83 -33.46
CA ASN A 258 21.25 1.93 -34.16
C ASN A 258 20.32 2.83 -34.99
N ASN A 259 19.05 2.49 -35.07
CA ASN A 259 18.09 3.33 -35.74
C ASN A 259 17.49 4.28 -34.73
N ASP A 260 16.72 5.25 -35.21
CA ASP A 260 16.03 6.17 -34.34
C ASP A 260 14.79 5.50 -33.81
N LEU A 261 14.79 5.21 -32.51
CA LEU A 261 13.68 4.57 -31.84
C LEU A 261 12.92 5.52 -30.91
N THR A 262 13.05 6.82 -31.13
CA THR A 262 12.47 7.83 -30.25
C THR A 262 11.26 8.55 -30.83
N ARG A 263 11.00 8.32 -32.12
CA ARG A 263 10.00 9.09 -32.82
C ARG A 263 9.34 8.23 -33.90
N GLU A 264 8.02 8.13 -33.85
CA GLU A 264 7.20 7.59 -34.95
C GLU A 264 7.39 6.11 -35.19
N VAL A 265 7.59 5.38 -34.11
CA VAL A 265 7.63 3.94 -34.16
C VAL A 265 6.19 3.45 -34.09
N PRO A 266 5.80 2.53 -34.96
CA PRO A 266 4.48 1.96 -34.81
C PRO A 266 4.32 1.30 -33.46
N PRO A 267 3.09 1.12 -33.00
CA PRO A 267 2.90 0.42 -31.74
C PRO A 267 3.47 -1.00 -31.81
N CYS A 268 4.27 -1.36 -30.83
CA CYS A 268 4.96 -2.64 -30.80
C CYS A 268 4.47 -3.50 -29.66
N PHE A 269 4.06 -4.72 -29.98
CA PHE A 269 3.77 -5.75 -29.00
C PHE A 269 5.01 -6.62 -28.88
N ILE A 270 5.60 -6.69 -27.69
CA ILE A 270 6.88 -7.36 -27.53
C ILE A 270 6.73 -8.47 -26.51
N ALA A 271 6.79 -9.70 -26.98
CA ALA A 271 6.67 -10.87 -26.12
C ALA A 271 8.02 -11.53 -25.85
N GLY A 272 8.37 -11.64 -24.58
CA GLY A 272 9.59 -12.33 -24.19
C GLY A 272 9.33 -13.71 -23.70
N ALA A 273 10.31 -14.59 -23.86
CA ALA A 273 10.27 -15.92 -23.27
C ALA A 273 11.27 -16.02 -22.10
N GLU A 274 10.81 -16.51 -20.97
CA GLU A 274 11.55 -16.43 -19.72
C GLU A 274 12.95 -17.01 -19.80
N PHE A 275 13.10 -18.21 -20.35
CA PHE A 275 14.41 -18.89 -20.32
C PHE A 275 15.09 -18.88 -21.69
N ASP A 276 15.02 -17.72 -22.35
CA ASP A 276 15.50 -17.50 -23.70
C ASP A 276 16.70 -16.56 -23.71
N PRO A 277 17.81 -16.96 -24.38
CA PRO A 277 18.96 -16.05 -24.35
C PRO A 277 18.68 -14.71 -25.00
N LEU A 278 17.68 -14.67 -25.87
CA LEU A 278 17.31 -13.46 -26.58
C LEU A 278 16.39 -12.55 -25.79
N LEU A 279 15.94 -12.99 -24.62
CA LEU A 279 15.03 -12.18 -23.83
C LEU A 279 15.48 -10.71 -23.68
N ASP A 280 16.75 -10.48 -23.40
CA ASP A 280 17.21 -9.13 -23.18
C ASP A 280 17.03 -8.23 -24.40
N ASP A 281 17.14 -8.80 -25.61
CA ASP A 281 16.82 -8.03 -26.81
C ASP A 281 15.43 -7.43 -26.73
N SER A 282 14.46 -8.21 -26.30
CA SER A 282 13.10 -7.71 -26.12
C SER A 282 13.02 -6.68 -25.01
N ARG A 283 13.74 -6.93 -23.93
CA ARG A 283 13.75 -6.00 -22.81
C ARG A 283 14.27 -4.63 -23.20
N LEU A 284 15.42 -4.61 -23.86
CA LEU A 284 16.00 -3.37 -24.33
C LEU A 284 15.07 -2.65 -25.27
N LEU A 285 14.53 -3.33 -26.28
CA LEU A 285 13.56 -2.69 -27.17
C LEU A 285 12.41 -2.06 -26.41
N TYR A 286 11.79 -2.79 -25.49
CA TYR A 286 10.71 -2.21 -24.65
C TYR A 286 11.20 -0.98 -23.86
N GLN A 287 12.33 -1.12 -23.18
CA GLN A 287 12.77 -0.05 -22.30
C GLN A 287 13.06 1.20 -23.12
N THR A 288 13.61 1.01 -24.31
CA THR A 288 13.95 2.13 -25.19
C THR A 288 12.72 2.88 -25.68
N LEU A 289 11.79 2.13 -26.24
CA LEU A 289 10.52 2.67 -26.69
C LEU A 289 9.75 3.33 -25.55
N ALA A 290 9.66 2.66 -24.41
CA ALA A 290 8.94 3.24 -23.27
C ALA A 290 9.60 4.52 -22.74
N ALA A 291 10.93 4.58 -22.74
CA ALA A 291 11.61 5.80 -22.29
C ALA A 291 11.36 6.99 -23.21
N HIS A 292 10.92 6.74 -24.43
CA HIS A 292 10.68 7.82 -25.38
C HIS A 292 9.22 7.93 -25.71
N GLN A 293 8.39 7.34 -24.86
CA GLN A 293 6.93 7.44 -24.95
C GLN A 293 6.36 6.92 -26.29
N GLN A 294 6.99 5.86 -26.79
CA GLN A 294 6.55 5.19 -27.99
C GLN A 294 5.59 4.08 -27.63
N PRO A 295 4.49 3.99 -28.38
CA PRO A 295 3.43 3.08 -27.99
C PRO A 295 3.95 1.66 -27.99
N CYS A 296 3.81 0.94 -26.88
CA CYS A 296 4.30 -0.41 -26.83
C CYS A 296 3.78 -1.16 -25.65
N GLU A 297 3.90 -2.47 -25.69
CA GLU A 297 3.49 -3.31 -24.59
C GLU A 297 4.47 -4.45 -24.50
N PHE A 298 4.90 -4.77 -23.28
CA PHE A 298 5.76 -5.89 -23.04
C PHE A 298 5.07 -6.93 -22.20
N LYS A 299 5.26 -8.20 -22.56
CA LYS A 299 4.81 -9.31 -21.74
C LYS A 299 5.80 -10.46 -21.73
N LEU A 300 6.09 -10.94 -20.53
CA LEU A 300 7.00 -12.05 -20.33
C LEU A 300 6.16 -13.30 -20.13
N TYR A 301 6.43 -14.34 -20.90
CA TYR A 301 5.63 -15.57 -20.80
C TYR A 301 6.42 -16.54 -19.92
N PRO A 302 5.94 -16.78 -18.69
CA PRO A 302 6.78 -17.48 -17.75
C PRO A 302 6.93 -18.97 -18.09
N GLY A 303 8.07 -19.56 -17.70
CA GLY A 303 8.30 -21.00 -17.83
C GLY A 303 8.59 -21.49 -19.23
N THR A 304 8.83 -20.56 -20.15
CA THR A 304 8.95 -20.90 -21.56
C THR A 304 10.37 -20.89 -22.06
N LEU A 305 10.67 -21.80 -22.99
CA LEU A 305 11.85 -21.71 -23.85
C LEU A 305 11.60 -20.83 -25.09
N HIS A 306 12.69 -20.41 -25.73
CA HIS A 306 12.61 -19.85 -27.07
C HIS A 306 11.79 -20.79 -27.97
N ALA A 307 11.04 -20.22 -28.90
CA ALA A 307 10.31 -20.99 -29.95
C ALA A 307 8.94 -21.51 -29.52
N PHE A 308 8.50 -21.12 -28.33
CA PHE A 308 7.29 -21.72 -27.72
C PHE A 308 5.99 -21.53 -28.54
N LEU A 309 5.95 -20.49 -29.38
CA LEU A 309 4.76 -20.14 -30.14
C LEU A 309 4.19 -21.29 -31.03
N HIS A 310 5.05 -22.24 -31.40
CA HIS A 310 4.62 -23.38 -32.22
C HIS A 310 3.83 -24.45 -31.47
N TYR A 311 3.77 -24.35 -30.14
CA TYR A 311 3.28 -25.48 -29.32
C TYR A 311 1.89 -25.24 -28.76
N SER A 312 1.07 -24.51 -29.53
CA SER A 312 -0.24 -24.05 -29.05
C SER A 312 -1.26 -25.17 -28.83
N ARG A 313 -1.08 -26.31 -29.49
CA ARG A 313 -1.97 -27.46 -29.25
C ARG A 313 -1.56 -28.29 -28.03
N MET A 314 -0.43 -27.94 -27.40
CA MET A 314 -0.01 -28.56 -26.14
C MET A 314 0.27 -27.55 -25.00
N MET A 315 0.47 -26.27 -25.33
CA MET A 315 0.74 -25.23 -24.33
C MET A 315 -0.24 -24.09 -24.46
N LYS A 316 -1.02 -23.88 -23.41
CA LYS A 316 -1.90 -22.74 -23.33
C LYS A 316 -1.14 -21.42 -23.28
N THR A 317 0.08 -21.43 -22.73
CA THR A 317 0.95 -20.27 -22.78
C THR A 317 1.22 -19.88 -24.24
N ALA A 318 1.45 -20.85 -25.12
CA ALA A 318 1.67 -20.53 -26.54
C ALA A 318 0.44 -19.89 -27.15
N ASP A 319 -0.71 -20.52 -26.90
CA ASP A 319 -1.98 -20.01 -27.42
C ASP A 319 -2.23 -18.59 -26.89
N GLU A 320 -1.98 -18.39 -25.61
CA GLU A 320 -2.13 -17.07 -24.99
C GLU A 320 -1.31 -16.00 -25.70
N ALA A 321 -0.01 -16.28 -25.86
CA ALA A 321 0.88 -15.35 -26.59
C ALA A 321 0.36 -14.98 -27.99
N LEU A 322 -0.20 -15.94 -28.70
CA LEU A 322 -0.92 -15.61 -29.95
C LEU A 322 -2.13 -14.69 -29.78
N ARG A 323 -3.00 -15.03 -28.84
CA ARG A 323 -4.19 -14.21 -28.55
C ARG A 323 -3.82 -12.79 -28.18
N ASP A 324 -2.78 -12.65 -27.35
CA ASP A 324 -2.40 -11.33 -26.89
C ASP A 324 -1.95 -10.41 -28.00
N GLY A 325 -1.08 -10.91 -28.90
CA GLY A 325 -0.57 -10.08 -29.99
C GLY A 325 -1.70 -9.78 -30.95
N ALA A 326 -2.48 -10.80 -31.27
CA ALA A 326 -3.72 -10.60 -32.02
C ALA A 326 -4.60 -9.47 -31.47
N GLN A 327 -4.79 -9.47 -30.15
CA GLN A 327 -5.69 -8.52 -29.52
C GLN A 327 -5.06 -7.11 -29.51
N PHE A 328 -3.75 -7.07 -29.26
CA PHE A 328 -2.99 -5.85 -29.33
C PHE A 328 -3.15 -5.23 -30.72
N PHE A 329 -3.07 -6.04 -31.77
CA PHE A 329 -3.17 -5.51 -33.12
C PHE A 329 -4.57 -4.92 -33.34
N THR A 330 -5.59 -5.70 -33.08
CA THR A 330 -6.94 -5.19 -33.28
C THR A 330 -7.25 -3.96 -32.46
N ALA A 331 -6.65 -3.81 -31.28
CA ALA A 331 -6.90 -2.63 -30.47
C ALA A 331 -6.37 -1.31 -31.08
N GLN A 332 -5.45 -1.41 -32.02
CA GLN A 332 -4.89 -0.22 -32.67
C GLN A 332 -5.73 0.25 -33.83
N LEU A 333 -6.71 -0.56 -34.25
CA LEU A 333 -7.43 -0.31 -35.49
C LEU A 333 -8.56 0.70 -35.29
N LYS B 16 23.87 5.42 -31.10
CA LYS B 16 22.75 6.35 -31.41
C LYS B 16 22.34 7.12 -30.15
N PRO B 17 23.11 8.20 -29.82
CA PRO B 17 22.90 9.01 -28.62
C PRO B 17 21.42 9.27 -28.27
N GLU B 18 20.60 9.52 -29.29
CA GLU B 18 19.18 9.81 -29.08
C GLU B 18 18.45 8.73 -28.28
N ASN B 19 18.78 7.45 -28.53
CA ASN B 19 18.04 6.34 -27.89
C ASN B 19 18.31 6.16 -26.40
N LYS B 20 19.26 6.91 -25.85
CA LYS B 20 19.64 6.78 -24.44
C LYS B 20 18.57 7.29 -23.47
N LEU B 21 18.56 6.70 -22.28
CA LEU B 21 17.79 7.23 -21.16
C LEU B 21 18.32 8.65 -20.84
N PRO B 22 17.45 9.63 -20.60
CA PRO B 22 17.90 10.97 -20.15
C PRO B 22 18.46 10.97 -18.70
N VAL B 23 19.76 10.73 -18.58
CA VAL B 23 20.37 10.34 -17.29
C VAL B 23 20.38 11.48 -16.29
N LEU B 24 21.01 12.60 -16.68
CA LEU B 24 21.20 13.79 -15.82
C LEU B 24 19.92 14.27 -15.13
N ASP B 25 18.76 13.87 -15.65
CA ASP B 25 17.48 14.20 -15.02
C ASP B 25 17.07 13.21 -13.94
N LEU B 26 17.54 11.97 -14.05
CA LEU B 26 17.05 10.86 -13.21
C LEU B 26 17.94 10.55 -12.01
N ILE B 27 19.18 11.04 -12.02
CA ILE B 27 20.11 10.81 -10.91
C ILE B 27 19.63 11.50 -9.65
N SER B 28 20.05 10.99 -8.49
CA SER B 28 19.70 11.58 -7.19
C SER B 28 20.18 13.02 -7.02
N ALA B 29 19.63 13.70 -6.02
CA ALA B 29 20.02 15.07 -5.67
C ALA B 29 21.50 15.17 -5.33
N GLU B 30 22.02 14.21 -4.57
CA GLU B 30 23.42 14.26 -4.15
C GLU B 30 24.32 14.03 -5.36
N MET B 31 23.91 13.14 -6.28
CA MET B 31 24.66 12.94 -7.51
C MET B 31 24.63 14.22 -8.36
N LYS B 32 23.51 14.93 -8.39
CA LYS B 32 23.43 16.22 -9.12
C LYS B 32 24.34 17.29 -8.52
N THR B 33 24.48 17.31 -7.21
CA THR B 33 25.37 18.28 -6.60
C THR B 33 26.80 18.10 -7.10
N VAL B 34 27.24 16.85 -7.20
CA VAL B 34 28.57 16.53 -7.73
C VAL B 34 28.68 16.94 -9.17
N VAL B 35 27.69 16.58 -9.98
CA VAL B 35 27.65 16.96 -11.39
C VAL B 35 27.77 18.47 -11.58
N ASN B 36 27.07 19.23 -10.74
CA ASN B 36 27.08 20.70 -10.84
C ASN B 36 28.32 21.37 -10.22
N THR B 37 29.26 20.57 -9.70
CA THR B 37 30.46 21.12 -9.09
C THR B 37 31.46 21.55 -10.15
N LEU B 38 31.79 22.84 -10.12
CA LEU B 38 32.72 23.43 -11.07
C LEU B 38 34.09 23.55 -10.42
N GLN B 39 35.13 23.36 -11.23
CA GLN B 39 36.50 23.67 -10.81
C GLN B 39 37.07 24.69 -11.81
N PRO B 40 36.90 25.99 -11.51
CA PRO B 40 37.31 27.09 -12.40
C PRO B 40 38.77 26.99 -12.89
N ASP B 41 39.67 26.63 -11.98
CA ASP B 41 41.11 26.58 -12.26
C ASP B 41 41.56 25.43 -13.17
N LEU B 42 40.61 24.66 -13.71
CA LEU B 42 40.93 23.56 -14.63
C LEU B 42 40.83 23.98 -16.09
N PRO B 43 41.74 23.46 -16.96
CA PRO B 43 41.52 23.54 -18.42
C PRO B 43 40.28 22.74 -18.87
N PRO B 44 40.06 22.60 -20.19
CA PRO B 44 38.97 21.75 -20.69
C PRO B 44 39.47 20.34 -21.00
N TRP B 45 38.56 19.37 -21.12
CA TRP B 45 38.95 17.98 -21.42
C TRP B 45 39.65 17.88 -22.80
N PRO B 46 40.97 17.61 -22.81
CA PRO B 46 41.82 17.73 -24.02
C PRO B 46 41.27 17.18 -25.35
N ALA B 47 41.12 18.09 -26.33
CA ALA B 47 40.70 17.75 -27.71
C ALA B 47 41.87 17.17 -28.51
N THR B 48 42.95 17.94 -28.66
CA THR B 48 44.24 17.38 -29.10
C THR B 48 44.73 16.46 -27.98
N GLY B 49 44.00 15.37 -27.77
CA GLY B 49 44.21 14.54 -26.61
C GLY B 49 45.44 13.68 -26.73
N THR B 50 46.61 14.22 -26.39
CA THR B 50 47.74 13.39 -26.00
C THR B 50 47.31 12.62 -24.72
N ILE B 51 47.59 11.31 -24.69
CA ILE B 51 47.28 10.50 -23.51
C ILE B 51 47.97 11.07 -22.28
N ALA B 52 49.18 11.58 -22.43
CA ALA B 52 49.85 12.28 -21.32
C ALA B 52 49.02 13.45 -20.76
N GLU B 53 48.28 14.14 -21.63
CA GLU B 53 47.54 15.35 -21.25
C GLU B 53 46.26 14.94 -20.55
N GLN B 54 45.62 13.90 -21.09
CA GLN B 54 44.48 13.26 -20.49
C GLN B 54 44.81 12.72 -19.10
N ARG B 55 46.00 12.12 -18.98
CA ARG B 55 46.43 11.62 -17.69
C ARG B 55 46.55 12.78 -16.73
N GLN B 56 47.26 13.81 -17.18
CA GLN B 56 47.47 15.03 -16.41
C GLN B 56 46.15 15.65 -15.96
N TYR B 57 45.20 15.70 -16.88
CA TYR B 57 43.93 16.29 -16.60
C TYR B 57 43.17 15.49 -15.53
N TYR B 58 43.05 14.16 -15.73
CA TYR B 58 42.44 13.26 -14.75
C TYR B 58 43.12 13.42 -13.39
N THR B 59 44.44 13.37 -13.35
CA THR B 59 45.16 13.57 -12.09
C THR B 59 44.79 14.90 -11.37
N LEU B 60 44.83 16.02 -12.11
CA LEU B 60 44.53 17.33 -11.51
C LEU B 60 43.06 17.43 -11.10
N GLU B 61 42.17 16.93 -11.96
CA GLU B 61 40.76 16.99 -11.65
C GLU B 61 40.41 16.15 -10.45
N ARG B 62 41.04 15.00 -10.26
CA ARG B 62 40.72 14.15 -9.11
C ARG B 62 41.16 14.73 -7.77
N ARG B 63 42.17 15.59 -7.81
CA ARG B 63 42.77 16.13 -6.61
C ARG B 63 41.75 16.69 -5.64
N PHE B 64 40.79 17.43 -6.16
CA PHE B 64 39.78 18.08 -5.33
C PHE B 64 38.94 17.05 -4.60
N TRP B 65 38.61 15.97 -5.30
CA TRP B 65 37.83 14.90 -4.70
C TRP B 65 38.60 14.00 -3.72
N ASN B 66 39.91 14.14 -3.65
CA ASN B 66 40.71 13.29 -2.79
C ASN B 66 41.08 13.99 -1.50
N ALA B 67 40.79 15.28 -1.43
CA ALA B 67 41.16 16.10 -0.28
C ALA B 67 40.43 15.68 1.00
N GLY B 68 41.07 15.92 2.14
CA GLY B 68 40.50 15.59 3.44
C GLY B 68 40.43 14.11 3.77
N ALA B 69 41.34 13.33 3.20
CA ALA B 69 41.33 11.88 3.40
C ALA B 69 41.84 11.52 4.77
N PRO B 70 41.52 10.31 5.26
CA PRO B 70 41.99 9.93 6.60
C PRO B 70 43.50 9.94 6.74
N GLU B 71 43.99 10.63 7.76
CA GLU B 71 45.38 10.49 8.20
C GLU B 71 45.61 9.07 8.69
N MET B 72 46.70 8.47 8.20
CA MET B 72 47.30 7.30 8.81
C MET B 72 48.71 7.07 8.28
N ALA B 73 49.39 6.14 8.94
CA ALA B 73 50.70 5.73 8.60
C ALA B 73 50.67 5.13 7.19
N THR B 74 51.52 5.66 6.33
CA THR B 74 51.64 5.18 4.96
C THR B 74 53.09 4.97 4.63
N ARG B 75 53.35 4.06 3.72
CA ARG B 75 54.67 3.74 3.28
C ARG B 75 54.62 3.42 1.80
N ALA B 76 55.74 3.59 1.14
CA ALA B 76 55.87 3.20 -0.24
C ALA B 76 57.03 2.23 -0.39
N TYR B 77 56.81 1.17 -1.17
CA TYR B 77 57.79 0.13 -1.47
C TYR B 77 57.71 -0.26 -2.93
N MET B 78 58.89 -0.51 -3.49
CA MET B 78 59.06 -1.04 -4.83
C MET B 78 59.05 -2.56 -4.73
N VAL B 79 58.21 -3.20 -5.52
CA VAL B 79 58.10 -4.63 -5.54
C VAL B 79 58.64 -5.14 -6.93
N PRO B 80 59.41 -6.24 -6.94
CA PRO B 80 59.92 -6.73 -8.24
C PRO B 80 58.91 -7.52 -9.05
N THR B 81 58.81 -7.31 -10.36
CA THR B 81 58.02 -8.17 -11.23
C THR B 81 58.82 -8.57 -12.48
N LYS B 82 58.29 -9.52 -13.24
CA LYS B 82 58.84 -9.89 -14.58
C LYS B 82 59.03 -8.69 -15.52
N TYR B 83 58.27 -7.61 -15.29
CA TYR B 83 58.31 -6.42 -16.15
C TYR B 83 59.08 -5.29 -15.53
N GLY B 84 59.60 -5.47 -14.32
CA GLY B 84 60.32 -4.41 -13.61
C GLY B 84 59.67 -4.06 -12.30
N GLN B 85 60.23 -3.06 -11.64
CA GLN B 85 59.70 -2.64 -10.36
C GLN B 85 58.33 -1.93 -10.50
N VAL B 86 57.43 -2.21 -9.56
CA VAL B 86 56.09 -1.60 -9.49
C VAL B 86 55.99 -0.89 -8.16
N GLU B 87 55.64 0.37 -8.17
CA GLU B 87 55.41 1.10 -6.93
C GLU B 87 54.15 0.55 -6.22
N THR B 88 54.24 0.35 -4.92
CA THR B 88 53.08 0.06 -4.08
C THR B 88 53.03 1.02 -2.93
N ARG B 89 51.85 1.19 -2.38
CA ARG B 89 51.64 2.13 -1.31
C ARG B 89 50.76 1.50 -0.25
N LEU B 90 51.25 1.54 0.97
CA LEU B 90 50.74 0.74 2.03
C LEU B 90 50.12 1.67 3.08
N PHE B 91 48.86 1.44 3.38
CA PHE B 91 48.13 2.26 4.32
C PHE B 91 47.86 1.41 5.52
N CYS B 92 48.40 1.80 6.67
CA CYS B 92 48.32 1.00 7.90
C CYS B 92 47.45 1.68 9.01
N PRO B 93 46.18 1.29 9.12
CA PRO B 93 45.29 1.97 10.09
C PRO B 93 45.58 1.65 11.55
N GLN B 94 46.10 0.46 11.83
CA GLN B 94 46.43 0.02 13.17
C GLN B 94 47.50 -1.08 13.10
N PRO B 95 48.16 -1.40 14.22
CA PRO B 95 49.31 -2.29 14.06
C PRO B 95 49.01 -3.79 13.96
N ASP B 96 47.84 -4.24 14.44
CA ASP B 96 47.46 -5.66 14.35
C ASP B 96 46.43 -5.99 13.24
N SER B 97 46.84 -5.93 11.98
CA SER B 97 45.91 -6.19 10.88
C SER B 97 45.58 -7.66 10.76
N PRO B 98 44.30 -8.00 10.59
CA PRO B 98 43.93 -9.41 10.42
C PRO B 98 44.05 -9.91 8.99
N ALA B 99 44.27 -9.00 8.05
CA ALA B 99 44.36 -9.34 6.63
C ALA B 99 44.94 -8.18 5.85
N THR B 100 45.31 -8.43 4.61
CA THR B 100 45.80 -7.40 3.72
C THR B 100 44.92 -7.34 2.48
N LEU B 101 44.50 -6.13 2.12
CA LEU B 101 43.61 -5.90 0.98
C LEU B 101 44.36 -5.12 -0.09
N PHE B 102 44.47 -5.67 -1.30
CA PHE B 102 45.09 -4.94 -2.39
C PHE B 102 44.10 -4.10 -3.17
N TYR B 103 44.43 -2.81 -3.42
CA TYR B 103 43.53 -1.96 -4.17
C TYR B 103 44.10 -1.69 -5.57
N LEU B 104 43.26 -2.00 -6.57
CA LEU B 104 43.51 -1.76 -7.96
C LEU B 104 42.62 -0.64 -8.47
N HIS B 105 43.24 0.50 -8.80
CA HIS B 105 42.50 1.65 -9.26
C HIS B 105 41.92 1.49 -10.68
N GLY B 106 40.77 2.13 -10.85
CA GLY B 106 40.17 2.28 -12.20
C GLY B 106 40.76 3.39 -13.03
N GLY B 107 40.08 3.74 -14.13
CA GLY B 107 40.60 4.64 -15.15
C GLY B 107 40.71 4.11 -16.58
N GLY B 108 39.93 3.09 -16.92
CA GLY B 108 39.86 2.66 -18.33
C GLY B 108 41.16 2.07 -18.86
N PHE B 109 42.03 1.68 -17.94
CA PHE B 109 43.29 1.01 -18.20
C PHE B 109 44.38 1.96 -18.60
N ILE B 110 44.00 3.16 -19.04
CA ILE B 110 44.94 4.18 -19.50
C ILE B 110 45.15 5.38 -18.62
N LEU B 111 44.20 5.66 -17.72
CA LEU B 111 44.32 6.76 -16.80
C LEU B 111 44.41 6.23 -15.36
N GLY B 112 44.68 7.16 -14.44
CA GLY B 112 44.69 6.86 -13.01
C GLY B 112 46.03 6.42 -12.46
N ASN B 113 46.14 6.50 -11.16
CA ASN B 113 47.38 6.24 -10.44
C ASN B 113 47.05 6.19 -8.96
N LEU B 114 48.05 6.16 -8.11
CA LEU B 114 47.83 6.00 -6.69
C LEU B 114 47.33 7.26 -6.00
N ASP B 115 47.64 8.44 -6.55
CA ASP B 115 47.09 9.69 -6.01
C ASP B 115 45.61 9.85 -6.30
N THR B 116 45.17 9.48 -7.51
CA THR B 116 43.77 9.68 -7.89
C THR B 116 42.77 8.93 -7.03
N HIS B 117 43.23 7.85 -6.41
CA HIS B 117 42.43 6.98 -5.60
C HIS B 117 42.92 6.92 -4.16
N ASP B 118 43.67 7.92 -3.73
CA ASP B 118 44.21 7.99 -2.36
C ASP B 118 43.11 7.97 -1.31
N ARG B 119 42.09 8.80 -1.45
CA ARG B 119 41.02 8.87 -0.46
C ARG B 119 40.16 7.57 -0.39
N ILE B 120 39.87 6.97 -1.53
CA ILE B 120 39.18 5.70 -1.54
C ILE B 120 39.97 4.70 -0.73
N MET B 121 41.26 4.61 -0.97
CA MET B 121 42.07 3.57 -0.35
C MET B 121 42.22 3.77 1.14
N ARG B 122 42.49 5.00 1.54
CA ARG B 122 42.59 5.35 2.93
C ARG B 122 41.23 5.14 3.64
N LEU B 123 40.13 5.51 3.00
CA LEU B 123 38.82 5.26 3.62
C LEU B 123 38.64 3.75 3.80
N LEU B 124 39.16 2.98 2.87
CA LEU B 124 38.94 1.55 2.92
C LEU B 124 39.77 0.91 4.04
N ALA B 125 40.93 1.49 4.31
CA ALA B 125 41.73 1.02 5.44
C ALA B 125 41.09 1.45 6.76
N SER B 126 40.59 2.68 6.79
CA SER B 126 39.97 3.19 7.99
C SER B 126 38.81 2.30 8.36
N TYR B 127 37.89 2.08 7.43
CA TYR B 127 36.68 1.28 7.70
C TYR B 127 36.97 -0.21 7.91
N SER B 128 37.99 -0.77 7.25
CA SER B 128 38.24 -2.22 7.36
C SER B 128 39.14 -2.50 8.55
N GLN B 129 39.92 -1.52 8.94
CA GLN B 129 40.99 -1.70 9.91
C GLN B 129 42.00 -2.73 9.46
N CYS B 130 42.15 -2.87 8.15
CA CYS B 130 43.12 -3.77 7.60
C CYS B 130 44.13 -2.96 6.84
N THR B 131 45.34 -3.50 6.70
CA THR B 131 46.31 -2.88 5.80
C THR B 131 45.72 -2.86 4.40
N VAL B 132 45.69 -1.69 3.76
CA VAL B 132 45.39 -1.61 2.33
C VAL B 132 46.69 -1.34 1.58
N ILE B 133 46.91 -2.03 0.47
CA ILE B 133 48.12 -1.84 -0.37
C ILE B 133 47.71 -1.52 -1.81
N GLY B 134 47.92 -0.28 -2.25
CA GLY B 134 47.62 0.11 -3.60
C GLY B 134 48.78 -0.28 -4.50
N ILE B 135 48.47 -0.72 -5.72
CA ILE B 135 49.47 -1.15 -6.69
C ILE B 135 49.40 -0.24 -7.92
N ASP B 136 50.52 0.40 -8.21
CA ASP B 136 50.58 1.27 -9.33
C ASP B 136 50.99 0.46 -10.55
N TYR B 137 50.03 -0.35 -11.04
CA TYR B 137 50.27 -1.20 -12.20
C TYR B 137 50.55 -0.38 -13.46
N THR B 138 51.27 -0.97 -14.40
CA THR B 138 51.62 -0.25 -15.60
C THR B 138 50.35 -0.03 -16.44
N LEU B 139 50.14 1.24 -16.79
CA LEU B 139 49.01 1.67 -17.56
C LEU B 139 49.15 1.26 -19.04
N SER B 140 48.00 1.15 -19.68
CA SER B 140 47.93 0.98 -21.11
C SER B 140 47.92 2.36 -21.77
N PRO B 141 48.41 2.44 -23.03
CA PRO B 141 48.82 1.38 -23.94
C PRO B 141 50.28 0.99 -23.85
N GLU B 142 51.06 1.61 -22.96
CA GLU B 142 52.45 1.18 -22.82
C GLU B 142 52.50 -0.28 -22.41
N ALA B 143 51.66 -0.68 -21.47
CA ALA B 143 51.45 -2.08 -21.16
C ALA B 143 50.12 -2.57 -21.76
N ARG B 144 50.03 -3.90 -21.91
CA ARG B 144 48.94 -4.55 -22.60
C ARG B 144 48.64 -5.75 -21.76
N PHE B 145 47.43 -6.25 -21.90
CA PHE B 145 46.99 -7.44 -21.21
C PHE B 145 47.98 -8.54 -21.53
N PRO B 146 48.40 -9.35 -20.55
CA PRO B 146 48.04 -9.43 -19.12
C PRO B 146 49.10 -8.80 -18.19
N GLN B 147 49.93 -7.90 -18.71
CA GLN B 147 50.99 -7.33 -17.90
C GLN B 147 50.48 -6.89 -16.53
N ALA B 148 49.46 -6.04 -16.49
CA ALA B 148 48.96 -5.51 -15.18
C ALA B 148 48.59 -6.59 -14.21
N ILE B 149 47.88 -7.60 -14.69
CA ILE B 149 47.47 -8.72 -13.84
C ILE B 149 48.70 -9.43 -13.31
N GLU B 150 49.66 -9.73 -14.17
CA GLU B 150 50.89 -10.40 -13.76
C GLU B 150 51.67 -9.62 -12.69
N GLU B 151 51.75 -8.29 -12.84
CA GLU B 151 52.36 -7.41 -11.85
C GLU B 151 51.66 -7.47 -10.50
N ILE B 152 50.33 -7.51 -10.55
CA ILE B 152 49.51 -7.53 -9.36
C ILE B 152 49.69 -8.87 -8.61
N VAL B 153 49.65 -9.96 -9.37
CA VAL B 153 49.86 -11.28 -8.80
C VAL B 153 51.30 -11.38 -8.30
N ALA B 154 52.24 -10.76 -9.00
CA ALA B 154 53.60 -10.73 -8.49
C ALA B 154 53.66 -9.97 -7.18
N ALA B 155 53.20 -8.72 -7.16
CA ALA B 155 53.13 -7.96 -5.89
C ALA B 155 52.50 -8.79 -4.75
N CYS B 156 51.34 -9.34 -4.99
CA CYS B 156 50.65 -10.05 -3.91
C CYS B 156 51.44 -11.31 -3.42
N CYS B 157 52.01 -12.08 -4.34
CA CYS B 157 52.82 -13.27 -4.00
C CYS B 157 54.13 -12.94 -3.29
N TYR B 158 54.76 -11.85 -3.73
CA TYR B 158 55.92 -11.31 -3.05
C TYR B 158 55.59 -10.96 -1.60
N PHE B 159 54.65 -10.05 -1.39
CA PHE B 159 54.29 -9.66 -0.01
C PHE B 159 53.92 -10.88 0.88
N HIS B 160 53.33 -11.94 0.33
CA HIS B 160 53.01 -13.15 1.12
C HIS B 160 54.24 -13.86 1.64
N GLN B 161 55.13 -14.20 0.72
CA GLN B 161 56.40 -14.80 1.07
C GLN B 161 57.26 -13.86 1.96
N GLN B 162 57.17 -12.54 1.79
CA GLN B 162 57.95 -11.62 2.67
C GLN B 162 57.12 -10.89 3.75
N ALA B 163 55.91 -11.37 4.00
CA ALA B 163 55.00 -10.74 5.00
C ALA B 163 55.66 -10.19 6.27
N GLU B 164 56.59 -10.95 6.86
CA GLU B 164 57.20 -10.56 8.15
C GLU B 164 58.09 -9.32 8.00
N ASP B 165 58.74 -9.19 6.84
CA ASP B 165 59.58 -8.04 6.55
C ASP B 165 58.80 -6.75 6.66
N TYR B 166 57.61 -6.73 6.07
CA TYR B 166 56.77 -5.54 6.04
C TYR B 166 55.81 -5.45 7.22
N GLN B 167 55.85 -6.46 8.11
CA GLN B 167 54.99 -6.52 9.30
C GLN B 167 53.48 -6.53 8.99
N ILE B 168 53.12 -7.30 7.97
CA ILE B 168 51.74 -7.43 7.53
C ILE B 168 51.29 -8.88 7.72
N ASN B 169 49.99 -9.06 7.64
CA ASN B 169 49.36 -10.36 7.77
C ASN B 169 48.83 -10.81 6.40
N MET B 170 49.58 -11.71 5.77
CA MET B 170 49.24 -12.25 4.46
C MET B 170 48.60 -13.65 4.47
N SER B 171 48.12 -14.09 5.64
CA SER B 171 47.43 -15.35 5.73
C SER B 171 46.03 -15.19 5.13
N ARG B 172 45.52 -13.97 5.17
CA ARG B 172 44.29 -13.66 4.50
C ARG B 172 44.44 -12.36 3.74
N ILE B 173 44.00 -12.39 2.48
CA ILE B 173 44.09 -11.25 1.59
C ILE B 173 42.77 -10.99 0.87
N GLY B 174 42.66 -9.79 0.32
CA GLY B 174 41.57 -9.47 -0.57
C GLY B 174 42.06 -8.66 -1.74
N PHE B 175 41.20 -8.56 -2.76
CA PHE B 175 41.43 -7.65 -3.85
C PHE B 175 40.29 -6.72 -3.97
N ALA B 176 40.55 -5.47 -4.31
CA ALA B 176 39.45 -4.50 -4.39
C ALA B 176 39.75 -3.56 -5.49
N GLY B 177 38.71 -3.11 -6.19
CA GLY B 177 38.90 -2.11 -7.22
C GLY B 177 37.64 -1.56 -7.82
N ASP B 178 37.79 -0.42 -8.49
CA ASP B 178 36.71 0.27 -9.16
C ASP B 178 36.87 0.20 -10.69
N ALA B 180 37.73 -0.53 -14.33
CA ALA B 180 38.84 -1.39 -14.78
C ALA B 180 39.59 -2.04 -13.59
N GLY B 181 39.64 -1.34 -12.47
CA GLY B 181 40.21 -1.86 -11.25
C GLY B 181 39.52 -3.10 -10.74
N ALA B 182 38.19 -3.10 -10.82
CA ALA B 182 37.39 -4.22 -10.40
C ALA B 182 37.68 -5.43 -11.29
N MET B 183 37.72 -5.21 -12.60
CA MET B 183 38.18 -6.27 -13.51
C MET B 183 39.54 -6.87 -13.11
N LEU B 184 40.50 -5.99 -12.88
CA LEU B 184 41.81 -6.44 -12.44
C LEU B 184 41.76 -7.20 -11.12
N ALA B 185 40.89 -6.74 -10.19
CA ALA B 185 40.77 -7.38 -8.91
C ALA B 185 40.31 -8.81 -9.06
N LEU B 186 39.22 -9.00 -9.81
CA LEU B 186 38.67 -10.34 -9.97
C LEU B 186 39.58 -11.15 -10.91
N ALA B 187 40.12 -10.53 -11.96
CA ALA B 187 41.04 -11.28 -12.83
C ALA B 187 42.22 -11.85 -12.04
N SER B 188 42.72 -11.07 -11.08
CA SER B 188 43.86 -11.48 -10.28
C SER B 188 43.55 -12.61 -9.32
N ALA B 189 42.39 -12.53 -8.64
CA ALA B 189 41.96 -13.58 -7.78
C ALA B 189 41.75 -14.88 -8.57
N LEU B 190 41.03 -14.82 -9.69
CA LEU B 190 40.90 -15.98 -10.56
C LEU B 190 42.27 -16.48 -11.07
N TRP B 191 43.17 -15.58 -11.42
CA TRP B 191 44.55 -15.98 -11.83
C TRP B 191 45.28 -16.78 -10.74
N LEU B 192 45.08 -16.41 -9.46
CA LEU B 192 45.74 -17.07 -8.35
C LEU B 192 45.12 -18.43 -8.09
N ARG B 193 43.80 -18.46 -7.98
CA ARG B 193 43.09 -19.72 -7.91
C ARG B 193 43.63 -20.65 -9.01
N ASP B 194 43.54 -20.22 -10.27
CA ASP B 194 43.79 -21.11 -11.40
C ASP B 194 45.19 -21.67 -11.40
N LYS B 195 46.19 -20.85 -11.12
CA LYS B 195 47.55 -21.35 -11.17
C LYS B 195 47.95 -21.92 -9.81
N GLN B 196 46.93 -22.10 -8.97
CA GLN B 196 47.01 -22.86 -7.75
C GLN B 196 48.23 -22.53 -6.91
N ILE B 197 48.43 -21.24 -6.69
CA ILE B 197 49.33 -20.78 -5.65
C ILE B 197 48.55 -20.54 -4.35
N ASP B 198 49.28 -20.56 -3.25
CA ASP B 198 48.81 -20.03 -1.97
C ASP B 198 49.66 -18.77 -1.71
N CYS B 199 49.13 -17.61 -2.09
CA CYS B 199 49.75 -16.32 -1.78
C CYS B 199 48.91 -15.67 -0.70
N GLY B 200 48.21 -16.50 0.05
CA GLY B 200 47.28 -16.08 1.07
C GLY B 200 45.90 -16.60 0.73
N LYS B 201 45.06 -16.74 1.74
CA LYS B 201 43.69 -17.15 1.49
C LYS B 201 42.90 -15.92 1.04
N VAL B 202 42.47 -15.97 -0.22
CA VAL B 202 41.66 -14.90 -0.78
C VAL B 202 40.30 -14.95 -0.12
N ALA B 203 40.15 -14.18 0.95
CA ALA B 203 38.93 -14.21 1.73
C ALA B 203 37.79 -13.42 1.12
N GLY B 204 38.12 -12.58 0.14
CA GLY B 204 37.18 -11.56 -0.35
C GLY B 204 37.68 -10.81 -1.58
N VAL B 205 36.74 -10.41 -2.44
CA VAL B 205 37.05 -9.57 -3.55
C VAL B 205 35.97 -8.50 -3.59
N LEU B 206 36.38 -7.22 -3.63
CA LEU B 206 35.47 -6.06 -3.58
C LEU B 206 35.46 -5.33 -4.91
N LEU B 207 34.29 -5.23 -5.50
CA LEU B 207 34.12 -4.93 -6.91
C LEU B 207 33.09 -3.84 -7.15
N TRP B 208 33.53 -2.59 -7.22
CA TRP B 208 32.59 -1.50 -7.44
C TRP B 208 32.50 -1.18 -8.93
N TYR B 209 31.30 -1.34 -9.48
CA TYR B 209 30.97 -0.97 -10.86
C TYR B 209 32.04 -1.37 -11.90
N GLY B 210 32.31 -2.66 -11.94
CA GLY B 210 33.24 -3.22 -12.83
C GLY B 210 32.69 -3.51 -14.21
N LEU B 211 33.64 -3.78 -15.10
CA LEU B 211 33.33 -4.44 -16.37
C LEU B 211 34.06 -5.79 -16.33
N TYR B 212 33.39 -6.83 -16.77
CA TYR B 212 33.95 -8.19 -16.72
C TYR B 212 33.96 -8.90 -18.06
N GLY B 213 33.85 -8.13 -19.15
CA GLY B 213 33.99 -8.70 -20.51
C GLY B 213 32.76 -8.83 -21.41
N LEU B 214 31.58 -8.41 -20.96
CA LEU B 214 30.43 -8.26 -21.86
C LEU B 214 30.78 -7.32 -22.99
N ARG B 215 30.34 -7.68 -24.21
CA ARG B 215 30.59 -6.85 -25.37
C ARG B 215 29.43 -5.96 -25.70
N ASP B 216 28.33 -6.12 -24.98
CA ASP B 216 27.10 -5.39 -25.26
C ASP B 216 26.13 -5.83 -24.18
N SER B 217 25.09 -5.05 -23.94
CA SER B 217 24.14 -5.34 -22.84
C SER B 217 22.98 -4.36 -22.92
N VAL B 218 21.88 -4.62 -22.21
CA VAL B 218 20.81 -3.64 -22.12
C VAL B 218 21.30 -2.30 -21.57
N THR B 219 22.04 -2.36 -20.45
CA THR B 219 22.55 -1.13 -19.82
C THR B 219 23.53 -0.36 -20.72
N ARG B 220 24.39 -1.07 -21.45
CA ARG B 220 25.29 -0.41 -22.39
C ARG B 220 24.59 0.35 -23.50
N ARG B 221 23.46 -0.15 -23.97
CA ARG B 221 22.71 0.53 -25.03
C ARG B 221 21.91 1.69 -24.47
N LEU B 222 21.34 1.51 -23.29
CA LEU B 222 20.42 2.47 -22.72
C LEU B 222 21.11 3.67 -22.02
N LEU B 223 22.38 3.49 -21.62
CA LEU B 223 23.11 4.44 -20.80
C LEU B 223 24.49 4.80 -21.37
N GLY B 224 25.08 5.84 -20.78
CA GLY B 224 26.44 6.26 -21.15
C GLY B 224 26.44 7.34 -22.22
N GLY B 225 27.29 8.34 -21.98
CA GLY B 225 27.35 9.55 -22.79
C GLY B 225 28.53 10.40 -22.37
N VAL B 226 28.54 11.66 -22.85
CA VAL B 226 29.58 12.64 -22.51
C VAL B 226 29.66 12.90 -21.00
N TRP B 227 28.51 12.82 -20.32
CA TRP B 227 28.43 12.98 -18.86
C TRP B 227 29.30 11.99 -18.07
N ASP B 228 29.60 10.83 -18.65
CA ASP B 228 30.47 9.84 -17.99
C ASP B 228 31.55 9.22 -18.89
N GLY B 229 31.68 9.69 -20.12
CA GLY B 229 32.58 9.09 -21.10
C GLY B 229 32.52 7.55 -21.21
N LEU B 230 31.34 6.94 -21.06
CA LEU B 230 31.21 5.49 -21.27
C LEU B 230 30.29 5.13 -22.45
N THR B 231 30.37 5.90 -23.53
CA THR B 231 29.72 5.49 -24.78
C THR B 231 30.39 4.20 -25.20
N GLN B 232 29.78 3.48 -26.13
CA GLN B 232 30.37 2.23 -26.59
C GLN B 232 31.63 2.49 -27.43
N GLN B 233 31.70 3.66 -28.05
CA GLN B 233 32.92 4.10 -28.73
C GLN B 233 34.04 4.35 -27.71
N ASP B 234 33.71 4.91 -26.55
CA ASP B 234 34.70 5.14 -25.49
C ASP B 234 35.23 3.78 -25.03
N LEU B 235 34.32 2.86 -24.71
CA LEU B 235 34.74 1.56 -24.22
C LEU B 235 35.61 0.82 -25.21
N GLN B 236 35.32 0.96 -26.50
CA GLN B 236 36.05 0.27 -27.52
C GLN B 236 37.49 0.77 -27.57
N MET B 237 37.67 2.09 -27.50
CA MET B 237 38.99 2.70 -27.45
C MET B 237 39.83 2.27 -26.22
N TYR B 238 39.23 2.17 -25.04
CA TYR B 238 39.94 1.69 -23.87
C TYR B 238 40.34 0.23 -24.03
N GLU B 239 39.41 -0.57 -24.54
CA GLU B 239 39.73 -1.94 -24.84
C GLU B 239 40.88 -2.03 -25.86
N GLU B 240 40.88 -1.18 -26.89
CA GLU B 240 41.94 -1.27 -27.93
C GLU B 240 43.30 -0.90 -27.38
N ALA B 241 43.33 -0.05 -26.36
CA ALA B 241 44.56 0.36 -25.73
C ALA B 241 45.08 -0.77 -24.80
N TYR B 242 44.18 -1.48 -24.17
CA TYR B 242 44.55 -2.55 -23.22
C TYR B 242 44.96 -3.87 -23.85
N LEU B 243 44.21 -4.34 -24.84
CA LEU B 243 44.41 -5.66 -25.38
C LEU B 243 45.58 -5.65 -26.37
N SER B 244 46.30 -6.75 -26.42
CA SER B 244 47.38 -6.86 -27.41
C SER B 244 46.89 -7.52 -28.68
N ASN B 245 45.97 -8.45 -28.57
CA ASN B 245 45.48 -9.30 -29.63
C ASN B 245 43.93 -9.29 -29.54
N ASP B 246 43.27 -9.32 -30.70
CA ASP B 246 41.82 -9.45 -30.78
C ASP B 246 41.35 -10.68 -30.02
N ALA B 247 42.12 -11.77 -30.09
CA ALA B 247 41.73 -12.98 -29.35
C ALA B 247 41.66 -12.81 -27.84
N ASP B 248 42.36 -11.82 -27.28
CA ASP B 248 42.36 -11.61 -25.83
C ASP B 248 40.97 -11.23 -25.38
N ARG B 249 40.13 -10.77 -26.31
CA ARG B 249 38.73 -10.49 -26.03
C ARG B 249 38.04 -11.67 -25.41
N GLU B 250 38.45 -12.88 -25.78
CA GLU B 250 37.82 -14.09 -25.23
C GLU B 250 38.59 -14.76 -24.09
N SER B 251 39.75 -14.23 -23.71
CA SER B 251 40.51 -14.80 -22.60
C SER B 251 39.71 -14.85 -21.28
N PRO B 252 39.85 -15.96 -20.53
CA PRO B 252 39.23 -16.08 -19.26
C PRO B 252 39.76 -15.11 -18.19
N TYR B 253 40.79 -14.30 -18.49
CA TYR B 253 41.27 -13.25 -17.56
C TYR B 253 40.96 -11.80 -18.05
N TYR B 254 40.17 -11.74 -19.12
CA TYR B 254 39.56 -10.49 -19.58
C TYR B 254 38.07 -10.66 -19.60
N CYS B 255 37.56 -11.58 -20.42
CA CYS B 255 36.16 -11.98 -20.36
C CYS B 255 36.03 -13.02 -19.28
N LEU B 256 35.73 -12.58 -18.06
CA LEU B 256 35.84 -13.45 -16.90
C LEU B 256 34.71 -14.47 -16.93
N PHE B 257 33.67 -14.16 -17.68
CA PHE B 257 32.61 -15.11 -17.93
C PHE B 257 33.05 -16.31 -18.77
N ASN B 258 34.20 -16.24 -19.44
CA ASN B 258 34.78 -17.44 -20.07
C ASN B 258 35.65 -18.29 -19.14
N ASN B 259 35.84 -17.83 -17.89
CA ASN B 259 36.58 -18.57 -16.91
C ASN B 259 35.57 -19.46 -16.23
N ASP B 260 36.04 -20.36 -15.36
CA ASP B 260 35.14 -21.16 -14.54
C ASP B 260 34.71 -20.36 -13.32
N LEU B 261 33.46 -19.92 -13.33
CA LEU B 261 32.84 -19.22 -12.20
C LEU B 261 31.88 -20.12 -11.40
N THR B 262 32.05 -21.43 -11.50
CA THR B 262 31.12 -22.39 -10.87
C THR B 262 31.65 -23.03 -9.59
N ARG B 263 32.97 -23.03 -9.39
CA ARG B 263 33.52 -23.38 -8.11
C ARG B 263 34.75 -22.57 -7.70
N GLU B 264 34.96 -22.56 -6.38
CA GLU B 264 36.12 -21.99 -5.74
C GLU B 264 36.38 -20.51 -6.04
N VAL B 265 35.29 -19.75 -6.24
CA VAL B 265 35.39 -18.32 -6.40
C VAL B 265 35.34 -17.70 -5.02
N PRO B 266 36.31 -16.79 -4.72
CA PRO B 266 36.24 -16.16 -3.39
C PRO B 266 34.99 -15.38 -3.28
N PRO B 267 34.55 -15.07 -2.05
CA PRO B 267 33.36 -14.26 -1.86
C PRO B 267 33.47 -12.87 -2.53
N CYS B 268 32.46 -12.51 -3.31
CA CYS B 268 32.50 -11.31 -4.12
C CYS B 268 31.49 -10.30 -3.63
N PHE B 269 31.96 -9.09 -3.31
CA PHE B 269 31.06 -7.99 -3.05
C PHE B 269 30.90 -7.23 -4.35
N ILE B 270 29.69 -7.21 -4.90
CA ILE B 270 29.44 -6.62 -6.20
C ILE B 270 28.51 -5.44 -6.05
N ALA B 271 29.03 -4.25 -6.33
CA ALA B 271 28.32 -2.99 -6.17
C ALA B 271 27.99 -2.36 -7.52
N GLY B 272 26.71 -2.14 -7.80
CA GLY B 272 26.33 -1.58 -9.09
C GLY B 272 25.98 -0.12 -8.95
N ALA B 273 26.29 0.67 -9.95
CA ALA B 273 25.78 2.01 -10.04
C ALA B 273 24.55 1.99 -10.96
N GLU B 274 23.50 2.68 -10.57
CA GLU B 274 22.25 2.56 -11.24
C GLU B 274 22.23 3.09 -12.69
N PHE B 275 22.82 4.25 -12.90
CA PHE B 275 22.75 4.86 -14.20
C PHE B 275 24.09 4.71 -14.96
N ASP B 276 24.67 3.53 -14.81
CA ASP B 276 25.97 3.20 -15.38
C ASP B 276 25.76 2.17 -16.47
N PRO B 277 26.33 2.40 -17.67
CA PRO B 277 26.15 1.36 -18.68
C PRO B 277 26.79 0.02 -18.32
N LEU B 278 27.74 0.01 -17.39
CA LEU B 278 28.41 -1.23 -16.98
C LEU B 278 27.62 -2.06 -15.97
N LEU B 279 26.49 -1.55 -15.50
CA LEU B 279 25.70 -2.24 -14.50
C LEU B 279 25.39 -3.70 -14.84
N ASP B 280 24.96 -3.99 -16.06
CA ASP B 280 24.71 -5.39 -16.45
C ASP B 280 25.91 -6.33 -16.31
N ASP B 281 27.15 -5.81 -16.37
CA ASP B 281 28.32 -6.66 -16.11
C ASP B 281 28.29 -7.15 -14.66
N SER B 282 28.06 -6.23 -13.74
CA SER B 282 27.82 -6.61 -12.34
C SER B 282 26.66 -7.59 -12.13
N ARG B 283 25.54 -7.32 -12.76
CA ARG B 283 24.35 -8.18 -12.59
C ARG B 283 24.61 -9.60 -13.03
N LEU B 284 25.24 -9.73 -14.19
CA LEU B 284 25.60 -11.00 -14.73
C LEU B 284 26.65 -11.70 -13.89
N LEU B 285 27.65 -10.97 -13.42
CA LEU B 285 28.57 -11.61 -12.50
C LEU B 285 27.79 -12.16 -11.29
N TYR B 286 26.98 -11.33 -10.67
CA TYR B 286 26.18 -11.83 -9.53
C TYR B 286 25.26 -13.04 -9.86
N GLN B 287 24.43 -12.91 -10.90
CA GLN B 287 23.48 -13.98 -11.21
C GLN B 287 24.22 -15.29 -11.50
N THR B 288 25.40 -15.17 -12.12
CA THR B 288 26.24 -16.33 -12.40
C THR B 288 26.77 -16.98 -11.12
N LEU B 289 27.41 -16.19 -10.27
CA LEU B 289 27.87 -16.72 -9.00
C LEU B 289 26.71 -17.29 -8.15
N ALA B 290 25.63 -16.54 -8.02
CA ALA B 290 24.53 -17.01 -7.18
C ALA B 290 23.88 -18.31 -7.73
N ALA B 291 23.78 -18.45 -9.05
CA ALA B 291 23.19 -19.67 -9.60
C ALA B 291 24.04 -20.92 -9.34
N HIS B 292 25.33 -20.71 -9.07
CA HIS B 292 26.24 -21.81 -8.78
C HIS B 292 26.65 -21.86 -7.33
N GLN B 293 25.87 -21.22 -6.48
CA GLN B 293 26.10 -21.22 -5.04
C GLN B 293 27.48 -20.74 -4.62
N GLN B 294 27.98 -19.70 -5.29
CA GLN B 294 29.26 -19.13 -4.95
C GLN B 294 29.00 -17.97 -4.05
N PRO B 295 29.82 -17.80 -2.99
CA PRO B 295 29.48 -16.77 -1.99
C PRO B 295 29.58 -15.38 -2.65
N CYS B 296 28.57 -14.54 -2.44
CA CYS B 296 28.53 -13.22 -3.09
C CYS B 296 27.39 -12.39 -2.53
N GLU B 297 27.55 -11.07 -2.62
CA GLU B 297 26.51 -10.13 -2.29
C GLU B 297 26.41 -9.13 -3.42
N PHE B 298 25.19 -8.72 -3.77
CA PHE B 298 24.99 -7.70 -4.76
C PHE B 298 24.29 -6.53 -4.16
N LYS B 299 24.77 -5.32 -4.41
CA LYS B 299 24.05 -4.14 -3.98
C LYS B 299 24.04 -3.02 -5.02
N LEU B 300 22.85 -2.58 -5.37
CA LEU B 300 22.63 -1.47 -6.26
C LEU B 300 22.57 -0.19 -5.46
N TYR B 301 23.33 0.81 -5.88
CA TYR B 301 23.34 2.10 -5.21
C TYR B 301 22.51 3.07 -6.03
N PRO B 302 21.30 3.41 -5.53
CA PRO B 302 20.37 4.14 -6.36
C PRO B 302 20.84 5.56 -6.62
N GLY B 303 20.43 6.14 -7.74
CA GLY B 303 20.75 7.53 -8.02
C GLY B 303 22.15 7.79 -8.53
N THR B 304 22.97 6.75 -8.67
CA THR B 304 24.37 6.98 -9.03
C THR B 304 24.71 6.82 -10.48
N LEU B 305 25.67 7.64 -10.90
CA LEU B 305 26.45 7.46 -12.10
C LEU B 305 27.64 6.57 -11.85
N HIS B 306 28.28 6.17 -12.94
CA HIS B 306 29.55 5.50 -12.89
C HIS B 306 30.59 6.37 -12.17
N ALA B 307 31.52 5.73 -11.48
CA ALA B 307 32.64 6.39 -10.83
C ALA B 307 32.31 7.09 -9.53
N PHE B 308 31.18 6.79 -8.93
CA PHE B 308 30.72 7.61 -7.82
C PHE B 308 31.58 7.50 -6.56
N LEU B 309 32.38 6.43 -6.47
CA LEU B 309 33.22 6.20 -5.30
C LEU B 309 34.11 7.39 -4.96
N HIS B 310 34.47 8.19 -5.94
CA HIS B 310 35.35 9.30 -5.63
C HIS B 310 34.72 10.43 -4.88
N TYR B 311 33.40 10.45 -4.77
CA TYR B 311 32.72 11.63 -4.29
C TYR B 311 32.24 11.48 -2.83
N SER B 312 32.97 10.68 -2.06
CA SER B 312 32.64 10.33 -0.70
C SER B 312 32.51 11.52 0.25
N ARG B 313 33.26 12.59 0.00
CA ARG B 313 33.22 13.77 0.86
CA ARG B 313 33.22 13.76 0.86
C ARG B 313 31.86 14.48 0.75
N MET B 314 31.26 14.45 -0.44
CA MET B 314 29.95 15.10 -0.71
C MET B 314 28.80 14.13 -0.82
N MET B 315 29.04 12.83 -1.01
CA MET B 315 27.94 11.89 -1.30
C MET B 315 27.94 10.76 -0.30
N LYS B 316 26.90 10.73 0.54
CA LYS B 316 26.70 9.67 1.51
C LYS B 316 26.73 8.31 0.83
N THR B 317 26.02 8.17 -0.27
CA THR B 317 26.00 6.90 -1.00
C THR B 317 27.41 6.43 -1.44
N ALA B 318 28.30 7.35 -1.76
CA ALA B 318 29.69 6.95 -2.08
C ALA B 318 30.41 6.38 -0.84
N ASP B 319 30.21 7.06 0.30
CA ASP B 319 30.87 6.65 1.53
C ASP B 319 30.27 5.32 1.96
N GLU B 320 28.96 5.21 1.78
CA GLU B 320 28.25 3.99 2.09
C GLU B 320 28.83 2.80 1.33
N ALA B 321 28.96 2.91 0.01
CA ALA B 321 29.62 1.87 -0.79
C ALA B 321 30.99 1.43 -0.24
N LEU B 322 31.80 2.39 0.17
CA LEU B 322 33.05 2.07 0.82
C LEU B 322 32.88 1.26 2.10
N ARG B 323 32.00 1.74 3.01
CA ARG B 323 31.70 1.07 4.28
C ARG B 323 31.20 -0.35 4.04
N ASP B 324 30.27 -0.49 3.10
CA ASP B 324 29.71 -1.79 2.76
C ASP B 324 30.77 -2.77 2.31
N GLY B 325 31.64 -2.37 1.38
CA GLY B 325 32.71 -3.24 0.97
C GLY B 325 33.62 -3.62 2.12
N ALA B 326 34.00 -2.63 2.92
CA ALA B 326 34.86 -2.91 4.06
C ALA B 326 34.26 -3.96 4.97
N GLN B 327 32.97 -3.81 5.23
CA GLN B 327 32.24 -4.65 6.15
C GLN B 327 32.12 -6.03 5.59
N PHE B 328 31.78 -6.11 4.31
CA PHE B 328 31.70 -7.41 3.66
C PHE B 328 33.02 -8.15 3.78
N PHE B 329 34.13 -7.45 3.57
CA PHE B 329 35.45 -8.10 3.65
C PHE B 329 35.75 -8.59 5.07
N THR B 330 35.62 -7.72 6.05
CA THR B 330 35.99 -8.13 7.40
C THR B 330 35.09 -9.24 7.89
N ALA B 331 33.85 -9.29 7.41
CA ALA B 331 32.93 -10.35 7.77
C ALA B 331 33.37 -11.77 7.32
N GLN B 332 34.27 -11.88 6.36
CA GLN B 332 34.78 -13.19 5.93
C GLN B 332 35.96 -13.64 6.79
N LEU B 333 36.50 -12.75 7.61
CA LEU B 333 37.68 -13.09 8.41
C LEU B 333 37.30 -13.79 9.71
N LYS C 16 12.80 3.92 40.61
CA LYS C 16 13.68 2.72 40.63
C LYS C 16 14.58 2.71 39.38
N PRO C 17 15.88 2.40 39.56
CA PRO C 17 16.74 2.15 38.39
C PRO C 17 16.39 0.81 37.68
N GLU C 18 15.62 -0.03 38.38
CA GLU C 18 15.03 -1.25 37.84
C GLU C 18 14.02 -0.97 36.72
N ASN C 19 13.43 0.24 36.70
CA ASN C 19 12.36 0.60 35.74
C ASN C 19 12.87 0.94 34.33
N LYS C 20 14.18 0.97 34.15
CA LYS C 20 14.73 1.39 32.87
C LYS C 20 14.62 0.32 31.76
N LEU C 21 14.46 0.78 30.53
CA LEU C 21 14.44 -0.09 29.35
C LEU C 21 15.79 -0.84 29.22
N PRO C 22 15.76 -2.19 29.08
CA PRO C 22 16.98 -2.98 28.78
C PRO C 22 17.51 -2.73 27.36
N VAL C 23 18.56 -1.92 27.26
CA VAL C 23 18.82 -1.18 26.03
C VAL C 23 20.01 -1.69 25.17
N LEU C 24 20.96 -2.38 25.80
CA LEU C 24 22.07 -3.01 25.08
C LEU C 24 21.62 -4.18 24.18
N ASP C 25 20.32 -4.47 24.14
CA ASP C 25 19.76 -5.45 23.20
C ASP C 25 19.06 -4.77 22.01
N LEU C 26 18.75 -3.48 22.16
CA LEU C 26 17.90 -2.76 21.19
C LEU C 26 18.69 -1.84 20.26
N ILE C 27 19.91 -1.48 20.67
CA ILE C 27 20.81 -0.65 19.85
C ILE C 27 21.13 -1.32 18.50
N SER C 28 21.46 -0.50 17.50
CA SER C 28 21.85 -1.05 16.18
C SER C 28 23.03 -2.01 16.30
N ALA C 29 23.18 -2.88 15.29
CA ALA C 29 24.38 -3.72 15.12
C ALA C 29 25.68 -2.89 15.17
N GLU C 30 25.70 -1.73 14.52
N GLU C 30 25.69 -1.72 14.52
CA GLU C 30 26.93 -0.93 14.45
CA GLU C 30 26.91 -0.90 14.46
C GLU C 30 27.25 -0.27 15.80
C GLU C 30 27.24 -0.29 15.81
N MET C 31 26.21 0.17 16.51
CA MET C 31 26.35 0.71 17.86
C MET C 31 26.86 -0.36 18.82
N LYS C 32 26.44 -1.60 18.59
CA LYS C 32 26.92 -2.74 19.39
C LYS C 32 28.41 -3.07 19.12
N THR C 33 28.87 -2.97 17.87
CA THR C 33 30.29 -3.22 17.62
C THR C 33 31.09 -2.25 18.49
N VAL C 34 30.62 -1.00 18.58
CA VAL C 34 31.29 0.02 19.39
C VAL C 34 31.31 -0.35 20.88
N VAL C 35 30.16 -0.76 21.41
CA VAL C 35 30.03 -1.08 22.85
C VAL C 35 30.88 -2.31 23.19
N ASN C 36 31.12 -3.16 22.19
CA ASN C 36 31.98 -4.34 22.38
C ASN C 36 33.46 -4.14 22.02
N THR C 37 33.85 -2.91 21.65
CA THR C 37 35.28 -2.63 21.43
C THR C 37 35.91 -2.44 22.80
N LEU C 38 36.83 -3.33 23.18
CA LEU C 38 37.56 -3.20 24.45
C LEU C 38 39.01 -2.83 24.17
N GLN C 39 39.53 -1.87 24.95
CA GLN C 39 40.93 -1.49 24.90
C GLN C 39 41.66 -2.18 26.07
N PRO C 40 42.42 -3.26 25.76
CA PRO C 40 43.01 -4.11 26.81
C PRO C 40 44.26 -3.53 27.48
N ASP C 41 44.46 -2.21 27.38
CA ASP C 41 45.52 -1.51 28.12
C ASP C 41 45.07 -0.10 28.49
N LEU C 42 44.03 -0.05 29.32
CA LEU C 42 43.54 1.19 29.92
C LEU C 42 43.13 0.92 31.37
N PRO C 43 43.44 1.84 32.29
CA PRO C 43 42.94 1.68 33.67
C PRO C 43 41.40 1.66 33.75
N PRO C 44 40.84 1.27 34.91
CA PRO C 44 39.38 1.29 35.09
C PRO C 44 38.83 2.70 35.29
N TRP C 45 37.52 2.87 35.08
CA TRP C 45 36.85 4.16 35.27
C TRP C 45 36.91 4.59 36.74
N PRO C 46 37.77 5.58 37.08
CA PRO C 46 37.85 5.95 38.49
C PRO C 46 36.64 6.79 38.91
N ALA C 47 35.63 6.11 39.45
CA ALA C 47 34.40 6.76 39.90
C ALA C 47 34.50 7.27 41.34
N THR C 48 35.66 7.13 41.97
CA THR C 48 35.95 7.75 43.27
C THR C 48 37.38 8.30 43.30
N GLY C 49 37.83 8.80 42.15
CA GLY C 49 39.15 9.43 42.02
C GLY C 49 39.04 10.90 41.66
N THR C 50 40.18 11.58 41.54
CA THR C 50 40.22 13.00 41.16
C THR C 50 39.37 13.26 39.91
N ILE C 51 38.91 14.51 39.78
CA ILE C 51 38.36 14.97 38.52
C ILE C 51 39.45 14.98 37.44
N ALA C 52 40.71 15.23 37.83
CA ALA C 52 41.83 15.21 36.87
C ALA C 52 42.25 13.78 36.47
N GLU C 53 41.85 12.79 37.25
CA GLU C 53 42.02 11.39 36.86
C GLU C 53 40.93 11.03 35.84
N GLN C 54 39.70 11.44 36.14
CA GLN C 54 38.57 11.30 35.21
C GLN C 54 38.87 12.00 33.86
N ARG C 55 39.45 13.18 33.91
CA ARG C 55 39.84 13.89 32.70
C ARG C 55 40.90 13.12 31.94
N GLN C 56 41.88 12.58 32.66
CA GLN C 56 43.00 11.87 32.05
C GLN C 56 42.49 10.61 31.37
N TYR C 57 41.66 9.85 32.08
CA TYR C 57 41.11 8.63 31.52
C TYR C 57 40.25 8.90 30.28
N TYR C 58 39.34 9.87 30.38
CA TYR C 58 38.49 10.26 29.26
C TYR C 58 39.34 10.63 28.03
N THR C 59 40.39 11.41 28.26
CA THR C 59 41.26 11.83 27.17
C THR C 59 41.94 10.63 26.49
N LEU C 60 42.31 9.63 27.29
CA LEU C 60 43.00 8.44 26.76
C LEU C 60 42.02 7.53 26.04
N GLU C 61 40.87 7.31 26.65
CA GLU C 61 39.84 6.46 26.07
C GLU C 61 39.38 6.94 24.69
N ARG C 62 39.32 8.25 24.50
CA ARG C 62 38.78 8.86 23.29
C ARG C 62 39.75 8.86 22.12
N ARG C 63 41.05 8.77 22.42
CA ARG C 63 42.08 8.75 21.38
C ARG C 63 41.75 7.77 20.26
N PHE C 64 41.45 6.54 20.64
CA PHE C 64 41.13 5.50 19.66
C PHE C 64 40.03 5.96 18.69
N TRP C 65 39.06 6.68 19.23
CA TRP C 65 37.92 7.12 18.45
C TRP C 65 38.27 8.34 17.59
N ASN C 66 39.38 8.99 17.87
CA ASN C 66 39.77 10.12 17.05
C ASN C 66 40.78 9.76 15.93
N ALA C 67 41.15 8.48 15.81
CA ALA C 67 42.12 8.08 14.77
C ALA C 67 41.51 8.18 13.36
N GLY C 68 42.37 8.25 12.35
CA GLY C 68 41.93 8.34 10.97
C GLY C 68 41.18 9.59 10.55
N ALA C 69 41.31 10.68 11.31
CA ALA C 69 40.60 11.91 11.02
C ALA C 69 41.09 12.54 9.71
N PRO C 70 40.24 13.34 9.04
CA PRO C 70 40.62 13.99 7.81
C PRO C 70 41.86 14.82 7.97
N GLU C 71 42.76 14.69 7.02
CA GLU C 71 43.91 15.55 6.92
C GLU C 71 43.41 16.95 6.64
N MET C 72 43.97 17.93 7.32
CA MET C 72 43.81 19.30 6.84
C MET C 72 44.61 20.30 7.64
N ALA C 73 44.67 21.52 7.10
CA ALA C 73 45.51 22.55 7.68
C ALA C 73 44.89 22.98 9.00
N THR C 74 45.72 23.08 10.03
CA THR C 74 45.30 23.52 11.36
C THR C 74 46.33 24.44 12.00
N ARG C 75 45.85 25.30 12.89
CA ARG C 75 46.68 26.33 13.48
C ARG C 75 46.09 26.70 14.84
N ALA C 76 46.93 26.72 15.87
CA ALA C 76 46.53 27.10 17.23
C ALA C 76 46.72 28.59 17.49
N TYR C 77 45.84 29.16 18.31
CA TYR C 77 45.89 30.57 18.65
C TYR C 77 45.27 30.81 20.00
N MET C 78 46.05 31.40 20.90
CA MET C 78 45.53 31.87 22.17
C MET C 78 44.74 33.14 21.90
N VAL C 79 43.67 33.33 22.65
CA VAL C 79 42.70 34.41 22.38
C VAL C 79 42.25 35.01 23.72
N PRO C 80 42.18 36.36 23.79
CA PRO C 80 41.95 36.98 25.10
C PRO C 80 40.48 37.05 25.50
N THR C 81 40.21 36.91 26.80
CA THR C 81 38.88 37.05 27.37
C THR C 81 38.97 37.86 28.65
N LYS C 82 37.82 38.20 29.24
CA LYS C 82 37.77 38.85 30.56
C LYS C 82 38.49 38.00 31.59
N TYR C 83 38.44 36.68 31.42
CA TYR C 83 38.96 35.72 32.39
C TYR C 83 40.38 35.26 32.08
N GLY C 84 41.01 35.89 31.09
CA GLY C 84 42.34 35.48 30.65
C GLY C 84 42.27 34.83 29.29
N GLN C 85 43.38 34.25 28.85
CA GLN C 85 43.46 33.64 27.52
C GLN C 85 42.74 32.27 27.45
N VAL C 86 42.30 31.89 26.25
CA VAL C 86 41.81 30.51 25.98
C VAL C 86 42.37 30.03 24.65
N GLU C 87 42.88 28.80 24.62
CA GLU C 87 43.35 28.22 23.40
C GLU C 87 42.21 28.00 22.42
N THR C 88 42.52 28.22 21.15
CA THR C 88 41.63 27.88 20.07
C THR C 88 42.38 27.04 19.05
N ARG C 89 41.63 26.28 18.25
CA ARG C 89 42.23 25.49 17.19
C ARG C 89 41.41 25.71 15.94
N LEU C 90 42.08 26.14 14.89
CA LEU C 90 41.41 26.50 13.67
C LEU C 90 41.62 25.38 12.67
N PHE C 91 40.55 24.98 12.00
CA PHE C 91 40.59 23.92 11.00
C PHE C 91 40.18 24.51 9.66
N CYS C 92 41.03 24.37 8.65
CA CYS C 92 40.82 25.09 7.40
C CYS C 92 40.83 24.18 6.17
N PRO C 93 39.63 23.77 5.70
CA PRO C 93 39.53 22.82 4.59
C PRO C 93 39.90 23.43 3.24
N GLN C 94 39.78 24.75 3.09
CA GLN C 94 40.14 25.39 1.83
C GLN C 94 40.22 26.91 1.97
N PRO C 95 40.88 27.61 1.02
CA PRO C 95 41.15 29.05 1.25
C PRO C 95 39.91 29.93 1.44
N ASP C 96 38.86 29.76 0.63
CA ASP C 96 37.74 30.72 0.57
C ASP C 96 36.50 30.33 1.40
N SER C 97 36.67 30.18 2.72
CA SER C 97 35.53 29.89 3.60
C SER C 97 34.39 30.93 3.53
N PRO C 98 33.16 30.49 3.19
CA PRO C 98 32.03 31.41 3.20
C PRO C 98 31.51 31.72 4.62
N ALA C 99 32.01 31.01 5.62
CA ALA C 99 31.61 31.24 7.01
C ALA C 99 32.56 30.58 8.01
N THR C 100 32.37 30.93 9.28
CA THR C 100 33.15 30.36 10.36
C THR C 100 32.27 29.68 11.41
N LEU C 101 32.58 28.42 11.69
CA LEU C 101 31.77 27.58 12.55
C LEU C 101 32.55 27.37 13.85
N PHE C 102 31.97 27.76 14.99
CA PHE C 102 32.62 27.54 16.28
C PHE C 102 32.16 26.23 16.89
N TYR C 103 33.09 25.40 17.37
CA TYR C 103 32.73 24.11 17.95
C TYR C 103 33.01 24.06 19.45
N LEU C 104 31.96 23.68 20.19
CA LEU C 104 32.01 23.58 21.62
C LEU C 104 31.80 22.12 22.04
N HIS C 105 32.85 21.53 22.60
CA HIS C 105 32.81 20.12 22.92
C HIS C 105 32.01 19.81 24.17
N GLY C 106 31.52 18.57 24.23
CA GLY C 106 30.84 18.06 25.41
C GLY C 106 31.79 17.45 26.39
N GLY C 107 31.25 16.68 27.32
CA GLY C 107 32.00 16.14 28.44
C GLY C 107 31.49 16.64 29.77
N GLY C 108 30.18 16.83 29.86
CA GLY C 108 29.51 17.15 31.12
C GLY C 108 29.98 18.39 31.86
N PHE C 109 30.55 19.33 31.12
CA PHE C 109 31.12 20.57 31.64
C PHE C 109 32.43 20.35 32.38
N ILE C 110 32.74 19.10 32.74
CA ILE C 110 33.91 18.82 33.56
C ILE C 110 35.01 18.07 32.81
N LEU C 111 34.70 17.46 31.67
CA LEU C 111 35.72 16.75 30.87
C LEU C 111 35.83 17.29 29.43
N GLY C 112 36.79 16.74 28.69
CA GLY C 112 36.92 17.04 27.28
C GLY C 112 37.80 18.24 27.04
N ASN C 113 38.30 18.32 25.81
CA ASN C 113 39.24 19.34 25.39
C ASN C 113 39.30 19.25 23.87
N LEU C 114 40.20 20.00 23.25
CA LEU C 114 40.31 20.04 21.79
C LEU C 114 40.72 18.73 21.17
N ASP C 115 41.46 17.90 21.90
CA ASP C 115 42.00 16.66 21.33
C ASP C 115 40.94 15.58 21.32
N THR C 116 40.11 15.55 22.35
CA THR C 116 39.09 14.53 22.48
C THR C 116 38.02 14.65 21.39
N HIS C 117 37.86 15.85 20.81
CA HIS C 117 36.90 16.06 19.75
C HIS C 117 37.54 16.44 18.42
N ASP C 118 38.80 16.03 18.25
CA ASP C 118 39.54 16.40 17.05
C ASP C 118 38.88 15.86 15.80
N ARG C 119 38.56 14.57 15.78
CA ARG C 119 37.95 13.96 14.60
C ARG C 119 36.61 14.60 14.19
N ILE C 120 35.75 14.88 15.17
CA ILE C 120 34.46 15.51 14.94
C ILE C 120 34.65 16.84 14.22
N MET C 121 35.56 17.65 14.74
CA MET C 121 35.76 19.00 14.23
C MET C 121 36.31 18.97 12.79
N ARG C 122 37.24 18.05 12.52
CA ARG C 122 37.80 17.94 11.17
C ARG C 122 36.77 17.46 10.18
N LEU C 123 35.91 16.55 10.62
CA LEU C 123 34.84 16.04 9.76
C LEU C 123 33.86 17.14 9.44
N LEU C 124 33.59 17.98 10.43
CA LEU C 124 32.63 19.07 10.25
C LEU C 124 33.23 20.07 9.25
N ALA C 125 34.49 20.37 9.44
CA ALA C 125 35.27 21.18 8.50
C ALA C 125 35.21 20.63 7.09
N SER C 126 35.55 19.36 6.95
CA SER C 126 35.63 18.68 5.66
C SER C 126 34.29 18.66 4.95
N TYR C 127 33.24 18.34 5.69
CA TYR C 127 31.90 18.24 5.10
C TYR C 127 31.28 19.63 4.82
N SER C 128 31.60 20.63 5.62
CA SER C 128 31.00 21.96 5.40
C SER C 128 31.84 22.75 4.41
N GLN C 129 33.12 22.42 4.33
CA GLN C 129 34.10 23.20 3.58
C GLN C 129 34.24 24.61 4.17
N CYS C 130 33.91 24.74 5.45
CA CYS C 130 33.99 25.99 6.18
C CYS C 130 35.08 25.85 7.21
N THR C 131 35.64 26.99 7.59
CA THR C 131 36.54 27.09 8.71
C THR C 131 35.85 26.64 9.99
N VAL C 132 36.48 25.75 10.73
CA VAL C 132 35.93 25.38 12.02
C VAL C 132 36.91 25.80 13.09
N ILE C 133 36.39 26.42 14.14
CA ILE C 133 37.24 26.85 15.27
C ILE C 133 36.79 26.24 16.58
N GLY C 134 37.64 25.40 17.15
CA GLY C 134 37.42 24.88 18.49
C GLY C 134 37.83 25.87 19.55
N ILE C 135 37.03 25.92 20.61
CA ILE C 135 37.35 26.79 21.71
C ILE C 135 37.53 25.94 22.95
N ASP C 136 38.73 25.98 23.50
CA ASP C 136 39.02 25.31 24.77
C ASP C 136 38.48 26.18 25.89
N TYR C 137 37.18 26.09 26.12
CA TYR C 137 36.57 26.85 27.23
C TYR C 137 37.07 26.29 28.57
N THR C 138 37.12 27.13 29.59
CA THR C 138 37.59 26.67 30.89
C THR C 138 36.55 25.69 31.44
N LEU C 139 36.98 24.54 31.95
CA LEU C 139 36.07 23.53 32.49
C LEU C 139 35.63 23.85 33.91
N SER C 140 34.51 23.26 34.30
CA SER C 140 34.06 23.24 35.68
C SER C 140 34.73 22.05 36.36
N PRO C 141 34.83 22.05 37.70
CA PRO C 141 34.32 23.04 38.64
C PRO C 141 35.23 24.25 38.87
N GLU C 142 36.37 24.33 38.17
CA GLU C 142 37.24 25.50 38.29
C GLU C 142 36.58 26.76 37.75
N ALA C 143 35.87 26.64 36.63
CA ALA C 143 35.03 27.71 36.12
C ALA C 143 33.59 27.31 36.38
N ARG C 144 32.74 28.33 36.58
CA ARG C 144 31.31 28.15 36.80
C ARG C 144 30.52 28.97 35.78
N PHE C 145 29.29 28.54 35.57
CA PHE C 145 28.36 29.30 34.77
C PHE C 145 28.38 30.76 35.23
N PRO C 146 28.48 31.73 34.30
CA PRO C 146 28.46 31.61 32.86
C PRO C 146 29.81 31.88 32.26
N GLN C 147 30.88 31.56 32.99
CA GLN C 147 32.21 31.83 32.48
C GLN C 147 32.38 31.30 31.05
N ALA C 148 32.13 30.01 30.87
CA ALA C 148 32.38 29.37 29.56
C ALA C 148 31.68 30.06 28.41
N ILE C 149 30.42 30.41 28.63
CA ILE C 149 29.65 31.17 27.65
C ILE C 149 30.36 32.47 27.30
N GLU C 150 30.66 33.26 28.34
CA GLU C 150 31.33 34.54 28.14
C GLU C 150 32.68 34.40 27.47
N GLU C 151 33.44 33.37 27.84
CA GLU C 151 34.71 33.11 27.16
C GLU C 151 34.48 32.88 25.66
N ILE C 152 33.40 32.17 25.33
CA ILE C 152 33.11 31.77 23.95
C ILE C 152 32.68 33.00 23.15
N VAL C 153 31.75 33.75 23.69
CA VAL C 153 31.29 34.98 23.06
C VAL C 153 32.45 35.97 22.89
N ALA C 154 33.30 36.08 23.89
CA ALA C 154 34.44 36.99 23.79
C ALA C 154 35.37 36.54 22.68
N ALA C 155 35.71 35.25 22.69
CA ALA C 155 36.58 34.68 21.66
C ALA C 155 36.01 34.90 20.27
N CYS C 156 34.70 34.74 20.14
CA CYS C 156 34.03 34.96 18.86
C CYS C 156 34.15 36.41 18.39
N CYS C 157 33.92 37.34 19.32
CA CYS C 157 34.03 38.77 19.04
C CYS C 157 35.45 39.19 18.64
N TYR C 158 36.44 38.65 19.35
CA TYR C 158 37.82 38.88 18.99
C TYR C 158 38.05 38.48 17.55
N PHE C 159 37.69 37.24 17.19
CA PHE C 159 37.89 36.76 15.81
C PHE C 159 37.19 37.66 14.78
N HIS C 160 35.98 38.10 15.10
CA HIS C 160 35.26 39.07 14.26
C HIS C 160 36.10 40.33 14.07
N GLN C 161 36.64 40.85 15.17
CA GLN C 161 37.44 42.07 15.15
C GLN C 161 38.73 41.90 14.36
N GLN C 162 39.41 40.77 14.56
CA GLN C 162 40.67 40.49 13.88
C GLN C 162 40.52 39.60 12.63
N ALA C 163 39.35 39.68 11.98
CA ALA C 163 39.05 38.84 10.81
C ALA C 163 40.11 38.93 9.72
N GLU C 164 40.53 40.17 9.42
CA GLU C 164 41.57 40.43 8.43
C GLU C 164 42.88 39.69 8.74
N ASP C 165 43.28 39.71 10.02
CA ASP C 165 44.54 39.11 10.47
C ASP C 165 44.58 37.60 10.30
N TYR C 166 43.58 36.92 10.86
CA TYR C 166 43.54 35.46 10.87
C TYR C 166 43.09 34.87 9.53
N GLN C 167 42.62 35.73 8.63
CA GLN C 167 42.22 35.30 7.28
C GLN C 167 41.09 34.28 7.29
N ILE C 168 39.97 34.72 7.88
CA ILE C 168 38.76 33.94 7.99
C ILE C 168 37.60 34.86 7.69
N ASN C 169 36.46 34.28 7.36
CA ASN C 169 35.29 35.05 7.00
C ASN C 169 34.34 35.04 8.19
N MET C 170 34.17 36.19 8.82
CA MET C 170 33.30 36.34 9.96
C MET C 170 32.04 37.15 9.62
N SER C 171 31.73 37.28 8.34
CA SER C 171 30.46 37.90 7.93
C SER C 171 29.31 37.00 8.33
N ARG C 172 29.54 35.69 8.24
CA ARG C 172 28.55 34.72 8.66
C ARG C 172 29.23 33.68 9.57
N ILE C 173 28.56 33.37 10.69
CA ILE C 173 29.09 32.45 11.69
C ILE C 173 28.06 31.40 12.12
N GLY C 174 28.58 30.33 12.76
CA GLY C 174 27.77 29.27 13.32
C GLY C 174 28.30 28.78 14.65
N PHE C 175 27.44 28.16 15.46
CA PHE C 175 27.87 27.48 16.67
C PHE C 175 27.45 26.04 16.61
N ALA C 176 28.30 25.16 17.15
CA ALA C 176 28.04 23.74 17.08
C ALA C 176 28.61 23.03 18.30
N GLY C 177 27.96 21.97 18.73
CA GLY C 177 28.44 21.21 19.87
C GLY C 177 27.61 19.97 20.16
N ASP C 178 28.20 19.09 20.97
CA ASP C 178 27.59 17.83 21.40
C ASP C 178 27.37 17.82 22.93
N ALA C 180 26.85 18.78 26.52
CA ALA C 180 27.04 20.10 27.14
C ALA C 180 27.42 21.17 26.13
N GLY C 181 28.21 20.77 25.12
CA GLY C 181 28.66 21.69 24.07
C GLY C 181 27.54 22.29 23.24
N ALA C 182 26.55 21.47 22.92
CA ALA C 182 25.33 21.94 22.30
C ALA C 182 24.57 22.94 23.20
N MET C 183 24.56 22.73 24.50
CA MET C 183 23.95 23.76 25.39
C MET C 183 24.71 25.08 25.22
N LEU C 184 26.06 25.00 25.22
CA LEU C 184 26.88 26.17 25.14
C LEU C 184 26.73 26.86 23.79
N ALA C 185 26.51 26.06 22.74
CA ALA C 185 26.39 26.60 21.39
C ALA C 185 25.13 27.42 21.31
N LEU C 186 24.01 26.82 21.70
CA LEU C 186 22.75 27.54 21.69
C LEU C 186 22.71 28.70 22.70
N ALA C 187 23.31 28.51 23.87
CA ALA C 187 23.33 29.57 24.88
C ALA C 187 24.10 30.78 24.34
N SER C 188 25.23 30.51 23.71
CA SER C 188 26.07 31.55 23.15
C SER C 188 25.38 32.30 22.02
N ALA C 189 24.73 31.59 21.12
CA ALA C 189 23.99 32.25 20.04
C ALA C 189 22.88 33.12 20.62
N LEU C 190 22.16 32.62 21.63
CA LEU C 190 21.10 33.41 22.24
C LEU C 190 21.65 34.64 22.98
N TRP C 191 22.76 34.47 23.70
CA TRP C 191 23.43 35.55 24.43
C TRP C 191 23.69 36.72 23.49
N LEU C 192 24.29 36.41 22.34
CA LEU C 192 24.58 37.39 21.30
C LEU C 192 23.31 38.06 20.79
N ARG C 193 22.25 37.29 20.64
CA ARG C 193 20.97 37.84 20.22
C ARG C 193 20.44 38.79 21.29
N ASP C 194 20.26 38.28 22.51
CA ASP C 194 19.62 39.04 23.59
C ASP C 194 20.37 40.34 23.92
N LYS C 195 21.70 40.27 24.00
CA LYS C 195 22.54 41.45 24.25
C LYS C 195 22.78 42.30 22.98
N GLN C 196 22.19 41.88 21.85
CA GLN C 196 22.27 42.61 20.57
C GLN C 196 23.70 42.89 20.08
N ILE C 197 24.64 42.04 20.47
CA ILE C 197 26.01 42.08 19.99
C ILE C 197 26.04 41.52 18.57
N ASP C 198 26.84 42.12 17.70
CA ASP C 198 27.04 41.61 16.35
C ASP C 198 28.49 41.20 16.17
N CYS C 199 28.77 39.92 16.38
CA CYS C 199 30.11 39.39 16.17
C CYS C 199 30.08 38.43 14.98
N GLY C 200 29.20 38.75 14.04
CA GLY C 200 28.92 37.92 12.89
C GLY C 200 27.47 37.56 12.82
N LYS C 201 26.92 37.57 11.61
CA LYS C 201 25.56 37.12 11.35
C LYS C 201 25.48 35.60 11.62
N VAL C 202 24.67 35.22 12.60
CA VAL C 202 24.58 33.82 13.01
C VAL C 202 23.65 33.06 12.07
N ALA C 203 24.25 32.27 11.19
CA ALA C 203 23.50 31.61 10.12
C ALA C 203 22.86 30.30 10.57
N GLY C 204 23.46 29.69 11.59
CA GLY C 204 23.01 28.39 12.06
C GLY C 204 23.69 27.92 13.34
N VAL C 205 23.00 27.02 14.02
CA VAL C 205 23.47 26.37 15.22
C VAL C 205 23.27 24.87 15.04
N LEU C 206 24.27 24.07 15.41
CA LEU C 206 24.30 22.63 15.15
C LEU C 206 24.38 21.92 16.49
N LEU C 207 23.34 21.14 16.81
CA LEU C 207 23.15 20.67 18.17
C LEU C 207 22.94 19.16 18.25
N TRP C 208 23.96 18.46 18.72
CA TRP C 208 23.94 17.00 18.78
C TRP C 208 23.68 16.50 20.18
N TYR C 209 22.55 15.84 20.38
CA TYR C 209 22.14 15.27 21.68
C TYR C 209 22.54 16.14 22.89
N GLY C 210 22.20 17.41 22.74
CA GLY C 210 22.42 18.36 23.81
C GLY C 210 21.41 18.20 24.94
N LEU C 211 21.61 18.99 25.99
CA LEU C 211 20.62 19.15 27.06
C LEU C 211 20.31 20.64 27.17
N TYR C 212 19.05 20.98 27.43
CA TYR C 212 18.65 22.39 27.33
C TYR C 212 17.81 22.87 28.49
N GLY C 213 17.69 22.06 29.54
CA GLY C 213 17.04 22.57 30.76
C GLY C 213 15.91 21.78 31.37
N LEU C 214 15.50 20.66 30.77
CA LEU C 214 14.51 19.80 31.43
C LEU C 214 15.05 19.26 32.74
N ARG C 215 14.21 19.14 33.75
CA ARG C 215 14.63 18.56 35.03
C ARG C 215 14.22 17.09 35.08
N ASP C 216 13.43 16.66 34.11
CA ASP C 216 12.81 15.34 34.14
C ASP C 216 12.14 15.20 32.80
N SER C 217 11.89 13.96 32.40
CA SER C 217 11.32 13.66 31.09
C SER C 217 11.06 12.18 30.98
N VAL C 218 10.29 11.79 29.96
CA VAL C 218 10.09 10.35 29.68
C VAL C 218 11.43 9.60 29.45
N THR C 219 12.30 10.15 28.63
CA THR C 219 13.57 9.48 28.31
C THR C 219 14.56 9.50 29.50
N ARG C 220 14.55 10.57 30.30
CA ARG C 220 15.35 10.63 31.51
C ARG C 220 14.99 9.52 32.49
N ARG C 221 13.70 9.19 32.63
CA ARG C 221 13.27 8.11 33.48
C ARG C 221 13.49 6.74 32.87
N LEU C 222 13.14 6.61 31.61
CA LEU C 222 13.16 5.32 30.93
C LEU C 222 14.60 4.90 30.50
N LEU C 223 15.50 5.85 30.30
CA LEU C 223 16.86 5.54 29.80
C LEU C 223 17.97 6.06 30.75
N GLY C 224 19.22 5.78 30.41
CA GLY C 224 20.36 6.16 31.27
C GLY C 224 20.56 5.26 32.48
N GLY C 225 21.69 4.56 32.46
CA GLY C 225 22.15 3.71 33.56
C GLY C 225 23.67 3.62 33.57
N VAL C 226 24.19 2.63 34.28
CA VAL C 226 25.64 2.40 34.40
C VAL C 226 26.33 2.24 33.03
N TRP C 227 25.63 1.67 32.05
CA TRP C 227 26.20 1.42 30.71
C TRP C 227 26.85 2.66 30.10
N ASP C 228 26.12 3.77 30.04
CA ASP C 228 26.68 5.04 29.53
C ASP C 228 26.82 6.10 30.65
N GLY C 229 26.50 5.69 31.88
CA GLY C 229 26.65 6.57 33.05
C GLY C 229 25.94 7.89 32.91
N LEU C 230 24.69 7.85 32.42
CA LEU C 230 23.85 9.04 32.32
C LEU C 230 22.62 8.98 33.23
N THR C 231 22.81 8.44 34.43
CA THR C 231 21.75 8.43 35.42
C THR C 231 21.35 9.86 35.77
N GLN C 232 20.14 10.02 36.31
CA GLN C 232 19.69 11.29 36.89
C GLN C 232 20.73 11.72 37.97
N GLN C 233 21.21 10.74 38.74
CA GLN C 233 22.33 10.92 39.68
C GLN C 233 23.59 11.54 39.03
N ASP C 234 24.08 10.92 37.95
CA ASP C 234 25.30 11.41 37.27
C ASP C 234 25.06 12.83 36.78
N LEU C 235 23.91 13.05 36.18
CA LEU C 235 23.58 14.33 35.60
C LEU C 235 23.48 15.45 36.63
N GLN C 236 22.98 15.12 37.81
CA GLN C 236 22.94 16.09 38.87
C GLN C 236 24.36 16.52 39.25
N MET C 237 25.24 15.52 39.44
CA MET C 237 26.65 15.79 39.76
C MET C 237 27.28 16.79 38.78
N TYR C 238 27.06 16.60 37.47
CA TYR C 238 27.69 17.51 36.49
C TYR C 238 27.07 18.90 36.60
N GLU C 239 25.76 18.95 36.75
CA GLU C 239 25.10 20.22 37.03
C GLU C 239 25.73 20.89 38.27
N GLU C 240 25.91 20.13 39.35
CA GLU C 240 26.44 20.71 40.60
C GLU C 240 27.85 21.27 40.44
N ALA C 241 28.63 20.70 39.53
CA ALA C 241 29.98 21.20 39.24
C ALA C 241 29.96 22.48 38.38
N TYR C 242 28.89 22.68 37.62
CA TYR C 242 28.85 23.71 36.57
C TYR C 242 28.19 25.01 37.07
N LEU C 243 27.07 24.89 37.76
CA LEU C 243 26.35 26.06 38.25
C LEU C 243 27.00 26.67 39.49
N SER C 244 27.00 28.00 39.57
CA SER C 244 27.32 28.72 40.82
C SER C 244 26.43 28.26 41.97
N ASN C 245 25.13 28.33 41.75
CA ASN C 245 24.14 28.05 42.78
C ASN C 245 22.83 27.61 42.16
N ASP C 246 21.84 27.35 43.00
CA ASP C 246 20.61 26.68 42.57
C ASP C 246 19.72 27.54 41.69
N ALA C 247 19.78 28.86 41.88
CA ALA C 247 18.99 29.79 41.08
C ALA C 247 19.34 29.73 39.59
N ASP C 248 20.60 29.46 39.29
CA ASP C 248 21.07 29.31 37.89
C ASP C 248 20.33 28.24 37.09
N ARG C 249 19.83 27.20 37.75
CA ARG C 249 19.00 26.19 37.09
C ARG C 249 17.90 26.79 36.24
N GLU C 250 17.50 28.02 36.55
CA GLU C 250 16.37 28.66 35.87
C GLU C 250 16.84 29.78 34.96
N SER C 251 18.12 30.12 35.04
CA SER C 251 18.69 31.07 34.08
C SER C 251 18.31 30.68 32.64
N PRO C 252 17.97 31.67 31.80
CA PRO C 252 17.67 31.41 30.41
C PRO C 252 18.90 31.14 29.55
N TYR C 253 20.08 31.03 30.16
CA TYR C 253 21.28 30.64 29.43
C TYR C 253 21.77 29.26 29.92
N TYR C 254 20.95 28.64 30.79
CA TYR C 254 21.10 27.24 31.20
C TYR C 254 19.82 26.49 30.83
N CYS C 255 18.70 26.85 31.46
CA CYS C 255 17.38 26.36 31.05
C CYS C 255 16.92 27.24 29.90
N LEU C 256 17.40 26.91 28.70
CA LEU C 256 17.14 27.68 27.49
C LEU C 256 15.67 27.78 27.20
N PHE C 257 14.89 26.81 27.66
CA PHE C 257 13.44 26.90 27.57
C PHE C 257 12.85 28.08 28.34
N ASN C 258 13.60 28.70 29.25
CA ASN C 258 13.14 29.95 29.91
C ASN C 258 13.48 31.20 29.13
N ASN C 259 14.27 31.05 28.09
CA ASN C 259 14.56 32.15 27.19
C ASN C 259 13.38 32.31 26.24
N ASP C 260 13.44 33.30 25.36
CA ASP C 260 12.42 33.49 24.34
C ASP C 260 12.86 32.72 23.09
N LEU C 261 12.13 31.64 22.82
CA LEU C 261 12.40 30.76 21.69
C LEU C 261 11.33 30.93 20.62
N THR C 262 10.54 32.01 20.69
CA THR C 262 9.38 32.17 19.83
C THR C 262 9.63 33.12 18.68
N ARG C 263 10.72 33.88 18.74
CA ARG C 263 11.06 34.80 17.66
C ARG C 263 12.57 34.98 17.54
N GLU C 264 13.01 35.19 16.32
CA GLU C 264 14.38 35.55 15.99
C GLU C 264 15.47 34.57 16.49
N VAL C 265 15.12 33.28 16.59
CA VAL C 265 16.08 32.24 16.91
C VAL C 265 16.80 31.85 15.60
N PRO C 266 18.15 31.75 15.64
CA PRO C 266 18.88 31.30 14.47
C PRO C 266 18.51 29.89 14.02
N PRO C 267 18.66 29.61 12.72
CA PRO C 267 18.37 28.27 12.27
C PRO C 267 19.07 27.23 13.14
N CYS C 268 18.30 26.25 13.61
CA CYS C 268 18.78 25.22 14.52
C CYS C 268 18.68 23.83 13.89
N PHE C 269 19.81 23.13 13.87
CA PHE C 269 19.83 21.73 13.48
C PHE C 269 19.94 20.90 14.73
N ILE C 270 19.01 19.98 14.90
CA ILE C 270 18.86 19.25 16.14
C ILE C 270 18.86 17.76 15.88
N ALA C 271 19.86 17.07 16.43
CA ALA C 271 20.04 15.64 16.27
C ALA C 271 19.85 14.97 17.60
N GLY C 272 18.98 13.97 17.64
CA GLY C 272 18.78 13.18 18.84
C GLY C 272 19.29 11.75 18.68
N ALA C 273 19.75 11.19 19.80
CA ALA C 273 20.07 9.78 19.95
C ALA C 273 18.85 9.03 20.44
N GLU C 274 18.53 7.91 19.80
CA GLU C 274 17.33 7.17 20.17
C GLU C 274 17.36 6.65 21.60
N PHE C 275 18.48 6.14 22.06
CA PHE C 275 18.51 5.51 23.37
C PHE C 275 19.28 6.34 24.37
N ASP C 276 19.00 7.64 24.33
CA ASP C 276 19.63 8.65 25.17
C ASP C 276 18.60 9.26 26.15
N PRO C 277 18.90 9.25 27.47
CA PRO C 277 17.96 9.90 28.37
C PRO C 277 17.73 11.40 28.05
N LEU C 278 18.65 12.02 27.32
CA LEU C 278 18.54 13.44 26.98
C LEU C 278 17.74 13.70 25.69
N LEU C 279 17.31 12.64 25.01
CA LEU C 279 16.54 12.79 23.78
C LEU C 279 15.38 13.79 23.89
N ASP C 280 14.58 13.72 24.98
CA ASP C 280 13.44 14.62 25.11
C ASP C 280 13.82 16.09 25.14
N ASP C 281 14.97 16.43 25.68
CA ASP C 281 15.43 17.81 25.61
C ASP C 281 15.50 18.28 24.18
N SER C 282 16.01 17.43 23.25
CA SER C 282 16.04 17.78 21.84
C SER C 282 14.64 17.81 21.23
N ARG C 283 13.83 16.81 21.53
CA ARG C 283 12.45 16.82 21.05
C ARG C 283 11.71 18.10 21.45
N LEU C 284 11.84 18.52 22.70
CA LEU C 284 11.14 19.71 23.17
C LEU C 284 11.62 20.93 22.45
N LEU C 285 12.93 21.03 22.27
CA LEU C 285 13.51 22.20 21.63
C LEU C 285 13.00 22.34 20.21
N TYR C 286 12.97 21.23 19.47
CA TYR C 286 12.46 21.24 18.10
C TYR C 286 10.97 21.57 18.06
N GLN C 287 10.18 20.87 18.85
CA GLN C 287 8.74 21.14 18.91
C GLN C 287 8.40 22.59 19.30
N THR C 288 9.21 23.18 20.17
CA THR C 288 9.04 24.57 20.55
C THR C 288 9.37 25.46 19.37
N LEU C 289 10.50 25.22 18.72
CA LEU C 289 10.90 26.04 17.59
C LEU C 289 9.89 25.90 16.45
N ALA C 290 9.58 24.68 16.07
CA ALA C 290 8.56 24.41 15.04
C ALA C 290 7.23 25.13 15.32
N ALA C 291 6.71 24.98 16.54
CA ALA C 291 5.45 25.59 16.91
C ALA C 291 5.43 27.12 16.75
N HIS C 292 6.59 27.77 16.75
CA HIS C 292 6.64 29.22 16.54
C HIS C 292 7.25 29.60 15.19
N GLN C 293 7.19 28.66 14.25
CA GLN C 293 7.79 28.81 12.93
C GLN C 293 9.20 29.39 12.98
N GLN C 294 10.03 28.92 13.90
CA GLN C 294 11.47 29.23 13.84
C GLN C 294 12.15 28.20 12.94
N PRO C 295 13.15 28.61 12.17
CA PRO C 295 13.77 27.68 11.21
C PRO C 295 14.53 26.58 11.93
N CYS C 296 14.25 25.32 11.61
CA CYS C 296 14.84 24.23 12.38
C CYS C 296 14.65 22.92 11.71
N GLU C 297 15.48 21.95 12.07
CA GLU C 297 15.39 20.62 11.52
C GLU C 297 15.73 19.66 12.64
N PHE C 298 14.98 18.57 12.70
CA PHE C 298 15.19 17.55 13.71
C PHE C 298 15.38 16.25 12.99
N LYS C 299 16.33 15.46 13.48
CA LYS C 299 16.51 14.13 12.96
C LYS C 299 16.89 13.26 14.13
N LEU C 300 16.28 12.09 14.15
CA LEU C 300 16.52 11.13 15.21
C LEU C 300 17.35 10.05 14.60
N TYR C 301 18.48 9.69 15.20
CA TYR C 301 19.33 8.68 14.62
C TYR C 301 19.08 7.32 15.27
N PRO C 302 18.51 6.37 14.52
CA PRO C 302 18.11 5.09 15.12
C PRO C 302 19.24 4.21 15.65
N GLY C 303 19.01 3.59 16.79
CA GLY C 303 19.93 2.59 17.33
C GLY C 303 21.10 3.18 18.06
N THR C 304 21.08 4.50 18.22
CA THR C 304 22.19 5.24 18.82
C THR C 304 22.07 5.40 20.32
N LEU C 305 23.23 5.44 20.97
CA LEU C 305 23.35 5.83 22.34
C LEU C 305 23.85 7.24 22.36
N HIS C 306 23.81 7.82 23.54
CA HIS C 306 24.29 9.15 23.76
C HIS C 306 25.77 9.18 23.43
N ALA C 307 26.28 10.32 23.00
CA ALA C 307 27.72 10.46 22.67
C ALA C 307 28.19 9.79 21.37
N PHE C 308 27.26 9.43 20.50
CA PHE C 308 27.60 8.56 19.34
C PHE C 308 28.47 9.20 18.27
N LEU C 309 28.57 10.51 18.30
CA LEU C 309 29.18 11.28 17.26
C LEU C 309 30.68 10.93 17.16
N HIS C 310 31.26 10.47 18.27
CA HIS C 310 32.66 10.01 18.25
C HIS C 310 32.92 8.75 17.42
N TYR C 311 31.89 8.01 17.03
CA TYR C 311 32.07 6.66 16.55
C TYR C 311 31.83 6.61 15.05
N SER C 312 32.01 7.78 14.43
CA SER C 312 31.80 7.99 13.00
C SER C 312 32.57 6.98 12.12
N ARG C 313 33.72 6.50 12.58
CA ARG C 313 34.53 5.55 11.82
CA ARG C 313 34.51 5.54 11.79
C ARG C 313 33.83 4.18 11.72
N MET C 314 33.13 3.79 12.78
CA MET C 314 32.48 2.47 12.82
C MET C 314 30.97 2.54 12.60
N MET C 315 30.38 3.72 12.63
CA MET C 315 28.93 3.88 12.62
C MET C 315 28.47 4.86 11.55
N LYS C 316 27.77 4.35 10.56
CA LYS C 316 27.12 5.19 9.57
C LYS C 316 26.34 6.34 10.17
N THR C 317 25.52 6.06 11.19
CA THR C 317 24.61 7.09 11.72
C THR C 317 25.41 8.22 12.28
N ALA C 318 26.49 7.91 12.98
CA ALA C 318 27.36 8.93 13.50
C ALA C 318 27.89 9.82 12.40
N ASP C 319 28.43 9.23 11.32
CA ASP C 319 28.96 10.04 10.22
C ASP C 319 27.82 10.76 9.54
N GLU C 320 26.69 10.10 9.43
CA GLU C 320 25.57 10.74 8.81
C GLU C 320 25.17 12.00 9.56
N ALA C 321 25.24 11.96 10.89
CA ALA C 321 24.80 13.10 11.70
C ALA C 321 25.69 14.31 11.51
N LEU C 322 26.99 14.06 11.35
CA LEU C 322 27.92 15.09 10.97
C LEU C 322 27.60 15.64 9.58
N ARG C 323 27.42 14.79 8.59
CA ARG C 323 27.00 15.28 7.27
C ARG C 323 25.74 16.15 7.31
N ASP C 324 24.72 15.67 8.01
CA ASP C 324 23.45 16.39 8.04
C ASP C 324 23.61 17.76 8.66
N GLY C 325 24.38 17.84 9.74
CA GLY C 325 24.71 19.10 10.37
C GLY C 325 25.40 20.03 9.40
N ALA C 326 26.49 19.56 8.77
CA ALA C 326 27.21 20.35 7.80
C ALA C 326 26.28 20.83 6.71
N GLN C 327 25.51 19.92 6.15
CA GLN C 327 24.63 20.27 5.04
C GLN C 327 23.60 21.33 5.45
N PHE C 328 23.00 21.18 6.62
CA PHE C 328 22.07 22.16 7.12
C PHE C 328 22.71 23.54 7.29
N PHE C 329 23.91 23.57 7.85
CA PHE C 329 24.57 24.83 8.06
C PHE C 329 24.85 25.52 6.73
N THR C 330 25.45 24.82 5.77
CA THR C 330 25.78 25.46 4.48
C THR C 330 24.55 25.85 3.68
N ALA C 331 23.43 25.18 3.93
CA ALA C 331 22.21 25.49 3.21
C ALA C 331 21.65 26.85 3.63
N GLN C 332 22.15 27.41 4.74
CA GLN C 332 21.70 28.71 5.24
C GLN C 332 22.50 29.90 4.67
N LEU C 333 23.52 29.62 3.86
CA LEU C 333 24.50 30.62 3.42
C LEU C 333 24.31 31.02 1.95
N LYS D 16 9.70 31.61 30.95
CA LYS D 16 8.96 32.33 29.86
C LYS D 16 7.86 31.43 29.26
N PRO D 17 6.60 31.59 29.73
CA PRO D 17 5.43 30.82 29.26
C PRO D 17 4.98 31.00 27.79
N GLU D 18 5.52 31.98 27.06
CA GLU D 18 5.12 32.20 25.65
C GLU D 18 5.48 31.06 24.71
N ASN D 19 6.26 30.08 25.19
CA ASN D 19 6.80 28.99 24.35
C ASN D 19 5.84 27.82 24.08
N LYS D 20 4.55 28.08 23.85
CA LYS D 20 3.55 27.01 23.71
C LYS D 20 2.94 26.87 22.32
N LEU D 21 2.27 25.75 22.12
CA LEU D 21 1.58 25.42 20.87
C LEU D 21 0.12 25.94 20.95
N PRO D 22 -0.40 26.60 19.87
CA PRO D 22 -1.78 27.12 19.89
C PRO D 22 -2.81 26.06 19.49
N VAL D 23 -3.33 25.34 20.48
CA VAL D 23 -4.01 24.07 20.23
C VAL D 23 -5.44 24.13 19.70
N LEU D 24 -6.13 25.23 19.96
CA LEU D 24 -7.56 25.33 19.61
C LEU D 24 -7.83 25.24 18.09
N ASP D 25 -6.77 25.23 17.29
CA ASP D 25 -6.86 25.00 15.83
C ASP D 25 -6.61 23.52 15.48
N LEU D 26 -5.89 22.83 16.35
CA LEU D 26 -5.40 21.46 16.12
C LEU D 26 -6.34 20.37 16.69
N ILE D 27 -7.16 20.76 17.66
CA ILE D 27 -8.18 19.86 18.21
C ILE D 27 -9.19 19.44 17.13
N SER D 28 -9.67 18.20 17.23
CA SER D 28 -10.68 17.65 16.32
C SER D 28 -11.97 18.49 16.29
N ALA D 29 -12.74 18.27 15.24
CA ALA D 29 -14.02 18.95 15.01
C ALA D 29 -14.97 18.77 16.19
N GLU D 30 -15.11 17.53 16.65
CA GLU D 30 -16.04 17.26 17.74
C GLU D 30 -15.53 17.84 19.06
N MET D 31 -14.20 17.90 19.20
CA MET D 31 -13.59 18.59 20.34
C MET D 31 -13.85 20.11 20.29
N LYS D 32 -13.79 20.72 19.11
CA LYS D 32 -14.16 22.13 18.95
C LYS D 32 -15.60 22.41 19.30
N THR D 33 -16.52 21.49 18.98
CA THR D 33 -17.93 21.69 19.29
C THR D 33 -18.12 21.79 20.80
N VAL D 34 -17.44 20.92 21.55
CA VAL D 34 -17.48 20.98 23.00
C VAL D 34 -17.00 22.34 23.56
N VAL D 35 -15.85 22.79 23.08
CA VAL D 35 -15.25 24.06 23.53
C VAL D 35 -16.17 25.24 23.25
N ASN D 36 -16.84 25.24 22.09
CA ASN D 36 -17.76 26.33 21.70
C ASN D 36 -19.17 26.17 22.29
N THR D 37 -19.40 25.13 23.09
CA THR D 37 -20.70 24.99 23.76
C THR D 37 -20.79 26.03 24.88
N LEU D 38 -21.72 26.95 24.74
CA LEU D 38 -21.94 27.94 25.79
C LEU D 38 -22.97 27.40 26.75
N GLN D 39 -22.79 27.71 28.03
CA GLN D 39 -23.83 27.51 29.03
C GLN D 39 -24.26 28.90 29.56
N PRO D 40 -25.30 29.52 28.95
CA PRO D 40 -25.80 30.81 29.48
C PRO D 40 -26.44 30.66 30.88
N ASP D 41 -27.33 29.68 31.01
CA ASP D 41 -27.75 29.12 32.30
C ASP D 41 -26.65 29.20 33.40
N LEU D 42 -25.43 28.80 33.06
CA LEU D 42 -24.28 28.84 34.00
C LEU D 42 -24.02 30.25 34.52
N PRO D 43 -23.97 30.41 35.86
CA PRO D 43 -23.46 31.65 36.43
C PRO D 43 -22.02 31.98 35.98
N PRO D 44 -21.64 33.28 36.04
CA PRO D 44 -20.27 33.67 35.65
C PRO D 44 -19.19 33.04 36.51
N TRP D 45 -18.04 32.78 35.92
CA TRP D 45 -16.87 32.26 36.63
C TRP D 45 -16.53 33.23 37.77
N PRO D 46 -16.62 32.76 39.02
CA PRO D 46 -16.28 33.64 40.12
C PRO D 46 -14.79 33.47 40.42
N ALA D 47 -14.01 34.48 40.10
CA ALA D 47 -12.58 34.42 40.38
C ALA D 47 -12.42 34.99 41.79
N THR D 48 -12.98 34.24 42.72
CA THR D 48 -13.15 34.65 44.10
C THR D 48 -11.99 34.08 44.97
N GLY D 49 -11.32 33.05 44.44
CA GLY D 49 -10.21 32.39 45.11
C GLY D 49 -10.52 31.56 46.35
N THR D 50 -11.79 31.41 46.70
CA THR D 50 -12.14 30.57 47.81
C THR D 50 -12.54 29.16 47.33
N ILE D 51 -12.14 28.14 48.08
CA ILE D 51 -12.25 26.77 47.63
C ILE D 51 -13.71 26.32 47.42
N ALA D 52 -14.62 26.72 48.30
CA ALA D 52 -16.00 26.27 48.20
C ALA D 52 -16.61 26.69 46.87
N GLU D 53 -16.33 27.90 46.43
CA GLU D 53 -16.86 28.39 45.18
C GLU D 53 -16.16 27.78 43.99
N GLN D 54 -14.89 27.42 44.13
CA GLN D 54 -14.23 26.71 43.06
C GLN D 54 -14.85 25.32 42.91
N ARG D 55 -15.09 24.63 44.02
CA ARG D 55 -15.71 23.31 43.96
C ARG D 55 -17.16 23.43 43.42
N GLN D 56 -17.91 24.43 43.86
CA GLN D 56 -19.29 24.57 43.39
C GLN D 56 -19.38 24.87 41.91
N TYR D 57 -18.55 25.79 41.45
CA TYR D 57 -18.45 26.06 40.04
C TYR D 57 -18.15 24.80 39.20
N TYR D 58 -17.14 24.08 39.61
CA TYR D 58 -16.79 22.83 38.93
C TYR D 58 -17.99 21.89 38.90
N THR D 59 -18.72 21.79 40.00
CA THR D 59 -19.88 20.91 40.12
C THR D 59 -21.02 21.35 39.17
N LEU D 60 -21.28 22.67 39.13
CA LEU D 60 -22.31 23.26 38.25
C LEU D 60 -21.94 23.18 36.78
N GLU D 61 -20.71 23.53 36.46
CA GLU D 61 -20.25 23.43 35.10
C GLU D 61 -20.30 21.99 34.57
N ARG D 62 -19.97 20.99 35.39
CA ARG D 62 -19.93 19.60 34.94
C ARG D 62 -21.33 19.00 34.76
N ARG D 63 -22.31 19.54 35.47
CA ARG D 63 -23.65 19.02 35.46
C ARG D 63 -24.23 18.90 34.04
N PHE D 64 -24.06 19.93 33.23
CA PHE D 64 -24.57 19.89 31.88
C PHE D 64 -24.11 18.64 31.17
N TRP D 65 -22.85 18.26 31.39
CA TRP D 65 -22.18 17.17 30.71
C TRP D 65 -22.55 15.80 31.28
N ASN D 66 -23.16 15.76 32.45
CA ASN D 66 -23.59 14.52 33.07
C ASN D 66 -25.00 14.12 32.71
N ALA D 67 -25.72 14.96 31.99
CA ALA D 67 -27.12 14.65 31.65
C ALA D 67 -27.26 13.50 30.67
N GLY D 68 -28.41 12.89 30.73
CA GLY D 68 -28.75 11.76 29.87
C GLY D 68 -27.97 10.51 30.16
N ALA D 69 -27.50 10.37 31.39
CA ALA D 69 -26.72 9.20 31.75
C ALA D 69 -27.55 7.87 31.79
N PRO D 70 -26.91 6.71 31.62
CA PRO D 70 -27.67 5.44 31.65
C PRO D 70 -28.46 5.28 32.90
N GLU D 71 -29.73 4.95 32.75
CA GLU D 71 -30.55 4.53 33.87
C GLU D 71 -29.96 3.28 34.49
N MET D 72 -29.89 3.26 35.82
CA MET D 72 -29.63 2.05 36.60
C MET D 72 -29.84 2.27 38.08
N ALA D 73 -29.91 1.15 38.76
CA ALA D 73 -30.07 1.09 40.18
C ALA D 73 -28.77 1.59 40.82
N THR D 74 -28.90 2.50 41.76
CA THR D 74 -27.80 3.06 42.48
C THR D 74 -28.18 3.22 43.94
N ARG D 75 -27.19 3.14 44.80
CA ARG D 75 -27.35 3.31 46.22
C ARG D 75 -26.18 4.10 46.73
N ALA D 76 -26.47 4.97 47.70
CA ALA D 76 -25.44 5.65 48.48
C ALA D 76 -25.23 4.96 49.85
N TYR D 77 -23.97 4.81 50.25
CA TYR D 77 -23.56 4.12 51.47
C TYR D 77 -22.30 4.78 52.06
N MET D 78 -22.30 5.02 53.35
CA MET D 78 -21.12 5.46 54.08
C MET D 78 -20.34 4.20 54.49
N VAL D 79 -19.00 4.24 54.37
CA VAL D 79 -18.15 3.14 54.76
C VAL D 79 -17.03 3.68 55.65
N PRO D 80 -16.52 2.84 56.57
CA PRO D 80 -15.56 3.23 57.60
C PRO D 80 -14.15 3.31 57.06
N THR D 81 -13.38 4.31 57.47
CA THR D 81 -11.94 4.32 57.16
C THR D 81 -11.22 4.71 58.44
N LYS D 82 -9.90 4.68 58.39
CA LYS D 82 -9.09 5.17 59.49
C LYS D 82 -9.39 6.63 59.83
N TYR D 83 -9.82 7.40 58.85
CA TYR D 83 -10.04 8.83 59.04
C TYR D 83 -11.49 9.22 59.26
N GLY D 84 -12.36 8.24 59.45
CA GLY D 84 -13.79 8.52 59.55
C GLY D 84 -14.50 7.97 58.31
N GLN D 85 -15.80 8.12 58.30
CA GLN D 85 -16.62 7.55 57.27
C GLN D 85 -16.56 8.33 55.96
N VAL D 86 -16.55 7.59 54.85
CA VAL D 86 -16.70 8.22 53.56
C VAL D 86 -17.88 7.70 52.77
N GLU D 87 -18.46 8.62 52.00
CA GLU D 87 -19.53 8.29 51.10
C GLU D 87 -19.03 7.54 49.85
N THR D 88 -19.85 6.60 49.43
CA THR D 88 -19.67 5.84 48.23
C THR D 88 -21.01 5.77 47.50
N ARG D 89 -20.96 5.51 46.21
CA ARG D 89 -22.15 5.29 45.41
C ARG D 89 -21.98 4.01 44.59
N LEU D 90 -22.89 3.03 44.79
CA LEU D 90 -22.90 1.83 43.99
C LEU D 90 -23.81 1.95 42.78
N PHE D 91 -23.29 1.56 41.62
CA PHE D 91 -24.04 1.51 40.41
C PHE D 91 -24.14 0.06 40.01
N CYS D 92 -25.35 -0.47 39.94
CA CYS D 92 -25.55 -1.91 39.67
C CYS D 92 -26.29 -2.15 38.35
N PRO D 93 -25.54 -2.47 37.27
CA PRO D 93 -26.18 -2.63 35.97
C PRO D 93 -27.01 -3.92 35.80
N GLN D 94 -26.70 -4.97 36.55
CA GLN D 94 -27.40 -6.26 36.39
C GLN D 94 -27.19 -7.08 37.65
N PRO D 95 -28.01 -8.12 37.87
CA PRO D 95 -27.89 -8.70 39.21
C PRO D 95 -26.74 -9.72 39.37
N ASP D 96 -26.04 -10.11 38.30
CA ASP D 96 -24.91 -11.05 38.46
C ASP D 96 -23.59 -10.49 37.95
N SER D 97 -23.10 -9.49 38.65
CA SER D 97 -21.85 -8.88 38.32
C SER D 97 -20.69 -9.83 38.55
N PRO D 98 -19.79 -9.97 37.55
CA PRO D 98 -18.60 -10.76 37.72
C PRO D 98 -17.44 -10.09 38.47
N ALA D 99 -17.53 -8.81 38.80
CA ALA D 99 -16.41 -8.08 39.42
C ALA D 99 -16.87 -6.72 39.89
N THR D 100 -16.07 -6.07 40.71
CA THR D 100 -16.44 -4.79 41.19
C THR D 100 -15.36 -3.79 40.85
N LEU D 101 -15.77 -2.72 40.18
CA LEU D 101 -14.88 -1.68 39.67
C LEU D 101 -15.00 -0.48 40.56
N PHE D 102 -13.91 -0.09 41.23
CA PHE D 102 -13.86 1.12 42.01
C PHE D 102 -13.48 2.31 41.17
N TYR D 103 -14.29 3.36 41.23
CA TYR D 103 -14.02 4.61 40.44
C TYR D 103 -13.62 5.80 41.34
N LEU D 104 -12.44 6.30 41.01
CA LEU D 104 -11.83 7.50 41.57
C LEU D 104 -11.84 8.69 40.62
N HIS D 105 -12.64 9.67 40.97
CA HIS D 105 -12.80 10.89 40.13
C HIS D 105 -11.57 11.78 40.22
N GLY D 106 -11.25 12.45 39.11
CA GLY D 106 -10.28 13.53 39.08
C GLY D 106 -10.82 14.83 39.60
N GLY D 107 -10.12 15.90 39.27
CA GLY D 107 -10.35 17.23 39.84
C GLY D 107 -9.15 17.81 40.59
N GLY D 108 -7.93 17.43 40.18
CA GLY D 108 -6.71 18.02 40.72
C GLY D 108 -6.44 17.84 42.19
N PHE D 109 -7.10 16.85 42.77
CA PHE D 109 -7.01 16.47 44.17
C PHE D 109 -7.87 17.36 45.02
N ILE D 110 -8.26 18.52 44.49
CA ILE D 110 -8.96 19.49 45.28
C ILE D 110 -10.42 19.73 44.91
N LEU D 111 -10.82 19.31 43.70
CA LEU D 111 -12.17 19.49 43.19
C LEU D 111 -12.79 18.11 42.90
N GLY D 112 -14.08 18.10 42.60
CA GLY D 112 -14.78 16.91 42.17
C GLY D 112 -15.52 16.21 43.26
N ASN D 113 -16.43 15.33 42.86
CA ASN D 113 -17.23 14.58 43.79
C ASN D 113 -17.95 13.48 43.00
N LEU D 114 -18.95 12.86 43.61
CA LEU D 114 -19.55 11.74 42.93
C LEU D 114 -20.55 12.25 41.87
N ASP D 115 -21.02 13.48 42.05
CA ASP D 115 -21.98 14.02 41.07
C ASP D 115 -21.27 14.40 39.79
N THR D 116 -20.05 14.88 39.88
CA THR D 116 -19.34 15.36 38.68
C THR D 116 -18.98 14.29 37.70
N HIS D 117 -18.89 13.07 38.18
CA HIS D 117 -18.44 11.94 37.42
C HIS D 117 -19.50 10.84 37.30
N ASP D 118 -20.72 11.22 37.63
CA ASP D 118 -21.86 10.32 37.62
C ASP D 118 -22.06 9.65 36.24
N ARG D 119 -22.10 10.45 35.19
CA ARG D 119 -22.27 9.87 33.85
C ARG D 119 -21.19 8.90 33.49
N ILE D 120 -19.93 9.24 33.81
CA ILE D 120 -18.81 8.37 33.49
C ILE D 120 -18.95 7.00 34.20
N MET D 121 -19.32 7.05 35.46
CA MET D 121 -19.37 5.86 36.24
C MET D 121 -20.52 4.96 35.76
N ARG D 122 -21.68 5.56 35.44
CA ARG D 122 -22.81 4.85 34.83
C ARG D 122 -22.49 4.27 33.45
N LEU D 123 -21.82 5.04 32.61
CA LEU D 123 -21.36 4.48 31.32
C LEU D 123 -20.43 3.30 31.49
N LEU D 124 -19.51 3.38 32.44
CA LEU D 124 -18.64 2.25 32.73
C LEU D 124 -19.36 1.03 33.29
N ALA D 125 -20.31 1.24 34.19
CA ALA D 125 -21.14 0.14 34.64
C ALA D 125 -21.91 -0.50 33.49
N SER D 126 -22.57 0.35 32.70
CA SER D 126 -23.34 -0.10 31.53
C SER D 126 -22.43 -0.85 30.53
N TYR D 127 -21.29 -0.28 30.19
CA TYR D 127 -20.43 -0.96 29.16
C TYR D 127 -19.74 -2.20 29.74
N SER D 128 -19.45 -2.23 31.05
CA SER D 128 -18.72 -3.36 31.61
C SER D 128 -19.66 -4.45 32.07
N GLN D 129 -20.89 -4.07 32.33
CA GLN D 129 -21.85 -4.89 33.07
C GLN D 129 -21.34 -5.36 34.43
N CYS D 130 -20.46 -4.56 35.03
CA CYS D 130 -19.98 -4.84 36.37
C CYS D 130 -20.49 -3.77 37.31
N THR D 131 -20.63 -4.12 38.58
CA THR D 131 -20.88 -3.09 39.60
C THR D 131 -19.71 -2.09 39.60
N VAL D 132 -20.03 -0.81 39.59
CA VAL D 132 -19.06 0.28 39.74
C VAL D 132 -19.40 0.97 41.08
N ILE D 133 -18.38 1.19 41.89
CA ILE D 133 -18.49 1.89 43.16
C ILE D 133 -17.60 3.11 43.15
N GLY D 134 -18.23 4.29 43.15
CA GLY D 134 -17.54 5.56 43.29
C GLY D 134 -17.21 5.85 44.73
N ILE D 135 -15.98 6.25 44.96
CA ILE D 135 -15.49 6.60 46.26
C ILE D 135 -15.27 8.10 46.41
N ASP D 136 -15.99 8.69 47.37
CA ASP D 136 -15.92 10.13 47.67
C ASP D 136 -14.79 10.36 48.66
N TYR D 137 -13.56 10.29 48.17
CA TYR D 137 -12.40 10.41 49.04
C TYR D 137 -12.29 11.88 49.49
N THR D 138 -11.69 12.09 50.64
CA THR D 138 -11.50 13.42 51.15
C THR D 138 -10.56 14.26 50.26
N LEU D 139 -11.05 15.43 49.88
CA LEU D 139 -10.33 16.33 49.03
C LEU D 139 -9.20 17.01 49.77
N SER D 140 -8.14 17.28 49.05
CA SER D 140 -7.13 18.19 49.49
C SER D 140 -7.58 19.66 49.26
N PRO D 141 -7.00 20.60 49.98
CA PRO D 141 -5.90 20.46 50.96
C PRO D 141 -6.32 20.11 52.35
N GLU D 142 -7.62 19.92 52.61
CA GLU D 142 -8.05 19.55 53.94
C GLU D 142 -7.45 18.21 54.33
N ALA D 143 -7.45 17.28 53.38
CA ALA D 143 -6.73 16.02 53.51
C ALA D 143 -5.44 16.11 52.71
N ARG D 144 -4.41 15.39 53.17
CA ARG D 144 -3.10 15.41 52.52
C ARG D 144 -2.77 13.98 52.13
N PHE D 145 -1.91 13.78 51.13
CA PHE D 145 -1.36 12.49 50.82
C PHE D 145 -0.78 11.88 52.08
N PRO D 146 -1.04 10.57 52.35
CA PRO D 146 -1.77 9.56 51.60
C PRO D 146 -3.19 9.29 52.14
N GLN D 147 -3.86 10.28 52.68
CA GLN D 147 -5.17 9.98 53.27
C GLN D 147 -6.13 9.37 52.23
N ALA D 148 -6.22 9.96 51.03
CA ALA D 148 -7.23 9.48 50.06
C ALA D 148 -7.00 8.00 49.71
N ILE D 149 -5.75 7.66 49.50
CA ILE D 149 -5.38 6.33 49.18
C ILE D 149 -5.75 5.36 50.31
N GLU D 150 -5.42 5.73 51.53
CA GLU D 150 -5.83 4.96 52.70
C GLU D 150 -7.33 4.80 52.85
N GLU D 151 -8.07 5.84 52.49
CA GLU D 151 -9.53 5.74 52.48
C GLU D 151 -10.09 4.73 51.43
N ILE D 152 -9.42 4.69 50.27
CA ILE D 152 -9.86 3.93 49.12
C ILE D 152 -9.56 2.44 49.44
N VAL D 153 -8.37 2.22 49.98
CA VAL D 153 -7.94 0.90 50.37
C VAL D 153 -8.88 0.40 51.45
N ALA D 154 -9.16 1.26 52.43
CA ALA D 154 -10.09 0.88 53.48
C ALA D 154 -11.46 0.56 52.94
N ALA D 155 -12.00 1.42 52.07
CA ALA D 155 -13.34 1.18 51.52
C ALA D 155 -13.45 -0.14 50.77
N CYS D 156 -12.48 -0.38 49.92
CA CYS D 156 -12.39 -1.57 49.16
C CYS D 156 -12.30 -2.86 49.99
N CYS D 157 -11.39 -2.89 50.97
CA CYS D 157 -11.39 -3.94 52.02
C CYS D 157 -12.69 -4.10 52.79
N TYR D 158 -13.35 -3.00 53.09
CA TYR D 158 -14.61 -3.09 53.81
C TYR D 158 -15.64 -3.80 52.91
N PHE D 159 -15.71 -3.40 51.64
CA PHE D 159 -16.64 -4.00 50.68
C PHE D 159 -16.34 -5.49 50.46
N HIS D 160 -15.07 -5.87 50.51
CA HIS D 160 -14.68 -7.27 50.39
C HIS D 160 -15.16 -8.06 51.59
N GLN D 161 -14.83 -7.57 52.77
CA GLN D 161 -15.31 -8.18 54.00
C GLN D 161 -16.84 -8.31 54.06
N GLN D 162 -17.53 -7.26 53.65
CA GLN D 162 -18.99 -7.22 53.73
C GLN D 162 -19.71 -7.46 52.37
N ALA D 163 -19.01 -8.03 51.39
CA ALA D 163 -19.60 -8.30 50.05
C ALA D 163 -21.03 -8.86 50.09
N GLU D 164 -21.27 -9.89 50.88
CA GLU D 164 -22.60 -10.48 50.98
C GLU D 164 -23.67 -9.49 51.42
N ASP D 165 -23.32 -8.58 52.32
CA ASP D 165 -24.25 -7.56 52.78
C ASP D 165 -24.63 -6.55 51.71
N TYR D 166 -23.74 -6.30 50.77
CA TYR D 166 -24.05 -5.34 49.71
C TYR D 166 -24.39 -6.04 48.42
N GLN D 167 -24.35 -7.36 48.41
CA GLN D 167 -24.72 -8.15 47.22
C GLN D 167 -23.84 -7.92 46.00
N ILE D 168 -22.54 -7.92 46.23
CA ILE D 168 -21.57 -7.64 45.19
C ILE D 168 -20.58 -8.76 45.11
N ASN D 169 -19.94 -8.85 43.97
CA ASN D 169 -18.89 -9.80 43.76
C ASN D 169 -17.54 -9.10 43.95
N MET D 170 -16.88 -9.37 45.07
CA MET D 170 -15.55 -8.78 45.36
C MET D 170 -14.40 -9.74 45.09
N SER D 171 -14.69 -10.89 44.50
CA SER D 171 -13.67 -11.90 44.25
C SER D 171 -12.70 -11.37 43.22
N ARG D 172 -13.18 -10.46 42.39
CA ARG D 172 -12.34 -9.78 41.44
C ARG D 172 -12.75 -8.31 41.39
N ILE D 173 -11.76 -7.43 41.41
CA ILE D 173 -11.97 -6.02 41.48
C ILE D 173 -11.08 -5.32 40.47
N GLY D 174 -11.40 -4.05 40.27
CA GLY D 174 -10.59 -3.14 39.51
C GLY D 174 -10.61 -1.73 40.05
N PHE D 175 -9.65 -0.95 39.60
CA PHE D 175 -9.61 0.48 39.89
C PHE D 175 -9.62 1.24 38.60
N ALA D 176 -10.29 2.38 38.61
CA ALA D 176 -10.36 3.24 37.43
C ALA D 176 -10.45 4.70 37.82
N GLY D 177 -9.85 5.54 37.00
CA GLY D 177 -9.97 6.96 37.23
C GLY D 177 -9.45 7.84 36.15
N ASP D 178 -9.71 9.12 36.29
CA ASP D 178 -9.33 10.17 35.35
C ASP D 178 -8.48 11.21 36.05
N ALA D 180 -6.16 13.18 38.28
CA ALA D 180 -5.76 12.82 39.66
C ALA D 180 -6.29 11.44 40.09
N GLY D 181 -7.46 11.08 39.57
CA GLY D 181 -8.12 9.84 39.92
C GLY D 181 -7.45 8.60 39.38
N ALA D 182 -6.83 8.73 38.20
CA ALA D 182 -5.98 7.72 37.67
C ALA D 182 -4.75 7.51 38.56
N MET D 183 -4.11 8.60 39.01
CA MET D 183 -3.03 8.44 40.01
C MET D 183 -3.52 7.63 41.16
N LEU D 184 -4.72 7.98 41.69
CA LEU D 184 -5.22 7.30 42.87
C LEU D 184 -5.52 5.84 42.60
N ALA D 185 -6.10 5.55 41.43
CA ALA D 185 -6.43 4.19 41.08
C ALA D 185 -5.20 3.33 41.10
N LEU D 186 -4.17 3.78 40.38
CA LEU D 186 -2.96 2.97 40.27
C LEU D 186 -2.22 2.95 41.60
N ALA D 187 -2.16 4.09 42.27
CA ALA D 187 -1.52 4.10 43.60
C ALA D 187 -2.17 3.12 44.55
N SER D 188 -3.49 2.98 44.47
CA SER D 188 -4.21 2.09 45.37
C SER D 188 -3.92 0.64 45.03
N ALA D 189 -4.01 0.30 43.75
CA ALA D 189 -3.64 -1.06 43.28
C ALA D 189 -2.22 -1.45 43.75
N LEU D 190 -1.28 -0.53 43.59
CA LEU D 190 0.11 -0.78 44.02
C LEU D 190 0.22 -0.93 45.54
N TRP D 191 -0.51 -0.11 46.29
CA TRP D 191 -0.52 -0.26 47.76
C TRP D 191 -0.98 -1.65 48.17
N LEU D 192 -2.04 -2.13 47.54
CA LEU D 192 -2.60 -3.42 47.83
C LEU D 192 -1.62 -4.54 47.52
N ARG D 193 -1.04 -4.51 46.31
CA ARG D 193 0.05 -5.41 45.97
C ARG D 193 1.24 -5.32 46.92
N ASP D 194 1.71 -4.13 47.22
CA ASP D 194 2.94 -3.99 48.02
C ASP D 194 2.77 -4.49 49.47
N LYS D 195 1.56 -4.35 50.02
CA LYS D 195 1.23 -4.83 51.37
C LYS D 195 0.65 -6.23 51.35
N GLN D 196 0.54 -6.84 50.16
CA GLN D 196 0.03 -8.20 50.02
C GLN D 196 -1.35 -8.39 50.69
N ILE D 197 -2.16 -7.34 50.64
CA ILE D 197 -3.53 -7.41 51.11
C ILE D 197 -4.40 -8.11 50.07
N ASP D 198 -5.26 -9.03 50.51
CA ASP D 198 -6.26 -9.63 49.62
C ASP D 198 -7.59 -9.05 49.97
N CYS D 199 -8.00 -8.07 49.15
CA CYS D 199 -9.33 -7.51 49.20
C CYS D 199 -9.97 -7.73 47.82
N GLY D 200 -9.68 -8.89 47.25
CA GLY D 200 -10.09 -9.25 45.91
C GLY D 200 -8.95 -9.25 44.92
N LYS D 201 -9.03 -10.12 43.92
CA LYS D 201 -8.02 -10.16 42.86
C LYS D 201 -8.15 -8.95 41.94
N VAL D 202 -7.07 -8.17 41.80
CA VAL D 202 -7.13 -6.97 40.99
C VAL D 202 -6.95 -7.37 39.54
N ALA D 203 -8.05 -7.42 38.81
CA ALA D 203 -8.09 -7.89 37.45
C ALA D 203 -7.56 -6.84 36.51
N GLY D 204 -7.86 -5.57 36.80
CA GLY D 204 -7.28 -4.48 36.03
C GLY D 204 -7.46 -3.09 36.59
N VAL D 205 -6.75 -2.20 35.94
CA VAL D 205 -6.67 -0.79 36.32
C VAL D 205 -6.86 0.05 35.07
N LEU D 206 -7.77 0.98 35.14
CA LEU D 206 -8.19 1.75 33.97
C LEU D 206 -7.85 3.22 34.19
N LEU D 207 -7.01 3.79 33.35
CA LEU D 207 -6.36 5.05 33.66
C LEU D 207 -6.50 6.08 32.54
N TRP D 208 -7.34 7.07 32.73
CA TRP D 208 -7.58 8.07 31.70
C TRP D 208 -6.86 9.38 32.00
N TYR D 209 -5.91 9.70 31.10
CA TYR D 209 -5.09 10.91 31.16
C TYR D 209 -4.63 11.24 32.59
N GLY D 210 -3.98 10.26 33.20
CA GLY D 210 -3.42 10.45 34.52
C GLY D 210 -2.12 11.25 34.57
N LEU D 211 -1.75 11.57 35.79
CA LEU D 211 -0.37 11.94 36.09
C LEU D 211 0.16 10.96 37.12
N TYR D 212 1.44 10.66 37.02
CA TYR D 212 2.04 9.58 37.79
C TYR D 212 3.35 9.93 38.46
N GLY D 213 3.69 11.22 38.47
CA GLY D 213 4.83 11.67 39.24
C GLY D 213 6.00 12.30 38.50
N LEU D 214 5.88 12.51 37.18
CA LEU D 214 6.91 13.26 36.46
C LEU D 214 6.91 14.71 36.96
N ARG D 215 8.09 15.32 37.04
CA ARG D 215 8.22 16.69 37.53
C ARG D 215 8.30 17.68 36.37
N ASP D 216 8.41 17.14 35.17
CA ASP D 216 8.75 17.89 33.95
C ASP D 216 8.73 16.89 32.82
N SER D 217 8.43 17.36 31.63
CA SER D 217 8.32 16.54 30.43
C SER D 217 8.19 17.45 29.25
N VAL D 218 8.32 16.87 28.05
CA VAL D 218 8.10 17.62 26.82
C VAL D 218 6.68 18.17 26.78
N THR D 219 5.70 17.31 26.98
CA THR D 219 4.31 17.80 26.93
C THR D 219 3.96 18.80 28.05
N ARG D 220 4.50 18.64 29.24
CA ARG D 220 4.28 19.66 30.31
C ARG D 220 4.81 21.05 29.89
N ARG D 221 5.91 21.10 29.13
CA ARG D 221 6.51 22.36 28.78
C ARG D 221 5.82 22.96 27.59
N LEU D 222 5.48 22.09 26.65
CA LEU D 222 4.93 22.51 25.38
C LEU D 222 3.42 22.80 25.41
N LEU D 223 2.66 22.12 26.26
CA LEU D 223 1.20 22.26 26.27
C LEU D 223 0.71 22.81 27.60
N GLY D 224 -0.59 23.02 27.70
CA GLY D 224 -1.20 23.49 28.95
C GLY D 224 -1.37 25.00 29.06
N GLY D 225 -2.54 25.40 29.54
CA GLY D 225 -2.89 26.81 29.68
C GLY D 225 -4.24 27.09 30.32
N VAL D 226 -4.83 28.21 29.90
CA VAL D 226 -6.09 28.73 30.47
C VAL D 226 -7.23 27.84 29.99
N TRP D 227 -7.16 27.47 28.72
CA TRP D 227 -8.09 26.53 28.09
C TRP D 227 -8.20 25.15 28.79
N ASP D 228 -7.28 24.82 29.71
CA ASP D 228 -7.42 23.59 30.54
C ASP D 228 -7.04 23.74 32.05
N GLY D 229 -6.52 24.90 32.46
CA GLY D 229 -5.97 25.06 33.81
C GLY D 229 -4.85 24.06 34.18
N LEU D 230 -4.00 23.74 33.20
CA LEU D 230 -2.87 22.85 33.43
C LEU D 230 -1.52 23.46 33.04
N THR D 231 -1.28 24.71 33.38
CA THR D 231 0.10 25.21 33.32
C THR D 231 0.93 24.49 34.38
N GLN D 232 2.24 24.57 34.25
CA GLN D 232 3.16 23.98 35.24
C GLN D 232 2.94 24.60 36.61
N GLN D 233 2.65 25.89 36.63
CA GLN D 233 2.28 26.60 37.85
C GLN D 233 0.99 26.06 38.46
N ASP D 234 -0.06 25.86 37.65
CA ASP D 234 -1.31 25.27 38.16
C ASP D 234 -1.03 23.88 38.79
N LEU D 235 -0.24 23.08 38.10
CA LEU D 235 0.03 21.73 38.55
C LEU D 235 0.78 21.74 39.86
N GLN D 236 1.59 22.78 40.06
CA GLN D 236 2.36 22.88 41.26
C GLN D 236 1.43 23.24 42.45
N MET D 237 0.50 24.16 42.23
CA MET D 237 -0.54 24.50 43.21
C MET D 237 -1.32 23.24 43.64
N TYR D 238 -1.75 22.41 42.69
CA TYR D 238 -2.52 21.20 43.05
C TYR D 238 -1.66 20.25 43.86
N GLU D 239 -0.44 20.01 43.38
CA GLU D 239 0.49 19.18 44.12
C GLU D 239 0.72 19.66 45.57
N GLU D 240 0.89 20.97 45.74
CA GLU D 240 1.16 21.52 47.05
C GLU D 240 -0.11 21.60 47.93
N ALA D 241 -1.27 21.37 47.33
CA ALA D 241 -2.48 21.11 48.13
C ALA D 241 -2.53 19.66 48.63
N TYR D 242 -2.06 18.72 47.80
CA TYR D 242 -2.21 17.28 48.07
C TYR D 242 -1.07 16.74 48.98
N LEU D 243 0.17 17.08 48.64
CA LEU D 243 1.35 16.75 49.43
C LEU D 243 1.65 17.72 50.57
N SER D 244 1.94 17.16 51.73
CA SER D 244 2.44 17.95 52.87
C SER D 244 3.91 18.30 52.81
N ASN D 245 4.68 17.34 52.33
CA ASN D 245 6.14 17.34 52.39
C ASN D 245 6.71 17.33 51.01
N ASP D 246 7.87 17.93 50.90
CA ASP D 246 8.66 17.83 49.69
C ASP D 246 9.04 16.37 49.42
N ALA D 247 9.36 15.63 50.47
CA ALA D 247 9.83 14.26 50.32
C ALA D 247 8.79 13.36 49.66
N ASP D 248 7.50 13.57 49.95
CA ASP D 248 6.44 12.79 49.34
C ASP D 248 6.43 12.85 47.82
N ARG D 249 7.15 13.79 47.23
CA ARG D 249 7.25 13.86 45.78
C ARG D 249 8.01 12.69 45.19
N GLU D 250 8.74 12.00 46.06
CA GLU D 250 9.50 10.80 45.73
C GLU D 250 8.86 9.51 46.21
N SER D 251 7.82 9.60 47.03
CA SER D 251 7.11 8.42 47.49
C SER D 251 6.67 7.55 46.33
N PRO D 252 6.81 6.22 46.50
CA PRO D 252 6.38 5.27 45.49
C PRO D 252 4.84 5.18 45.28
N TYR D 253 4.06 5.91 46.09
CA TYR D 253 2.60 6.02 45.90
C TYR D 253 2.16 7.39 45.44
N TYR D 254 3.13 8.29 45.22
CA TYR D 254 2.90 9.53 44.47
C TYR D 254 3.69 9.49 43.14
N CYS D 255 5.03 9.42 43.22
CA CYS D 255 5.84 9.16 41.99
C CYS D 255 5.85 7.66 41.77
N LEU D 256 4.88 7.19 40.99
CA LEU D 256 4.65 5.75 40.82
C LEU D 256 5.84 5.13 40.04
N PHE D 257 6.60 5.97 39.37
CA PHE D 257 7.82 5.47 38.73
C PHE D 257 8.95 5.18 39.72
N ASN D 258 8.77 5.51 41.01
CA ASN D 258 9.73 5.12 42.05
C ASN D 258 9.33 3.83 42.71
N ASN D 259 8.17 3.32 42.33
CA ASN D 259 7.74 2.01 42.74
C ASN D 259 8.32 1.01 41.79
N ASP D 260 8.15 -0.26 42.10
CA ASP D 260 8.61 -1.32 41.24
C ASP D 260 7.49 -1.61 40.25
N LEU D 261 7.71 -1.22 39.01
CA LEU D 261 6.77 -1.43 37.92
C LEU D 261 7.25 -2.53 37.00
N THR D 262 8.18 -3.35 37.49
CA THR D 262 8.85 -4.32 36.66
C THR D 262 8.23 -5.70 36.78
N ARG D 263 7.42 -5.93 37.81
CA ARG D 263 6.85 -7.24 38.03
C ARG D 263 5.57 -7.18 38.84
N GLU D 264 4.68 -8.15 38.60
CA GLU D 264 3.36 -8.26 39.27
C GLU D 264 2.52 -6.99 39.25
N VAL D 265 2.56 -6.26 38.16
CA VAL D 265 1.73 -5.08 38.03
C VAL D 265 0.44 -5.53 37.39
N PRO D 266 -0.71 -5.11 37.93
CA PRO D 266 -1.94 -5.52 37.29
C PRO D 266 -2.12 -4.96 35.90
N PRO D 267 -2.92 -5.64 35.08
CA PRO D 267 -3.20 -5.14 33.76
C PRO D 267 -3.66 -3.70 33.78
N CYS D 268 -3.00 -2.86 33.00
CA CYS D 268 -3.29 -1.43 32.95
C CYS D 268 -3.74 -1.00 31.57
N PHE D 269 -4.93 -0.42 31.50
CA PHE D 269 -5.42 0.28 30.33
C PHE D 269 -5.08 1.76 30.49
N ILE D 270 -4.27 2.27 29.57
CA ILE D 270 -3.77 3.62 29.66
C ILE D 270 -4.24 4.42 28.47
N ALA D 271 -5.00 5.47 28.74
CA ALA D 271 -5.58 6.32 27.71
C ALA D 271 -4.94 7.71 27.78
N GLY D 272 -4.39 8.17 26.64
CA GLY D 272 -3.82 9.50 26.56
C GLY D 272 -4.67 10.46 25.77
N ALA D 273 -4.57 11.74 26.10
CA ALA D 273 -5.21 12.82 25.35
C ALA D 273 -4.10 13.48 24.59
N GLU D 274 -4.38 13.92 23.37
CA GLU D 274 -3.30 14.28 22.46
C GLU D 274 -2.68 15.61 22.84
N PHE D 275 -3.52 16.58 23.17
CA PHE D 275 -3.05 17.94 23.44
C PHE D 275 -3.12 18.23 24.92
N ASP D 276 -2.43 17.43 25.69
CA ASP D 276 -2.55 17.44 27.12
C ASP D 276 -1.17 17.45 27.70
N PRO D 277 -0.85 18.45 28.54
CA PRO D 277 0.51 18.44 29.10
C PRO D 277 0.84 17.18 29.91
N LEU D 278 -0.16 16.49 30.41
CA LEU D 278 0.06 15.23 31.13
C LEU D 278 0.25 14.02 30.22
N LEU D 279 0.22 14.19 28.91
CA LEU D 279 0.33 13.05 28.02
C LEU D 279 1.59 12.21 28.29
N ASP D 280 2.70 12.88 28.51
CA ASP D 280 3.95 12.20 28.73
C ASP D 280 4.01 11.29 29.97
N ASP D 281 3.24 11.61 31.01
CA ASP D 281 3.12 10.71 32.15
C ASP D 281 2.52 9.37 31.75
N SER D 282 1.48 9.39 30.91
CA SER D 282 0.89 8.14 30.40
C SER D 282 1.87 7.43 29.44
N ARG D 283 2.51 8.20 28.59
CA ARG D 283 3.49 7.57 27.65
C ARG D 283 4.62 6.85 28.42
N LEU D 284 5.13 7.45 29.50
CA LEU D 284 6.22 6.85 30.27
C LEU D 284 5.76 5.58 30.98
N LEU D 285 4.53 5.64 31.50
CA LEU D 285 3.94 4.56 32.23
C LEU D 285 3.74 3.36 31.33
N TYR D 286 3.16 3.60 30.17
CA TYR D 286 3.06 2.56 29.17
C TYR D 286 4.45 2.01 28.74
N GLN D 287 5.40 2.88 28.46
CA GLN D 287 6.68 2.36 27.91
C GLN D 287 7.44 1.58 29.00
N THR D 288 7.24 1.97 30.26
CA THR D 288 7.89 1.29 31.37
C THR D 288 7.29 -0.10 31.51
N LEU D 289 5.96 -0.19 31.58
CA LEU D 289 5.27 -1.46 31.77
C LEU D 289 5.61 -2.38 30.58
N ALA D 290 5.49 -1.84 29.38
CA ALA D 290 5.78 -2.63 28.16
C ALA D 290 7.21 -3.14 28.14
N ALA D 291 8.17 -2.30 28.50
CA ALA D 291 9.57 -2.74 28.56
C ALA D 291 9.84 -3.93 29.50
N HIS D 292 9.00 -4.11 30.51
CA HIS D 292 9.17 -5.22 31.46
C HIS D 292 8.11 -6.27 31.26
N GLN D 293 7.51 -6.26 30.08
CA GLN D 293 6.50 -7.21 29.69
C GLN D 293 5.33 -7.32 30.68
N GLN D 294 4.98 -6.22 31.33
CA GLN D 294 3.78 -6.16 32.16
C GLN D 294 2.55 -5.94 31.28
N PRO D 295 1.42 -6.55 31.65
CA PRO D 295 0.21 -6.48 30.80
C PRO D 295 -0.36 -5.08 30.80
N CYS D 296 -0.52 -4.51 29.62
CA CYS D 296 -0.93 -3.12 29.48
C CYS D 296 -1.42 -2.86 28.06
N GLU D 297 -2.17 -1.78 27.87
CA GLU D 297 -2.54 -1.31 26.55
C GLU D 297 -2.52 0.22 26.60
N PHE D 298 -2.04 0.84 25.55
CA PHE D 298 -2.01 2.27 25.44
C PHE D 298 -2.83 2.70 24.23
N LYS D 299 -3.71 3.65 24.42
CA LYS D 299 -4.42 4.25 23.31
C LYS D 299 -4.36 5.79 23.41
N LEU D 300 -3.98 6.43 22.33
CA LEU D 300 -3.98 7.86 22.21
C LEU D 300 -5.20 8.25 21.43
N TYR D 301 -6.06 9.04 22.04
CA TYR D 301 -7.30 9.52 21.46
C TYR D 301 -6.98 10.82 20.72
N PRO D 302 -6.98 10.79 19.38
CA PRO D 302 -6.54 11.96 18.61
C PRO D 302 -7.44 13.13 18.75
N GLY D 303 -6.87 14.31 18.81
CA GLY D 303 -7.67 15.52 18.71
C GLY D 303 -8.29 15.96 20.02
N THR D 304 -7.91 15.34 21.14
CA THR D 304 -8.54 15.61 22.44
C THR D 304 -7.75 16.57 23.31
N LEU D 305 -8.48 17.27 24.17
CA LEU D 305 -7.92 17.99 25.30
C LEU D 305 -8.00 17.11 26.52
N HIS D 306 -7.31 17.53 27.56
CA HIS D 306 -7.43 16.92 28.89
C HIS D 306 -8.89 16.99 29.34
N ALA D 307 -9.32 16.03 30.17
CA ALA D 307 -10.67 16.04 30.74
C ALA D 307 -11.78 15.64 29.78
N PHE D 308 -11.44 15.05 28.62
CA PHE D 308 -12.40 14.83 27.54
C PHE D 308 -13.46 13.78 27.80
N LEU D 309 -13.22 12.92 28.79
CA LEU D 309 -14.07 11.80 29.10
C LEU D 309 -15.51 12.25 29.48
N HIS D 310 -15.60 13.47 30.01
CA HIS D 310 -16.90 14.02 30.36
C HIS D 310 -17.83 14.34 29.19
N TYR D 311 -17.29 14.39 27.97
CA TYR D 311 -18.05 14.89 26.85
C TYR D 311 -18.61 13.78 25.98
N SER D 312 -18.82 12.60 26.57
CA SER D 312 -19.29 11.41 25.86
C SER D 312 -20.58 11.64 25.06
N ARG D 313 -21.52 12.41 25.55
CA ARG D 313 -22.77 12.67 24.82
CA ARG D 313 -22.76 12.66 24.81
C ARG D 313 -22.54 13.36 23.46
N MET D 314 -21.56 14.27 23.40
CA MET D 314 -21.27 15.07 22.17
C MET D 314 -20.09 14.56 21.36
N MET D 315 -19.19 13.81 21.99
CA MET D 315 -17.94 13.37 21.40
C MET D 315 -17.82 11.85 21.38
N LYS D 316 -17.77 11.31 20.18
CA LYS D 316 -17.53 9.91 19.92
C LYS D 316 -16.29 9.38 20.63
N THR D 317 -15.22 10.16 20.58
CA THR D 317 -13.93 9.79 21.15
C THR D 317 -14.00 9.59 22.69
N ALA D 318 -14.71 10.47 23.36
CA ALA D 318 -14.98 10.33 24.81
C ALA D 318 -15.64 9.00 25.12
N ASP D 319 -16.74 8.75 24.42
CA ASP D 319 -17.46 7.53 24.58
C ASP D 319 -16.62 6.32 24.23
N GLU D 320 -15.88 6.39 23.13
CA GLU D 320 -14.98 5.29 22.74
C GLU D 320 -13.96 4.96 23.82
N ALA D 321 -13.35 6.00 24.37
CA ALA D 321 -12.43 5.81 25.46
C ALA D 321 -13.06 5.07 26.68
N LEU D 322 -14.32 5.34 26.98
CA LEU D 322 -14.97 4.59 28.05
C LEU D 322 -15.20 3.11 27.68
N ARG D 323 -15.66 2.91 26.45
CA ARG D 323 -15.88 1.56 25.95
C ARG D 323 -14.57 0.81 25.93
N ASP D 324 -13.49 1.44 25.47
CA ASP D 324 -12.23 0.72 25.39
C ASP D 324 -11.76 0.23 26.77
N GLY D 325 -11.95 1.06 27.80
CA GLY D 325 -11.54 0.70 29.14
C GLY D 325 -12.36 -0.42 29.72
N ALA D 326 -13.68 -0.28 29.56
CA ALA D 326 -14.61 -1.28 30.04
C ALA D 326 -14.32 -2.65 29.44
N GLN D 327 -14.11 -2.63 28.14
CA GLN D 327 -13.82 -3.82 27.38
C GLN D 327 -12.47 -4.45 27.81
N PHE D 328 -11.44 -3.62 27.98
CA PHE D 328 -10.18 -4.07 28.56
C PHE D 328 -10.40 -4.76 29.89
N PHE D 329 -11.18 -4.14 30.78
CA PHE D 329 -11.41 -4.72 32.08
C PHE D 329 -12.07 -6.10 31.96
N THR D 330 -13.15 -6.18 31.19
CA THR D 330 -13.88 -7.42 31.11
C THR D 330 -13.09 -8.53 30.41
N ALA D 331 -12.20 -8.16 29.49
CA ALA D 331 -11.31 -9.16 28.85
C ALA D 331 -10.35 -9.83 29.84
N GLN D 332 -10.16 -9.26 31.02
CA GLN D 332 -9.28 -9.86 32.01
C GLN D 332 -10.02 -10.81 32.94
N LEU D 333 -11.34 -10.83 32.86
CA LEU D 333 -12.11 -11.64 33.80
C LEU D 333 -12.22 -13.07 33.33
N HIS E 5 -49.54 -7.54 -14.70
CA HIS E 5 -49.51 -6.58 -13.55
C HIS E 5 -49.46 -7.31 -12.20
N HIS E 6 -50.20 -8.42 -12.12
CA HIS E 6 -50.19 -9.35 -10.97
C HIS E 6 -48.79 -9.88 -10.59
N HIS E 7 -48.45 -9.76 -9.31
CA HIS E 7 -47.23 -10.32 -8.77
C HIS E 7 -47.56 -11.75 -8.34
N HIS E 8 -46.56 -12.57 -8.05
CA HIS E 8 -46.77 -14.01 -7.79
C HIS E 8 -46.39 -14.40 -6.35
N HIS E 9 -47.27 -15.13 -5.67
CA HIS E 9 -46.94 -15.70 -4.37
C HIS E 9 -46.01 -16.89 -4.56
N HIS E 10 -44.82 -16.79 -4.00
CA HIS E 10 -43.83 -17.86 -4.10
C HIS E 10 -44.06 -18.93 -3.04
N THR E 11 -44.23 -20.18 -3.47
CA THR E 11 -44.46 -21.27 -2.53
C THR E 11 -43.15 -21.92 -2.09
N ASP E 12 -42.14 -21.87 -2.96
CA ASP E 12 -40.86 -22.52 -2.72
C ASP E 12 -39.82 -21.56 -2.15
N PRO E 13 -38.73 -22.12 -1.62
CA PRO E 13 -37.69 -21.21 -1.12
C PRO E 13 -37.19 -20.32 -2.28
N ILE E 14 -36.87 -19.06 -1.95
CA ILE E 14 -36.50 -18.06 -2.95
C ILE E 14 -34.98 -17.90 -2.79
N MET E 15 -34.23 -18.41 -3.77
CA MET E 15 -32.83 -18.84 -3.60
C MET E 15 -32.84 -20.15 -2.82
N LYS E 16 -32.14 -21.17 -3.33
CA LYS E 16 -31.97 -22.41 -2.60
C LYS E 16 -31.10 -22.08 -1.38
N PRO E 17 -31.64 -22.31 -0.16
CA PRO E 17 -30.99 -21.90 1.09
C PRO E 17 -29.50 -22.18 1.14
N GLU E 18 -29.09 -23.35 0.66
CA GLU E 18 -27.65 -23.66 0.58
C GLU E 18 -26.88 -22.66 -0.29
N ASN E 19 -27.55 -21.95 -1.21
CA ASN E 19 -26.85 -20.97 -2.06
C ASN E 19 -26.42 -19.70 -1.33
N LYS E 20 -27.02 -19.41 -0.20
CA LYS E 20 -26.75 -18.16 0.51
C LYS E 20 -25.36 -18.14 1.10
N LEU E 21 -24.85 -16.93 1.36
CA LEU E 21 -23.59 -16.74 2.04
C LEU E 21 -23.61 -17.26 3.48
N PRO E 22 -22.46 -17.77 3.97
CA PRO E 22 -22.33 -18.25 5.35
C PRO E 22 -22.14 -17.05 6.29
N VAL E 23 -23.19 -16.26 6.41
CA VAL E 23 -23.17 -14.92 6.98
C VAL E 23 -22.49 -14.87 8.36
N LEU E 24 -22.81 -15.85 9.21
CA LEU E 24 -22.34 -15.86 10.61
C LEU E 24 -20.83 -16.01 10.74
N ASP E 25 -20.17 -16.46 9.68
CA ASP E 25 -18.70 -16.51 9.65
C ASP E 25 -18.09 -15.23 9.10
N LEU E 26 -18.89 -14.44 8.39
CA LEU E 26 -18.40 -13.24 7.73
C LEU E 26 -18.49 -11.95 8.57
N ILE E 27 -19.50 -11.88 9.45
CA ILE E 27 -19.70 -10.71 10.33
C ILE E 27 -18.50 -10.35 11.25
N SER E 28 -18.35 -9.06 11.56
CA SER E 28 -17.25 -8.58 12.40
C SER E 28 -17.23 -9.18 13.82
N ALA E 29 -16.07 -9.09 14.48
CA ALA E 29 -15.90 -9.54 15.87
C ALA E 29 -16.92 -8.93 16.81
N GLU E 30 -17.09 -7.62 16.66
CA GLU E 30 -18.06 -6.83 17.39
C GLU E 30 -19.47 -7.39 17.24
N MET E 31 -19.84 -7.75 16.01
CA MET E 31 -21.17 -8.27 15.70
C MET E 31 -21.31 -9.71 16.22
N LYS E 32 -20.25 -10.54 16.07
CA LYS E 32 -20.23 -11.90 16.66
C LYS E 32 -20.46 -11.88 18.15
N THR E 33 -19.92 -10.88 18.83
CA THR E 33 -20.11 -10.74 20.27
C THR E 33 -21.60 -10.65 20.68
N VAL E 34 -22.39 -9.89 19.92
CA VAL E 34 -23.84 -9.83 20.07
C VAL E 34 -24.51 -11.17 19.73
N VAL E 35 -24.10 -11.79 18.62
CA VAL E 35 -24.68 -13.09 18.22
C VAL E 35 -24.41 -14.20 19.24
N ASN E 36 -23.27 -14.16 19.92
CA ASN E 36 -22.97 -15.18 20.91
C ASN E 36 -23.43 -14.79 22.32
N THR E 37 -24.18 -13.70 22.45
CA THR E 37 -24.71 -13.33 23.77
C THR E 37 -25.89 -14.25 24.03
N LEU E 38 -25.84 -14.97 25.14
CA LEU E 38 -26.92 -15.87 25.50
C LEU E 38 -27.84 -15.18 26.52
N GLN E 39 -29.13 -15.43 26.38
CA GLN E 39 -30.16 -15.02 27.34
C GLN E 39 -30.89 -16.29 27.84
N PRO E 40 -30.31 -17.01 28.82
CA PRO E 40 -30.94 -18.26 29.31
C PRO E 40 -32.21 -18.01 30.14
N ASP E 41 -32.30 -16.82 30.73
CA ASP E 41 -33.53 -16.33 31.37
C ASP E 41 -34.75 -16.23 30.41
N LEU E 42 -34.52 -16.25 29.09
CA LEU E 42 -35.63 -16.19 28.10
C LEU E 42 -36.45 -17.48 28.06
N PRO E 43 -37.73 -17.36 27.65
CA PRO E 43 -38.48 -18.56 27.21
C PRO E 43 -37.91 -19.14 25.92
N PRO E 44 -38.30 -20.38 25.58
CA PRO E 44 -37.81 -20.92 24.32
C PRO E 44 -38.56 -20.31 23.13
N TRP E 45 -38.01 -20.43 21.91
CA TRP E 45 -38.72 -20.03 20.70
C TRP E 45 -40.15 -20.54 20.75
N PRO E 46 -41.13 -19.68 20.41
CA PRO E 46 -42.51 -20.17 20.28
C PRO E 46 -42.62 -21.30 19.25
N ALA E 47 -43.31 -22.37 19.60
CA ALA E 47 -43.52 -23.52 18.68
C ALA E 47 -44.64 -23.20 17.69
N THR E 48 -45.45 -22.22 18.05
CA THR E 48 -46.68 -21.91 17.32
C THR E 48 -46.51 -20.67 16.45
N GLY E 49 -47.35 -20.61 15.43
CA GLY E 49 -47.41 -19.45 14.55
C GLY E 49 -48.32 -18.35 15.04
N THR E 50 -48.96 -18.52 16.19
CA THR E 50 -49.90 -17.51 16.59
C THR E 50 -49.16 -16.16 16.83
N ILE E 51 -49.80 -15.05 16.47
CA ILE E 51 -49.10 -13.75 16.45
C ILE E 51 -48.70 -13.21 17.82
N ALA E 52 -49.54 -13.39 18.83
CA ALA E 52 -49.31 -12.84 20.16
C ALA E 52 -48.01 -13.30 20.79
N GLU E 53 -47.69 -14.57 20.65
CA GLU E 53 -46.52 -15.14 21.24
C GLU E 53 -45.34 -14.66 20.46
N GLN E 54 -45.47 -14.50 19.15
CA GLN E 54 -44.38 -13.94 18.36
C GLN E 54 -44.09 -12.51 18.85
N ARG E 55 -45.14 -11.73 19.06
CA ARG E 55 -44.99 -10.34 19.49
C ARG E 55 -44.39 -10.28 20.91
N GLN E 56 -44.87 -11.16 21.78
CA GLN E 56 -44.39 -11.24 23.16
C GLN E 56 -42.92 -11.63 23.22
N TYR E 57 -42.54 -12.58 22.40
CA TYR E 57 -41.18 -13.04 22.39
C TYR E 57 -40.25 -11.90 21.94
N TYR E 58 -40.64 -11.21 20.88
CA TYR E 58 -39.85 -10.09 20.37
C TYR E 58 -39.65 -9.04 21.47
N THR E 59 -40.74 -8.64 22.13
CA THR E 59 -40.73 -7.72 23.24
C THR E 59 -39.78 -8.17 24.39
N LEU E 60 -39.85 -9.46 24.79
CA LEU E 60 -39.06 -9.99 25.88
C LEU E 60 -37.57 -10.11 25.50
N GLU E 61 -37.30 -10.61 24.31
CA GLU E 61 -35.95 -10.73 23.80
C GLU E 61 -35.25 -9.37 23.61
N ARG E 62 -35.98 -8.33 23.19
CA ARG E 62 -35.39 -7.01 22.96
C ARG E 62 -35.12 -6.27 24.25
N ARG E 63 -35.81 -6.63 25.32
CA ARG E 63 -35.71 -5.90 26.58
C ARG E 63 -34.26 -5.89 27.10
N PHE E 64 -33.57 -7.00 27.03
CA PHE E 64 -32.18 -7.04 27.45
C PHE E 64 -31.39 -5.92 26.76
N TRP E 65 -31.64 -5.74 25.47
CA TRP E 65 -30.89 -4.80 24.66
C TRP E 65 -31.26 -3.34 24.93
N ASN E 66 -32.41 -3.09 25.58
CA ASN E 66 -32.88 -1.74 25.86
C ASN E 66 -32.44 -1.18 27.19
N ALA E 67 -31.85 -2.03 28.01
CA ALA E 67 -31.40 -1.67 29.34
C ALA E 67 -30.31 -0.62 29.31
N GLY E 68 -30.28 0.17 30.36
CA GLY E 68 -29.28 1.19 30.52
C GLY E 68 -29.47 2.43 29.68
N ALA E 69 -30.67 2.65 29.15
CA ALA E 69 -30.91 3.77 28.22
C ALA E 69 -30.76 5.15 28.86
N PRO E 70 -30.55 6.19 28.04
CA PRO E 70 -30.37 7.50 28.68
C PRO E 70 -31.56 7.91 29.51
N GLU E 71 -31.27 8.41 30.69
CA GLU E 71 -32.31 8.89 31.59
C GLU E 71 -32.84 10.20 30.97
N MET E 72 -34.17 10.35 31.00
CA MET E 72 -34.85 11.60 30.66
C MET E 72 -36.35 11.60 30.89
N ALA E 73 -36.87 12.80 30.87
CA ALA E 73 -38.25 13.08 31.00
C ALA E 73 -39.04 12.40 29.86
N THR E 74 -39.99 11.54 30.20
CA THR E 74 -40.86 10.95 29.21
C THR E 74 -42.30 11.07 29.68
N ARG E 75 -43.21 11.10 28.71
CA ARG E 75 -44.64 11.19 28.93
C ARG E 75 -45.29 10.37 27.83
N ALA E 76 -46.29 9.58 28.22
CA ALA E 76 -47.15 8.85 27.29
C ALA E 76 -48.47 9.61 27.08
N TYR E 77 -48.87 9.80 25.83
CA TYR E 77 -50.11 10.54 25.48
C TYR E 77 -50.81 9.82 24.37
N MET E 78 -52.13 9.69 24.49
CA MET E 78 -52.93 9.16 23.38
C MET E 78 -53.27 10.34 22.45
N VAL E 79 -53.26 10.11 21.14
CA VAL E 79 -53.59 11.15 20.17
C VAL E 79 -54.59 10.62 19.11
N PRO E 80 -55.43 11.52 18.59
CA PRO E 80 -56.55 11.10 17.73
C PRO E 80 -56.10 10.86 16.32
N THR E 81 -56.65 9.83 15.69
CA THR E 81 -56.49 9.57 14.26
C THR E 81 -57.85 9.20 13.72
N LYS E 82 -57.92 9.04 12.41
CA LYS E 82 -59.16 8.63 11.75
C LYS E 82 -59.54 7.18 12.13
N TYR E 83 -58.59 6.42 12.64
CA TYR E 83 -58.87 5.04 13.00
C TYR E 83 -59.00 4.85 14.47
N GLY E 84 -59.02 5.93 15.25
CA GLY E 84 -59.06 5.83 16.72
C GLY E 84 -57.76 6.34 17.32
N GLN E 85 -57.71 6.44 18.63
CA GLN E 85 -56.57 6.97 19.33
C GLN E 85 -55.38 6.04 19.25
N VAL E 86 -54.19 6.61 19.07
CA VAL E 86 -52.92 5.85 19.20
C VAL E 86 -52.00 6.40 20.27
N GLU E 87 -51.33 5.49 20.94
CA GLU E 87 -50.38 5.85 21.96
C GLU E 87 -49.11 6.41 21.33
N THR E 88 -48.58 7.41 22.00
CA THR E 88 -47.31 7.98 21.64
C THR E 88 -46.49 8.13 22.92
N ARG E 89 -45.18 8.19 22.73
CA ARG E 89 -44.31 8.45 23.84
C ARG E 89 -43.36 9.56 23.47
N LEU E 90 -43.31 10.55 24.35
CA LEU E 90 -42.56 11.76 24.11
C LEU E 90 -41.29 11.77 25.00
N PHE E 91 -40.12 11.90 24.38
CA PHE E 91 -38.84 11.97 25.08
C PHE E 91 -38.26 13.39 24.96
N CYS E 92 -38.00 14.02 26.11
N CYS E 92 -38.06 14.06 26.11
CA CYS E 92 -37.66 15.45 26.15
CA CYS E 92 -37.65 15.49 26.13
C CYS E 92 -36.29 15.63 26.77
C CYS E 92 -36.29 15.63 26.77
N PRO E 93 -35.24 15.73 25.95
CA PRO E 93 -33.88 15.82 26.52
C PRO E 93 -33.52 17.16 27.18
N GLN E 94 -34.18 18.25 26.81
CA GLN E 94 -33.92 19.58 27.40
C GLN E 94 -35.09 20.50 27.17
N PRO E 95 -35.19 21.63 27.90
CA PRO E 95 -36.43 22.39 27.76
C PRO E 95 -36.55 23.27 26.49
N ASP E 96 -35.52 23.40 25.67
CA ASP E 96 -35.66 24.22 24.43
C ASP E 96 -35.32 23.49 23.13
N SER E 97 -36.16 22.54 22.74
CA SER E 97 -35.91 21.76 21.54
C SER E 97 -36.13 22.60 20.29
N PRO E 98 -35.19 22.53 19.33
CA PRO E 98 -35.34 23.26 18.08
C PRO E 98 -36.19 22.57 17.00
N ALA E 99 -36.59 21.31 17.23
CA ALA E 99 -37.39 20.56 16.27
C ALA E 99 -37.98 19.32 16.98
N THR E 100 -38.81 18.58 16.26
CA THR E 100 -39.40 17.39 16.78
C THR E 100 -39.23 16.21 15.85
N LEU E 101 -38.63 15.16 16.36
CA LEU E 101 -38.27 14.00 15.57
C LEU E 101 -39.24 12.90 15.87
N PHE E 102 -39.96 12.41 14.86
CA PHE E 102 -40.90 11.31 15.02
C PHE E 102 -40.23 10.00 14.73
N TYR E 103 -40.44 9.01 15.59
CA TYR E 103 -39.73 7.72 15.49
C TYR E 103 -40.73 6.60 15.27
N LEU E 104 -40.44 5.87 14.20
CA LEU E 104 -41.25 4.74 13.74
C LEU E 104 -40.46 3.44 13.87
N HIS E 105 -40.87 2.64 14.81
CA HIS E 105 -40.17 1.33 15.02
C HIS E 105 -40.28 0.31 13.89
N GLY E 106 -39.20 -0.41 13.68
CA GLY E 106 -39.20 -1.61 12.86
C GLY E 106 -39.98 -2.73 13.50
N GLY E 107 -39.98 -3.86 12.82
CA GLY E 107 -40.77 -5.04 13.30
C GLY E 107 -41.53 -5.81 12.24
N GLY E 108 -41.08 -5.72 10.98
CA GLY E 108 -41.77 -6.36 9.85
C GLY E 108 -43.23 -5.95 9.61
N PHE E 109 -43.61 -4.78 10.10
CA PHE E 109 -44.99 -4.31 10.08
C PHE E 109 -45.88 -5.09 11.06
N ILE E 110 -45.40 -6.22 11.55
CA ILE E 110 -46.22 -7.12 12.34
C ILE E 110 -45.82 -7.26 13.82
N LEU E 111 -44.57 -6.88 14.14
CA LEU E 111 -44.08 -6.82 15.52
C LEU E 111 -43.56 -5.42 15.89
N GLY E 112 -43.22 -5.26 17.15
CA GLY E 112 -42.58 -4.10 17.70
C GLY E 112 -43.59 -3.22 18.40
N ASN E 113 -43.09 -2.34 19.23
CA ASN E 113 -43.89 -1.42 20.01
C ASN E 113 -42.93 -0.34 20.56
N LEU E 114 -43.42 0.49 21.47
CA LEU E 114 -42.60 1.59 21.96
C LEU E 114 -41.53 1.10 22.96
N ASP E 115 -41.70 -0.08 23.52
CA ASP E 115 -40.74 -0.60 24.50
C ASP E 115 -39.57 -1.25 23.81
N THR E 116 -39.82 -1.89 22.68
CA THR E 116 -38.74 -2.56 21.96
C THR E 116 -37.72 -1.62 21.45
N HIS E 117 -38.11 -0.37 21.21
CA HIS E 117 -37.25 0.65 20.62
C HIS E 117 -36.94 1.83 21.55
N ASP E 118 -37.18 1.63 22.84
CA ASP E 118 -37.08 2.67 23.86
C ASP E 118 -35.63 3.19 23.96
N ARG E 119 -34.70 2.30 24.05
CA ARG E 119 -33.27 2.75 24.06
C ARG E 119 -32.86 3.57 22.84
N ILE E 120 -33.32 3.17 21.65
CA ILE E 120 -32.98 3.86 20.42
C ILE E 120 -33.51 5.28 20.41
N MET E 121 -34.75 5.42 20.87
CA MET E 121 -35.41 6.70 20.83
C MET E 121 -34.74 7.61 21.83
N ARG E 122 -34.41 7.06 22.99
CA ARG E 122 -33.70 7.84 24.01
C ARG E 122 -32.30 8.26 23.59
N LEU E 123 -31.55 7.36 22.96
CA LEU E 123 -30.22 7.78 22.45
C LEU E 123 -30.36 8.84 21.37
N LEU E 124 -31.36 8.68 20.51
CA LEU E 124 -31.63 9.67 19.49
C LEU E 124 -31.95 11.03 20.06
N ALA E 125 -32.80 11.08 21.08
CA ALA E 125 -33.13 12.33 21.72
C ALA E 125 -31.89 12.91 22.42
N SER E 126 -31.16 12.07 23.13
CA SER E 126 -29.94 12.50 23.81
C SER E 126 -28.94 13.09 22.80
N TYR E 127 -28.70 12.38 21.70
CA TYR E 127 -27.65 12.83 20.78
C TYR E 127 -28.10 14.05 19.99
N SER E 128 -29.40 14.14 19.69
CA SER E 128 -29.91 15.26 18.87
C SER E 128 -30.28 16.46 19.71
N GLN E 129 -30.49 16.24 21.01
CA GLN E 129 -31.08 17.23 21.89
C GLN E 129 -32.43 17.79 21.37
N CYS E 130 -33.16 17.00 20.63
CA CYS E 130 -34.49 17.36 20.12
C CYS E 130 -35.47 16.43 20.75
N THR E 131 -36.70 16.93 20.91
CA THR E 131 -37.81 16.08 21.33
C THR E 131 -37.94 14.93 20.34
N VAL E 132 -38.05 13.72 20.85
CA VAL E 132 -38.36 12.52 20.06
C VAL E 132 -39.75 12.03 20.49
N ILE E 133 -40.63 11.78 19.51
CA ILE E 133 -41.94 11.21 19.75
C ILE E 133 -42.09 9.88 19.03
N GLY E 134 -42.22 8.82 19.83
CA GLY E 134 -42.44 7.48 19.29
C GLY E 134 -43.93 7.31 19.04
N ILE E 135 -44.25 6.80 17.86
CA ILE E 135 -45.63 6.55 17.52
C ILE E 135 -45.92 5.03 17.49
N ASP E 136 -46.87 4.62 18.34
CA ASP E 136 -47.31 3.23 18.41
C ASP E 136 -48.41 2.99 17.37
N TYR E 137 -48.00 2.86 16.13
CA TYR E 137 -48.92 2.67 15.04
C TYR E 137 -49.51 1.26 15.11
N THR E 138 -50.71 1.12 14.54
CA THR E 138 -51.37 -0.17 14.52
C THR E 138 -50.63 -1.20 13.65
N LEU E 139 -50.29 -2.31 14.29
CA LEU E 139 -49.61 -3.40 13.66
C LEU E 139 -50.52 -4.13 12.66
N SER E 140 -49.87 -4.66 11.63
CA SER E 140 -50.47 -5.55 10.69
C SER E 140 -50.41 -7.00 11.25
N PRO E 141 -51.33 -7.85 10.81
CA PRO E 141 -52.33 -7.70 9.78
C PRO E 141 -53.63 -7.11 10.24
N GLU E 142 -53.78 -6.79 11.53
CA GLU E 142 -55.03 -6.22 12.00
C GLU E 142 -55.27 -4.87 11.26
N ALA E 143 -54.21 -4.07 11.11
CA ALA E 143 -54.21 -2.88 10.26
C ALA E 143 -53.54 -3.24 8.95
N ARG E 144 -54.03 -2.68 7.85
CA ARG E 144 -53.46 -2.89 6.51
C ARG E 144 -53.01 -1.55 6.01
N PHE E 145 -52.05 -1.56 5.10
CA PHE E 145 -51.64 -0.39 4.39
C PHE E 145 -52.87 0.27 3.79
N PRO E 146 -52.97 1.62 3.86
CA PRO E 146 -52.03 2.59 4.43
C PRO E 146 -52.37 3.06 5.86
N GLN E 147 -53.03 2.24 6.65
CA GLN E 147 -53.50 2.71 7.96
C GLN E 147 -52.38 3.29 8.86
N ALA E 148 -51.21 2.65 8.91
CA ALA E 148 -50.16 3.16 9.83
C ALA E 148 -49.68 4.56 9.40
N ILE E 149 -49.54 4.73 8.10
CA ILE E 149 -49.10 5.98 7.53
C ILE E 149 -50.11 7.07 7.83
N GLU E 150 -51.37 6.78 7.62
CA GLU E 150 -52.41 7.72 8.02
C GLU E 150 -52.44 8.03 9.50
N GLU E 151 -52.16 7.06 10.34
CA GLU E 151 -52.08 7.32 11.79
C GLU E 151 -50.96 8.27 12.16
N ILE E 152 -49.80 8.09 11.52
CA ILE E 152 -48.58 8.84 11.77
C ILE E 152 -48.75 10.30 11.29
N VAL E 153 -49.23 10.44 10.06
CA VAL E 153 -49.52 11.75 9.51
C VAL E 153 -50.53 12.46 10.42
N ALA E 154 -51.53 11.70 10.89
CA ALA E 154 -52.50 12.29 11.79
C ALA E 154 -51.87 12.68 13.12
N ALA E 155 -51.03 11.83 13.72
CA ALA E 155 -50.44 12.21 15.02
C ALA E 155 -49.58 13.48 14.87
N CYS E 156 -48.82 13.50 13.80
CA CYS E 156 -47.92 14.56 13.51
C CYS E 156 -48.66 15.90 13.33
N CYS E 157 -49.75 15.90 12.56
CA CYS E 157 -50.59 17.07 12.43
C CYS E 157 -51.25 17.47 13.74
N TYR E 158 -51.63 16.49 14.56
CA TYR E 158 -52.24 16.78 15.84
C TYR E 158 -51.22 17.49 16.76
N PHE E 159 -49.96 17.09 16.71
CA PHE E 159 -48.93 17.64 17.62
C PHE E 159 -48.59 19.06 17.11
N HIS E 160 -48.66 19.26 15.79
CA HIS E 160 -48.44 20.56 15.18
C HIS E 160 -49.51 21.54 15.64
N GLN E 161 -50.77 21.16 15.45
CA GLN E 161 -51.89 21.96 15.94
C GLN E 161 -51.82 22.22 17.43
N GLN E 162 -51.49 21.21 18.22
CA GLN E 162 -51.56 21.34 19.68
C GLN E 162 -50.17 21.55 20.30
N ALA E 163 -49.22 22.03 19.51
CA ALA E 163 -47.83 22.18 19.94
C ALA E 163 -47.69 22.92 21.26
N GLU E 164 -48.35 24.05 21.40
CA GLU E 164 -48.31 24.79 22.67
C GLU E 164 -48.69 23.95 23.87
N ASP E 165 -49.71 23.12 23.69
CA ASP E 165 -50.25 22.32 24.77
C ASP E 165 -49.26 21.26 25.22
N TYR E 166 -48.42 20.78 24.32
CA TYR E 166 -47.44 19.77 24.68
C TYR E 166 -46.05 20.32 24.87
N GLN E 167 -45.85 21.62 24.63
CA GLN E 167 -44.61 22.34 24.86
C GLN E 167 -43.48 21.85 23.98
N ILE E 168 -43.79 21.69 22.70
CA ILE E 168 -42.85 21.16 21.75
C ILE E 168 -42.73 22.13 20.62
N ASN E 169 -41.62 22.01 19.92
CA ASN E 169 -41.40 22.84 18.76
C ASN E 169 -41.70 22.07 17.48
N MET E 170 -42.83 22.39 16.87
CA MET E 170 -43.25 21.73 15.64
C MET E 170 -43.03 22.57 14.40
N SER E 171 -42.18 23.59 14.47
CA SER E 171 -41.91 24.41 13.27
C SER E 171 -40.96 23.64 12.36
N ARG E 172 -40.17 22.76 12.95
CA ARG E 172 -39.36 21.83 12.18
C ARG E 172 -39.49 20.44 12.76
N ILE E 173 -39.63 19.47 11.87
CA ILE E 173 -39.85 18.09 12.24
C ILE E 173 -38.98 17.17 11.44
N GLY E 174 -38.86 15.94 11.92
CA GLY E 174 -38.19 14.91 11.17
C GLY E 174 -38.93 13.61 11.36
N PHE E 175 -38.59 12.65 10.51
CA PHE E 175 -39.05 11.26 10.63
C PHE E 175 -37.85 10.36 10.69
N ALA E 176 -37.95 9.30 11.48
CA ALA E 176 -36.83 8.42 11.67
C ALA E 176 -37.36 7.03 11.94
N GLY E 177 -36.72 6.03 11.38
CA GLY E 177 -37.07 4.67 11.68
C GLY E 177 -36.08 3.68 11.21
N ASP E 178 -36.32 2.44 11.65
CA ASP E 178 -35.47 1.29 11.29
C ASP E 178 -36.30 0.24 10.58
N ALA E 180 -38.85 -1.75 8.64
CA ALA E 180 -40.23 -1.33 8.28
C ALA E 180 -40.52 0.13 8.64
N GLY E 181 -39.89 0.57 9.72
CA GLY E 181 -40.07 1.90 10.25
C GLY E 181 -39.44 2.98 9.43
N ALA E 182 -38.30 2.64 8.83
CA ALA E 182 -37.69 3.47 7.83
C ALA E 182 -38.63 3.64 6.61
N MET E 183 -39.15 2.54 6.09
CA MET E 183 -40.20 2.66 5.07
C MET E 183 -41.31 3.64 5.50
N LEU E 184 -41.81 3.47 6.74
CA LEU E 184 -42.89 4.37 7.24
C LEU E 184 -42.43 5.82 7.38
N ALA E 185 -41.18 6.04 7.81
CA ALA E 185 -40.65 7.38 7.97
C ALA E 185 -40.67 8.15 6.64
N LEU E 186 -40.02 7.55 5.63
CA LEU E 186 -39.96 8.15 4.32
C LEU E 186 -41.33 8.19 3.66
N ALA E 187 -42.11 7.13 3.77
CA ALA E 187 -43.45 7.21 3.16
C ALA E 187 -44.27 8.32 3.75
N SER E 188 -44.09 8.59 5.06
CA SER E 188 -44.89 9.62 5.71
C SER E 188 -44.43 10.99 5.22
N ALA E 189 -43.13 11.17 5.12
CA ALA E 189 -42.60 12.42 4.59
C ALA E 189 -43.11 12.69 3.15
N LEU E 190 -43.10 11.67 2.30
CA LEU E 190 -43.62 11.83 0.94
C LEU E 190 -45.12 12.09 0.93
N TRP E 191 -45.85 11.43 1.79
CA TRP E 191 -47.29 11.69 1.90
C TRP E 191 -47.60 13.16 2.25
N LEU E 192 -46.90 13.71 3.25
CA LEU E 192 -47.04 15.13 3.62
C LEU E 192 -46.71 16.04 2.44
N ARG E 193 -45.60 15.79 1.79
CA ARG E 193 -45.23 16.53 0.61
C ARG E 193 -46.32 16.40 -0.45
N ASP E 194 -46.67 15.17 -0.81
CA ASP E 194 -47.55 14.98 -1.96
C ASP E 194 -48.95 15.57 -1.75
N LYS E 195 -49.45 15.55 -0.51
CA LYS E 195 -50.73 16.14 -0.16
C LYS E 195 -50.63 17.62 0.19
N GLN E 196 -49.42 18.17 0.21
CA GLN E 196 -49.24 19.59 0.52
C GLN E 196 -49.81 19.95 1.90
N ILE E 197 -49.56 19.09 2.87
CA ILE E 197 -49.96 19.36 4.23
C ILE E 197 -48.81 20.07 4.92
N ASP E 198 -49.09 21.15 5.64
CA ASP E 198 -48.08 21.77 6.49
C ASP E 198 -48.32 21.38 7.95
N CYS E 199 -47.57 20.40 8.42
CA CYS E 199 -47.59 20.07 9.82
C CYS E 199 -46.13 20.22 10.35
N GLY E 200 -45.44 21.21 9.79
CA GLY E 200 -44.06 21.55 10.11
C GLY E 200 -43.12 21.33 8.94
N LYS E 201 -41.99 22.01 8.92
CA LYS E 201 -41.02 21.79 7.85
C LYS E 201 -40.26 20.48 8.08
N VAL E 202 -40.27 19.59 7.09
CA VAL E 202 -39.55 18.35 7.22
C VAL E 202 -38.06 18.62 6.95
N ALA E 203 -37.31 18.83 8.03
CA ALA E 203 -35.88 19.15 7.94
C ALA E 203 -35.08 17.94 7.51
N GLY E 204 -35.58 16.74 7.87
CA GLY E 204 -34.82 15.53 7.58
C GLY E 204 -35.51 14.23 7.89
N VAL E 205 -35.04 13.20 7.24
CA VAL E 205 -35.57 11.86 7.42
C VAL E 205 -34.40 10.93 7.67
N LEU E 206 -34.50 10.12 8.71
CA LEU E 206 -33.39 9.24 9.14
C LEU E 206 -33.78 7.77 8.94
N LEU E 207 -33.00 7.07 8.11
CA LEU E 207 -33.43 5.78 7.58
C LEU E 207 -32.40 4.67 7.84
N TRP E 208 -32.64 3.87 8.86
CA TRP E 208 -31.69 2.80 9.16
C TRP E 208 -32.17 1.47 8.61
N TYR E 209 -31.35 0.92 7.71
CA TYR E 209 -31.56 -0.37 7.04
C TYR E 209 -32.98 -0.64 6.61
N GLY E 210 -33.50 0.32 5.87
CA GLY E 210 -34.88 0.20 5.46
C GLY E 210 -35.12 -0.73 4.30
N LEU E 211 -36.39 -0.99 4.07
CA LEU E 211 -36.85 -1.43 2.77
C LEU E 211 -37.82 -0.41 2.17
N TYR E 212 -37.79 -0.28 0.86
CA TYR E 212 -38.53 0.77 0.13
C TYR E 212 -39.23 0.25 -1.11
N GLY E 213 -39.45 -1.07 -1.20
CA GLY E 213 -40.29 -1.59 -2.28
C GLY E 213 -39.65 -2.38 -3.40
N LEU E 214 -38.33 -2.57 -3.36
CA LEU E 214 -37.70 -3.52 -4.30
C LEU E 214 -38.33 -4.89 -4.01
N ARG E 215 -38.60 -5.67 -5.05
CA ARG E 215 -39.23 -6.99 -4.86
C ARG E 215 -38.23 -8.11 -4.86
N ASP E 216 -36.98 -7.78 -5.15
CA ASP E 216 -35.91 -8.78 -5.38
C ASP E 216 -34.65 -7.99 -5.60
N SER E 217 -33.52 -8.60 -5.31
CA SER E 217 -32.23 -7.95 -5.48
C SER E 217 -31.15 -8.95 -5.19
N VAL E 218 -29.92 -8.55 -5.53
CA VAL E 218 -28.75 -9.37 -5.31
C VAL E 218 -28.56 -9.64 -3.82
N THR E 219 -28.54 -8.59 -3.03
CA THR E 219 -28.42 -8.81 -1.58
C THR E 219 -29.59 -9.61 -0.98
N ARG E 220 -30.81 -9.45 -1.48
CA ARG E 220 -31.91 -10.29 -0.96
C ARG E 220 -31.68 -11.79 -1.19
N ARG E 221 -31.10 -12.15 -2.35
CA ARG E 221 -30.94 -13.54 -2.71
C ARG E 221 -29.75 -14.17 -1.98
N LEU E 222 -28.68 -13.39 -1.80
CA LEU E 222 -27.48 -13.89 -1.12
C LEU E 222 -27.56 -13.97 0.39
N LEU E 223 -28.38 -13.13 1.01
CA LEU E 223 -28.35 -12.97 2.48
C LEU E 223 -29.68 -13.29 3.14
N GLY E 224 -29.72 -13.28 4.46
CA GLY E 224 -30.97 -13.56 5.21
C GLY E 224 -31.14 -15.04 5.55
N GLY E 225 -31.67 -15.32 6.73
CA GLY E 225 -31.78 -16.67 7.22
C GLY E 225 -32.45 -16.62 8.58
N VAL E 226 -32.40 -17.74 9.29
CA VAL E 226 -33.00 -17.83 10.62
C VAL E 226 -32.38 -16.80 11.56
N TRP E 227 -31.09 -16.54 11.39
CA TRP E 227 -30.36 -15.58 12.23
C TRP E 227 -30.86 -14.13 12.14
N ASP E 228 -31.67 -13.80 11.14
CA ASP E 228 -32.25 -12.45 11.09
C ASP E 228 -33.71 -12.36 10.70
N GLY E 229 -34.35 -13.49 10.40
CA GLY E 229 -35.76 -13.49 9.97
C GLY E 229 -36.05 -12.72 8.68
N LEU E 230 -35.10 -12.77 7.74
CA LEU E 230 -35.20 -11.99 6.52
C LEU E 230 -34.86 -12.74 5.23
N THR E 231 -35.14 -14.05 5.20
CA THR E 231 -35.28 -14.76 3.96
C THR E 231 -36.36 -14.07 3.14
N GLN E 232 -36.41 -14.35 1.85
CA GLN E 232 -37.46 -13.76 1.06
C GLN E 232 -38.84 -14.34 1.36
N GLN E 233 -38.92 -15.60 1.79
CA GLN E 233 -40.16 -16.14 2.31
C GLN E 233 -40.66 -15.35 3.54
N ASP E 234 -39.77 -14.94 4.43
CA ASP E 234 -40.16 -14.12 5.59
C ASP E 234 -40.63 -12.79 5.09
N LEU E 235 -39.91 -12.21 4.15
CA LEU E 235 -40.27 -10.89 3.64
C LEU E 235 -41.63 -10.86 2.95
N GLN E 236 -41.92 -11.93 2.20
CA GLN E 236 -43.18 -12.05 1.51
C GLN E 236 -44.33 -12.16 2.58
N MET E 237 -44.15 -12.98 3.60
CA MET E 237 -45.07 -13.04 4.74
C MET E 237 -45.31 -11.68 5.40
N TYR E 238 -44.25 -10.90 5.65
CA TYR E 238 -44.48 -9.55 6.22
C TYR E 238 -45.27 -8.67 5.25
N GLU E 239 -44.90 -8.73 4.00
CA GLU E 239 -45.59 -7.99 2.98
C GLU E 239 -47.08 -8.37 2.86
N GLU E 240 -47.38 -9.66 2.89
CA GLU E 240 -48.73 -10.11 2.71
C GLU E 240 -49.59 -9.90 3.98
N ALA E 241 -48.94 -9.61 5.12
CA ALA E 241 -49.65 -9.08 6.28
C ALA E 241 -49.94 -7.60 6.18
N TYR E 242 -49.03 -6.82 5.61
CA TYR E 242 -49.17 -5.33 5.59
C TYR E 242 -50.15 -4.87 4.51
N LEU E 243 -49.98 -5.41 3.31
CA LEU E 243 -50.74 -5.05 2.12
C LEU E 243 -51.96 -5.93 1.91
N SER E 244 -53.09 -5.31 1.67
CA SER E 244 -54.32 -6.02 1.30
C SER E 244 -54.36 -6.44 -0.15
N ASN E 245 -53.99 -5.50 -1.01
CA ASN E 245 -54.17 -5.65 -2.43
C ASN E 245 -52.84 -5.87 -3.10
N ASP E 246 -52.85 -6.73 -4.12
CA ASP E 246 -51.70 -6.93 -5.00
C ASP E 246 -51.22 -5.60 -5.54
N ALA E 247 -52.13 -4.72 -5.91
CA ALA E 247 -51.75 -3.41 -6.52
C ALA E 247 -51.00 -2.48 -5.58
N ASP E 248 -51.21 -2.62 -4.26
CA ASP E 248 -50.52 -1.85 -3.24
C ASP E 248 -49.02 -2.00 -3.39
N ARG E 249 -48.59 -3.13 -3.92
CA ARG E 249 -47.15 -3.39 -4.17
C ARG E 249 -46.47 -2.39 -5.09
N GLU E 250 -47.29 -1.68 -5.85
CA GLU E 250 -46.83 -0.66 -6.78
C GLU E 250 -47.17 0.74 -6.30
N SER E 251 -47.89 0.87 -5.20
CA SER E 251 -48.24 2.17 -4.68
C SER E 251 -47.00 3.01 -4.39
N PRO E 252 -47.05 4.30 -4.73
CA PRO E 252 -45.93 5.19 -4.40
C PRO E 252 -45.69 5.48 -2.89
N TYR E 253 -46.51 4.92 -1.99
CA TYR E 253 -46.28 4.99 -0.55
C TYR E 253 -45.84 3.64 0.00
N TYR E 254 -45.67 2.66 -0.89
CA TYR E 254 -45.07 1.39 -0.53
C TYR E 254 -43.78 1.14 -1.35
N CYS E 255 -43.95 1.00 -2.67
CA CYS E 255 -42.80 1.02 -3.57
C CYS E 255 -42.47 2.49 -3.77
N LEU E 256 -41.63 3.02 -2.90
CA LEU E 256 -41.32 4.43 -2.91
C LEU E 256 -40.53 4.82 -4.17
N PHE E 257 -39.88 3.85 -4.80
CA PHE E 257 -39.25 4.12 -6.13
C PHE E 257 -40.28 4.45 -7.21
N ASN E 258 -41.57 4.17 -7.00
CA ASN E 258 -42.63 4.61 -7.93
C ASN E 258 -43.18 6.01 -7.64
N ASN E 259 -42.78 6.60 -6.51
CA ASN E 259 -43.07 8.00 -6.25
C ASN E 259 -42.07 8.84 -7.03
N ASP E 260 -42.27 10.17 -7.02
CA ASP E 260 -41.32 11.11 -7.61
C ASP E 260 -40.19 11.39 -6.61
N LEU E 261 -39.02 10.84 -6.90
CA LEU E 261 -37.83 11.01 -6.08
C LEU E 261 -36.83 11.97 -6.72
N THR E 262 -37.30 12.74 -7.70
CA THR E 262 -36.41 13.60 -8.52
C THR E 262 -36.44 15.05 -8.07
N ARG E 263 -37.38 15.41 -7.21
CA ARG E 263 -37.47 16.78 -6.73
C ARG E 263 -38.17 16.91 -5.38
N GLU E 264 -37.76 17.92 -4.62
CA GLU E 264 -38.36 18.26 -3.32
C GLU E 264 -38.38 17.08 -2.34
N VAL E 265 -37.37 16.21 -2.41
CA VAL E 265 -37.27 15.13 -1.43
C VAL E 265 -36.50 15.69 -0.25
N PRO E 266 -37.09 15.65 0.94
CA PRO E 266 -36.32 16.13 2.08
C PRO E 266 -35.02 15.36 2.31
N PRO E 267 -34.05 16.02 2.95
CA PRO E 267 -32.75 15.39 3.27
C PRO E 267 -32.87 14.01 3.92
N CYS E 268 -32.22 13.03 3.31
CA CYS E 268 -32.28 11.65 3.80
C CYS E 268 -30.93 11.16 4.21
N PHE E 269 -30.86 10.76 5.47
CA PHE E 269 -29.74 9.99 5.98
C PHE E 269 -30.03 8.49 5.82
N ILE E 270 -29.20 7.82 5.02
CA ILE E 270 -29.43 6.44 4.69
C ILE E 270 -28.32 5.56 5.20
N ALA E 271 -28.65 4.59 6.03
CA ALA E 271 -27.66 3.72 6.66
C ALA E 271 -27.88 2.29 6.23
N GLY E 272 -26.87 1.67 5.61
CA GLY E 272 -27.00 0.29 5.20
C GLY E 272 -26.28 -0.59 6.18
N ALA E 273 -26.69 -1.85 6.32
CA ALA E 273 -25.93 -2.89 7.04
C ALA E 273 -25.30 -3.84 6.04
N GLU E 274 -24.05 -4.27 6.31
CA GLU E 274 -23.28 -4.96 5.29
C GLU E 274 -23.88 -6.31 4.96
N PHE E 275 -24.27 -7.07 5.98
CA PHE E 275 -24.73 -8.44 5.74
C PHE E 275 -26.25 -8.54 5.89
N ASP E 276 -26.93 -7.54 5.32
CA ASP E 276 -28.39 -7.40 5.39
C ASP E 276 -29.00 -7.49 4.00
N PRO E 277 -29.92 -8.44 3.79
CA PRO E 277 -30.55 -8.57 2.47
C PRO E 277 -31.22 -7.30 1.94
N LEU E 278 -31.67 -6.45 2.87
CA LEU E 278 -32.25 -5.15 2.49
C LEU E 278 -31.25 -4.12 2.03
N LEU E 279 -29.95 -4.43 2.09
CA LEU E 279 -28.93 -3.42 1.75
C LEU E 279 -29.15 -2.80 0.38
N ASP E 280 -29.55 -3.60 -0.61
CA ASP E 280 -29.73 -3.07 -1.96
C ASP E 280 -30.87 -2.04 -2.04
N ASP E 281 -31.90 -2.17 -1.19
CA ASP E 281 -32.95 -1.11 -1.10
C ASP E 281 -32.37 0.24 -0.72
N SER E 282 -31.45 0.23 0.25
CA SER E 282 -30.76 1.45 0.65
C SER E 282 -29.82 1.97 -0.48
N ARG E 283 -29.02 1.09 -1.08
N ARG E 283 -29.01 1.10 -1.09
CA ARG E 283 -28.19 1.50 -2.25
CA ARG E 283 -28.18 1.54 -2.23
C ARG E 283 -29.03 2.18 -3.32
C ARG E 283 -29.02 2.19 -3.33
N LEU E 284 -30.11 1.54 -3.73
CA LEU E 284 -30.94 2.08 -4.81
C LEU E 284 -31.49 3.46 -4.48
N LEU E 285 -31.96 3.62 -3.24
CA LEU E 285 -32.57 4.85 -2.79
C LEU E 285 -31.52 5.94 -2.85
N TYR E 286 -30.35 5.66 -2.29
CA TYR E 286 -29.24 6.59 -2.39
C TYR E 286 -28.88 6.96 -3.84
N GLN E 287 -28.64 5.95 -4.67
CA GLN E 287 -28.30 6.23 -6.10
C GLN E 287 -29.39 7.06 -6.80
N THR E 288 -30.65 6.80 -6.47
CA THR E 288 -31.75 7.53 -7.09
C THR E 288 -31.76 8.99 -6.64
N LEU E 289 -31.59 9.21 -5.35
CA LEU E 289 -31.61 10.56 -4.82
C LEU E 289 -30.36 11.34 -5.30
N ALA E 290 -29.19 10.71 -5.22
CA ALA E 290 -27.96 11.37 -5.70
C ALA E 290 -28.00 11.75 -7.18
N ALA E 291 -28.53 10.86 -8.01
CA ALA E 291 -28.58 11.12 -9.47
C ALA E 291 -29.47 12.30 -9.82
N HIS E 292 -30.38 12.67 -8.92
CA HIS E 292 -31.27 13.81 -9.13
C HIS E 292 -30.93 14.97 -8.22
N GLN E 293 -29.71 14.94 -7.71
CA GLN E 293 -29.19 15.97 -6.81
C GLN E 293 -30.13 16.27 -5.63
N GLN E 294 -30.77 15.24 -5.09
CA GLN E 294 -31.50 15.38 -3.84
C GLN E 294 -30.56 15.25 -2.64
N PRO E 295 -30.79 16.07 -1.59
CA PRO E 295 -29.85 16.08 -0.47
C PRO E 295 -29.95 14.74 0.27
N CYS E 296 -28.83 14.04 0.37
CA CYS E 296 -28.82 12.76 1.01
C CYS E 296 -27.42 12.41 1.45
N GLU E 297 -27.31 11.35 2.21
CA GLU E 297 -26.04 10.84 2.66
C GLU E 297 -26.18 9.33 2.91
N PHE E 298 -25.21 8.57 2.42
CA PHE E 298 -25.26 7.14 2.55
C PHE E 298 -24.09 6.71 3.39
N LYS E 299 -24.31 5.81 4.34
CA LYS E 299 -23.19 5.21 5.04
C LYS E 299 -23.42 3.73 5.24
N LEU E 300 -22.44 2.92 4.85
CA LEU E 300 -22.48 1.50 5.09
C LEU E 300 -21.71 1.20 6.36
N TYR E 301 -22.36 0.52 7.29
CA TYR E 301 -21.77 0.18 8.58
C TYR E 301 -21.23 -1.23 8.44
N PRO E 302 -19.89 -1.39 8.35
CA PRO E 302 -19.27 -2.68 8.05
C PRO E 302 -19.42 -3.71 9.14
N GLY E 303 -19.57 -4.97 8.74
CA GLY E 303 -19.61 -6.07 9.67
C GLY E 303 -20.96 -6.35 10.28
N THR E 304 -21.98 -5.56 9.94
CA THR E 304 -23.24 -5.64 10.67
C THR E 304 -24.29 -6.57 10.08
N LEU E 305 -25.14 -7.13 10.94
CA LEU E 305 -26.39 -7.74 10.55
C LEU E 305 -27.45 -6.68 10.54
N HIS E 306 -28.58 -7.02 9.94
CA HIS E 306 -29.79 -6.23 10.06
C HIS E 306 -30.10 -6.06 11.55
N ALA E 307 -30.82 -4.98 11.88
CA ALA E 307 -31.33 -4.75 13.26
C ALA E 307 -30.25 -4.30 14.25
N PHE E 308 -29.05 -3.97 13.76
CA PHE E 308 -27.93 -3.77 14.68
C PHE E 308 -28.06 -2.57 15.61
N LEU E 309 -28.94 -1.66 15.27
CA LEU E 309 -29.16 -0.44 16.05
C LEU E 309 -29.55 -0.73 17.53
N HIS E 310 -30.21 -1.87 17.75
CA HIS E 310 -30.56 -2.24 19.12
C HIS E 310 -29.39 -2.57 20.03
N TYR E 311 -28.23 -2.82 19.44
CA TYR E 311 -27.10 -3.34 20.22
C TYR E 311 -26.10 -2.27 20.68
N SER E 312 -26.44 -0.98 20.61
CA SER E 312 -25.57 0.12 21.03
C SER E 312 -24.82 -0.06 22.35
N ARG E 313 -25.37 -0.72 23.36
CA ARG E 313 -24.66 -0.92 24.62
CA ARG E 313 -24.65 -0.90 24.62
C ARG E 313 -23.38 -1.74 24.42
N MET E 314 -23.40 -2.64 23.44
CA MET E 314 -22.27 -3.56 23.18
C MET E 314 -21.46 -3.26 21.93
N MET E 315 -22.06 -2.60 20.94
CA MET E 315 -21.39 -2.35 19.67
C MET E 315 -21.20 -0.87 19.38
N LYS E 316 -19.97 -0.40 19.32
CA LYS E 316 -19.68 0.96 18.90
C LYS E 316 -20.36 1.31 17.58
N THR E 317 -20.40 0.36 16.64
CA THR E 317 -20.98 0.64 15.33
C THR E 317 -22.49 0.99 15.44
N ALA E 318 -23.18 0.33 16.34
CA ALA E 318 -24.60 0.67 16.60
C ALA E 318 -24.76 2.10 17.10
N ASP E 319 -23.95 2.43 18.09
CA ASP E 319 -24.03 3.77 18.67
C ASP E 319 -23.61 4.86 17.67
N GLU E 320 -22.62 4.56 16.86
CA GLU E 320 -22.15 5.47 15.84
C GLU E 320 -23.25 5.83 14.85
N ALA E 321 -23.90 4.81 14.32
CA ALA E 321 -25.03 5.01 13.44
C ALA E 321 -26.15 5.86 14.05
N LEU E 322 -26.39 5.77 15.36
CA LEU E 322 -27.35 6.68 16.00
C LEU E 322 -26.84 8.13 16.04
N ARG E 323 -25.58 8.29 16.41
CA ARG E 323 -24.93 9.60 16.46
C ARG E 323 -24.91 10.24 15.08
N ASP E 324 -24.51 9.45 14.07
CA ASP E 324 -24.47 9.94 12.70
C ASP E 324 -25.86 10.40 12.22
N GLY E 325 -26.89 9.63 12.53
CA GLY E 325 -28.26 10.03 12.23
C GLY E 325 -28.65 11.34 12.91
N ALA E 326 -28.44 11.39 14.22
CA ALA E 326 -28.79 12.56 14.98
C ALA E 326 -28.07 13.80 14.47
N GLN E 327 -26.78 13.64 14.18
CA GLN E 327 -25.94 14.72 13.70
C GLN E 327 -26.37 15.19 12.31
N PHE E 328 -26.68 14.24 11.43
CA PHE E 328 -27.26 14.61 10.16
C PHE E 328 -28.53 15.41 10.38
N PHE E 329 -29.42 14.96 11.26
CA PHE E 329 -30.67 15.71 11.47
C PHE E 329 -30.44 17.16 11.92
N THR E 330 -29.68 17.35 12.99
CA THR E 330 -29.46 18.66 13.58
C THR E 330 -28.64 19.55 12.69
N ALA E 331 -27.84 18.97 11.80
CA ALA E 331 -27.12 19.74 10.79
C ALA E 331 -28.07 20.40 9.78
N GLN E 332 -29.33 19.98 9.71
CA GLN E 332 -30.30 20.61 8.83
C GLN E 332 -31.05 21.76 9.52
N LEU E 333 -30.85 21.97 10.80
CA LEU E 333 -31.66 22.95 11.53
C LEU E 333 -30.99 24.32 11.59
N LYS F 16 -44.94 4.71 -12.27
CA LYS F 16 -44.51 6.06 -12.76
C LYS F 16 -43.00 6.07 -13.03
N PRO F 17 -42.58 5.56 -14.22
CA PRO F 17 -41.16 5.45 -14.57
C PRO F 17 -40.50 6.80 -14.87
N GLU F 18 -39.58 7.23 -14.00
CA GLU F 18 -38.96 8.57 -14.09
C GLU F 18 -37.63 8.75 -13.31
N ASN F 19 -37.30 7.79 -12.44
CA ASN F 19 -36.22 7.93 -11.45
C ASN F 19 -34.84 7.41 -11.95
N LYS F 20 -34.59 7.42 -13.25
CA LYS F 20 -33.41 6.72 -13.83
C LYS F 20 -32.11 7.53 -13.96
N LEU F 21 -31.05 6.83 -14.37
CA LEU F 21 -29.78 7.46 -14.77
C LEU F 21 -29.93 8.12 -16.16
N PRO F 22 -29.09 9.13 -16.48
CA PRO F 22 -29.02 9.64 -17.85
C PRO F 22 -28.25 8.65 -18.73
N VAL F 23 -28.96 7.65 -19.26
CA VAL F 23 -28.34 6.45 -19.84
C VAL F 23 -27.71 6.66 -21.21
N LEU F 24 -28.48 7.18 -22.16
CA LEU F 24 -28.00 7.36 -23.55
C LEU F 24 -26.85 8.37 -23.66
N ASP F 25 -26.67 9.19 -22.61
CA ASP F 25 -25.59 10.18 -22.56
C ASP F 25 -24.25 9.60 -22.14
N LEU F 26 -24.22 8.93 -20.98
CA LEU F 26 -22.95 8.50 -20.35
C LEU F 26 -22.31 7.22 -20.95
N ILE F 27 -23.03 6.52 -21.83
CA ILE F 27 -22.45 5.37 -22.56
C ILE F 27 -21.22 5.77 -23.38
N SER F 28 -20.44 4.78 -23.81
CA SER F 28 -19.27 5.05 -24.65
C SER F 28 -19.70 5.71 -25.96
N ALA F 29 -18.80 6.54 -26.54
CA ALA F 29 -19.05 7.18 -27.84
C ALA F 29 -18.96 6.15 -28.99
N GLU F 30 -18.36 5.00 -28.71
CA GLU F 30 -18.30 3.84 -29.62
C GLU F 30 -19.62 3.04 -29.62
N MET F 31 -20.34 3.05 -28.50
CA MET F 31 -21.71 2.47 -28.43
C MET F 31 -22.75 3.50 -28.95
N LYS F 32 -22.37 4.78 -29.00
CA LYS F 32 -23.16 5.82 -29.68
C LYS F 32 -23.04 5.71 -31.20
N THR F 33 -21.94 5.14 -31.67
CA THR F 33 -21.79 4.74 -33.08
C THR F 33 -23.02 3.90 -33.49
N VAL F 34 -23.31 2.85 -32.74
CA VAL F 34 -24.40 1.91 -33.04
C VAL F 34 -25.79 2.51 -32.81
N VAL F 35 -25.97 3.22 -31.70
CA VAL F 35 -27.27 3.81 -31.34
C VAL F 35 -27.74 4.80 -32.42
N ASN F 36 -26.78 5.53 -33.01
CA ASN F 36 -27.07 6.41 -34.12
C ASN F 36 -26.74 5.72 -35.44
N THR F 37 -27.61 4.79 -35.87
CA THR F 37 -27.49 4.14 -37.18
C THR F 37 -28.85 3.87 -37.82
N LEU F 38 -29.23 4.73 -38.79
CA LEU F 38 -30.42 4.55 -39.61
C LEU F 38 -30.14 3.50 -40.69
N GLN F 39 -31.13 2.65 -40.98
CA GLN F 39 -31.02 1.65 -42.04
C GLN F 39 -32.10 1.89 -43.11
N PRO F 40 -31.71 1.91 -44.40
CA PRO F 40 -32.67 2.15 -45.51
C PRO F 40 -33.85 1.17 -45.66
N ASP F 41 -33.61 -0.12 -45.44
CA ASP F 41 -34.60 -1.18 -45.71
C ASP F 41 -35.80 -1.19 -44.75
N LEU F 42 -35.51 -1.01 -43.46
CA LEU F 42 -36.47 -1.23 -42.37
C LEU F 42 -37.85 -0.60 -42.57
N PRO F 43 -38.93 -1.39 -42.38
CA PRO F 43 -40.21 -0.78 -42.01
C PRO F 43 -40.12 -0.19 -40.58
N PRO F 44 -41.20 0.44 -40.08
CA PRO F 44 -41.15 0.92 -38.69
C PRO F 44 -41.20 -0.24 -37.70
N TRP F 45 -40.57 -0.07 -36.53
CA TRP F 45 -40.58 -1.10 -35.48
C TRP F 45 -42.00 -1.31 -34.98
N PRO F 46 -42.62 -2.46 -35.31
CA PRO F 46 -44.00 -2.65 -34.88
C PRO F 46 -44.11 -3.02 -33.40
N ALA F 47 -44.49 -2.04 -32.56
CA ALA F 47 -44.84 -2.29 -31.18
C ALA F 47 -46.28 -2.82 -31.11
N THR F 48 -47.10 -2.41 -32.07
CA THR F 48 -48.45 -2.94 -32.25
C THR F 48 -48.53 -3.68 -33.58
N GLY F 49 -47.82 -4.81 -33.65
CA GLY F 49 -47.89 -5.70 -34.80
C GLY F 49 -47.93 -7.14 -34.33
N THR F 50 -48.22 -8.06 -35.25
CA THR F 50 -48.21 -9.48 -34.90
C THR F 50 -46.79 -9.94 -34.56
N ILE F 51 -46.71 -11.01 -33.76
CA ILE F 51 -45.43 -11.62 -33.39
C ILE F 51 -44.58 -11.92 -34.61
N ALA F 52 -45.20 -12.46 -35.67
CA ALA F 52 -44.50 -12.83 -36.89
C ALA F 52 -43.88 -11.60 -37.58
N GLU F 53 -44.49 -10.44 -37.36
CA GLU F 53 -44.02 -9.19 -37.96
C GLU F 53 -43.01 -8.48 -37.07
N GLN F 54 -43.02 -8.81 -35.78
CA GLN F 54 -41.91 -8.48 -34.89
C GLN F 54 -40.68 -9.33 -35.21
N ARG F 55 -40.88 -10.59 -35.57
CA ARG F 55 -39.82 -11.52 -35.90
C ARG F 55 -39.15 -11.14 -37.22
N GLN F 56 -39.97 -10.92 -38.25
CA GLN F 56 -39.50 -10.49 -39.57
C GLN F 56 -38.62 -9.24 -39.47
N TYR F 57 -39.06 -8.30 -38.64
CA TYR F 57 -38.36 -7.03 -38.48
C TYR F 57 -37.01 -7.26 -37.80
N TYR F 58 -37.04 -7.92 -36.65
CA TYR F 58 -35.83 -8.28 -35.91
C TYR F 58 -34.79 -8.95 -36.82
N THR F 59 -35.23 -9.97 -37.57
CA THR F 59 -34.39 -10.69 -38.51
C THR F 59 -33.75 -9.76 -39.54
N LEU F 60 -34.52 -8.81 -40.05
CA LEU F 60 -34.04 -7.91 -41.09
C LEU F 60 -33.09 -6.87 -40.50
N GLU F 61 -33.45 -6.29 -39.37
CA GLU F 61 -32.61 -5.32 -38.68
C GLU F 61 -31.25 -5.90 -38.28
N ARG F 62 -31.24 -7.17 -37.94
CA ARG F 62 -30.02 -7.86 -37.53
C ARG F 62 -29.10 -8.22 -38.69
N ARG F 63 -29.63 -8.19 -39.91
CA ARG F 63 -28.87 -8.52 -41.10
C ARG F 63 -27.61 -7.65 -41.21
N PHE F 64 -27.78 -6.34 -41.10
CA PHE F 64 -26.68 -5.39 -41.23
C PHE F 64 -25.55 -5.67 -40.22
N TRP F 65 -25.92 -6.14 -39.03
CA TRP F 65 -24.95 -6.41 -37.97
C TRP F 65 -24.27 -7.77 -38.07
N ASN F 66 -24.84 -8.66 -38.87
CA ASN F 66 -24.22 -9.96 -39.11
C ASN F 66 -23.24 -9.93 -40.28
N ALA F 67 -23.05 -8.75 -40.89
CA ALA F 67 -22.09 -8.54 -41.98
C ALA F 67 -20.66 -8.79 -41.52
N GLY F 68 -19.86 -9.36 -42.42
CA GLY F 68 -18.44 -9.65 -42.16
C GLY F 68 -18.20 -10.91 -41.35
N ALA F 69 -19.17 -11.84 -41.36
CA ALA F 69 -19.04 -13.10 -40.61
C ALA F 69 -17.91 -13.98 -41.18
N PRO F 70 -17.15 -14.64 -40.29
CA PRO F 70 -16.10 -15.56 -40.76
C PRO F 70 -16.63 -16.68 -41.60
N GLU F 71 -15.81 -17.14 -42.53
CA GLU F 71 -16.20 -18.21 -43.41
C GLU F 71 -15.49 -19.48 -42.98
N MET F 72 -16.25 -20.57 -42.91
CA MET F 72 -15.70 -21.85 -42.55
C MET F 72 -16.69 -22.92 -42.94
N ALA F 73 -16.26 -24.18 -42.81
CA ALA F 73 -17.10 -25.32 -43.13
C ALA F 73 -18.33 -25.24 -42.25
N THR F 74 -19.50 -25.22 -42.87
CA THR F 74 -20.76 -25.23 -42.16
C THR F 74 -21.65 -26.32 -42.73
N ARG F 75 -22.46 -26.93 -41.87
CA ARG F 75 -23.40 -27.93 -42.29
C ARG F 75 -24.71 -27.67 -41.54
N ALA F 76 -25.81 -28.01 -42.18
CA ALA F 76 -27.13 -27.96 -41.56
C ALA F 76 -27.58 -29.39 -41.29
N TYR F 77 -28.27 -29.60 -40.17
CA TYR F 77 -28.86 -30.90 -39.86
C TYR F 77 -30.14 -30.74 -39.07
N MET F 78 -31.15 -31.51 -39.45
CA MET F 78 -32.34 -31.70 -38.64
C MET F 78 -32.04 -32.80 -37.65
N VAL F 79 -32.52 -32.62 -36.43
CA VAL F 79 -32.17 -33.49 -35.31
C VAL F 79 -33.46 -33.80 -34.55
N PRO F 80 -33.62 -35.07 -34.09
CA PRO F 80 -34.86 -35.46 -33.42
C PRO F 80 -34.99 -35.00 -31.98
N THR F 81 -36.18 -34.55 -31.62
CA THR F 81 -36.55 -34.29 -30.22
C THR F 81 -37.86 -35.00 -29.96
N LYS F 82 -38.29 -35.02 -28.69
CA LYS F 82 -39.61 -35.57 -28.40
C LYS F 82 -40.76 -34.66 -28.89
N TYR F 83 -40.45 -33.41 -29.26
CA TYR F 83 -41.45 -32.47 -29.82
C TYR F 83 -41.37 -32.36 -31.33
N GLY F 84 -40.58 -33.23 -31.97
CA GLY F 84 -40.35 -33.18 -33.41
C GLY F 84 -38.89 -32.93 -33.74
N GLN F 85 -38.64 -32.50 -34.97
CA GLN F 85 -37.30 -32.15 -35.39
C GLN F 85 -36.96 -30.71 -35.07
N VAL F 86 -35.67 -30.42 -34.90
CA VAL F 86 -35.19 -29.04 -34.87
C VAL F 86 -33.97 -28.89 -35.76
N GLU F 87 -33.90 -27.74 -36.42
CA GLU F 87 -32.79 -27.42 -37.24
C GLU F 87 -31.61 -27.09 -36.34
N THR F 88 -30.44 -27.59 -36.73
CA THR F 88 -29.17 -27.23 -36.14
C THR F 88 -28.24 -26.77 -37.25
N ARG F 89 -27.21 -26.03 -36.85
CA ARG F 89 -26.21 -25.55 -37.78
C ARG F 89 -24.85 -25.74 -37.13
N LEU F 90 -23.92 -26.32 -37.88
CA LEU F 90 -22.66 -26.76 -37.34
C LEU F 90 -21.55 -26.00 -38.02
N PHE F 91 -20.73 -25.33 -37.21
CA PHE F 91 -19.66 -24.52 -37.72
C PHE F 91 -18.36 -25.12 -37.22
N CYS F 92 -17.54 -25.58 -38.16
CA CYS F 92 -16.40 -26.41 -37.83
C CYS F 92 -15.15 -25.69 -38.35
N PRO F 93 -14.39 -25.07 -37.42
CA PRO F 93 -13.26 -24.21 -37.80
C PRO F 93 -11.98 -24.95 -38.13
N GLN F 94 -11.88 -26.19 -37.67
CA GLN F 94 -10.67 -26.97 -37.78
C GLN F 94 -11.00 -28.46 -37.71
N PRO F 95 -10.04 -29.32 -38.07
CA PRO F 95 -10.30 -30.76 -38.14
C PRO F 95 -10.06 -31.57 -36.86
N ASP F 96 -9.39 -30.99 -35.84
CA ASP F 96 -9.18 -31.66 -34.54
C ASP F 96 -9.85 -30.88 -33.40
N SER F 97 -11.12 -30.52 -33.55
CA SER F 97 -11.86 -29.80 -32.50
C SER F 97 -11.73 -30.54 -31.19
N PRO F 98 -11.29 -29.88 -30.12
CA PRO F 98 -11.17 -30.58 -28.84
C PRO F 98 -12.46 -30.66 -28.03
N ALA F 99 -13.51 -29.97 -28.47
CA ALA F 99 -14.81 -30.01 -27.79
C ALA F 99 -15.89 -29.45 -28.69
N THR F 100 -17.14 -29.65 -28.30
CA THR F 100 -18.27 -29.14 -29.08
C THR F 100 -19.12 -28.21 -28.22
N LEU F 101 -19.37 -27.02 -28.76
CA LEU F 101 -19.92 -25.91 -28.06
C LEU F 101 -21.30 -25.62 -28.65
N PHE F 102 -22.34 -25.72 -27.83
CA PHE F 102 -23.69 -25.55 -28.33
C PHE F 102 -24.12 -24.14 -28.05
N TYR F 103 -24.71 -23.50 -29.04
CA TYR F 103 -25.03 -22.09 -28.92
C TYR F 103 -26.52 -21.84 -29.01
N LEU F 104 -27.03 -21.08 -28.01
CA LEU F 104 -28.43 -20.65 -27.93
C LEU F 104 -28.55 -19.12 -28.09
N HIS F 105 -29.20 -18.69 -29.18
CA HIS F 105 -29.44 -17.27 -29.37
C HIS F 105 -30.42 -16.73 -28.36
N GLY F 106 -30.31 -15.42 -28.13
CA GLY F 106 -31.24 -14.70 -27.29
C GLY F 106 -32.35 -14.20 -28.17
N GLY F 107 -33.12 -13.24 -27.66
CA GLY F 107 -34.29 -12.74 -28.37
C GLY F 107 -35.56 -12.74 -27.55
N GLY F 108 -35.42 -12.80 -26.22
CA GLY F 108 -36.55 -12.74 -25.31
C GLY F 108 -37.48 -13.94 -25.38
N PHE F 109 -36.95 -15.07 -25.88
CA PHE F 109 -37.68 -16.34 -26.03
C PHE F 109 -38.63 -16.32 -27.22
N ILE F 110 -38.99 -15.13 -27.70
CA ILE F 110 -39.96 -15.01 -28.78
C ILE F 110 -39.39 -14.59 -30.13
N LEU F 111 -38.15 -14.11 -30.17
CA LEU F 111 -37.51 -13.68 -31.39
C LEU F 111 -36.17 -14.39 -31.59
N GLY F 112 -35.61 -14.27 -32.80
CA GLY F 112 -34.32 -14.84 -33.10
C GLY F 112 -34.37 -16.20 -33.78
N ASN F 113 -33.25 -16.53 -34.41
CA ASN F 113 -33.11 -17.76 -35.18
C ASN F 113 -31.62 -17.90 -35.53
N LEU F 114 -31.25 -18.93 -36.27
CA LEU F 114 -29.84 -19.21 -36.56
C LEU F 114 -29.17 -18.12 -37.41
N ASP F 115 -29.97 -17.40 -38.18
CA ASP F 115 -29.48 -16.28 -38.97
C ASP F 115 -29.18 -15.02 -38.18
N THR F 116 -30.01 -14.69 -37.16
CA THR F 116 -29.80 -13.45 -36.40
C THR F 116 -28.50 -13.53 -35.58
N HIS F 117 -28.07 -14.74 -35.27
CA HIS F 117 -26.84 -14.91 -34.50
C HIS F 117 -25.67 -15.55 -35.28
N ASP F 118 -25.74 -15.50 -36.60
CA ASP F 118 -24.77 -16.20 -37.46
C ASP F 118 -23.33 -15.77 -37.22
N ARG F 119 -23.10 -14.47 -37.23
CA ARG F 119 -21.80 -13.89 -36.98
C ARG F 119 -21.22 -14.24 -35.60
N ILE F 120 -22.03 -14.12 -34.54
CA ILE F 120 -21.62 -14.51 -33.21
C ILE F 120 -21.18 -15.97 -33.15
N MET F 121 -21.99 -16.88 -33.68
CA MET F 121 -21.64 -18.28 -33.56
C MET F 121 -20.37 -18.57 -34.35
N ARG F 122 -20.24 -17.95 -35.51
CA ARG F 122 -19.01 -18.15 -36.32
C ARG F 122 -17.76 -17.58 -35.66
N LEU F 123 -17.88 -16.42 -35.00
CA LEU F 123 -16.73 -15.85 -34.29
C LEU F 123 -16.34 -16.67 -33.07
N LEU F 124 -17.32 -17.28 -32.43
CA LEU F 124 -17.06 -18.14 -31.29
C LEU F 124 -16.24 -19.34 -31.76
N ALA F 125 -16.64 -19.89 -32.90
CA ALA F 125 -15.95 -21.02 -33.51
C ALA F 125 -14.50 -20.67 -33.82
N SER F 126 -14.28 -19.53 -34.45
CA SER F 126 -12.92 -19.06 -34.76
C SER F 126 -12.11 -18.75 -33.51
N TYR F 127 -12.74 -18.10 -32.55
CA TYR F 127 -12.00 -17.70 -31.35
C TYR F 127 -11.70 -18.92 -30.46
N SER F 128 -12.60 -19.90 -30.42
CA SER F 128 -12.38 -21.11 -29.60
C SER F 128 -11.63 -22.20 -30.34
N GLN F 129 -11.73 -22.22 -31.67
CA GLN F 129 -11.27 -23.35 -32.47
C GLN F 129 -12.01 -24.64 -32.04
N CYS F 130 -13.26 -24.46 -31.65
CA CYS F 130 -14.12 -25.57 -31.32
C CYS F 130 -15.28 -25.52 -32.30
N THR F 131 -15.84 -26.69 -32.58
CA THR F 131 -17.07 -26.79 -33.30
C THR F 131 -18.16 -26.09 -32.49
N VAL F 132 -18.88 -25.20 -33.15
CA VAL F 132 -20.03 -24.56 -32.58
C VAL F 132 -21.27 -25.09 -33.28
N ILE F 133 -22.27 -25.49 -32.49
CA ILE F 133 -23.51 -25.98 -33.03
C ILE F 133 -24.64 -25.14 -32.50
N GLY F 134 -25.33 -24.46 -33.41
CA GLY F 134 -26.49 -23.69 -33.04
C GLY F 134 -27.71 -24.54 -33.09
N ILE F 135 -28.55 -24.39 -32.08
CA ILE F 135 -29.80 -25.13 -31.99
C ILE F 135 -30.96 -24.17 -32.17
N ASP F 136 -31.78 -24.44 -33.19
CA ASP F 136 -32.94 -23.60 -33.54
C ASP F 136 -34.11 -24.10 -32.70
N TYR F 137 -34.16 -23.64 -31.45
CA TYR F 137 -35.17 -24.13 -30.50
C TYR F 137 -36.49 -23.45 -30.85
N THR F 138 -37.58 -24.13 -30.57
CA THR F 138 -38.89 -23.59 -30.92
C THR F 138 -39.18 -22.38 -30.04
N LEU F 139 -39.62 -21.28 -30.64
CA LEU F 139 -39.78 -20.03 -29.95
C LEU F 139 -41.15 -20.03 -29.25
N SER F 140 -41.30 -19.12 -28.31
CA SER F 140 -42.54 -18.86 -27.63
C SER F 140 -43.23 -17.70 -28.32
N PRO F 141 -44.58 -17.61 -28.22
CA PRO F 141 -45.45 -18.45 -27.36
C PRO F 141 -45.82 -19.84 -27.93
N GLU F 142 -45.46 -20.15 -29.17
CA GLU F 142 -45.82 -21.45 -29.74
C GLU F 142 -45.37 -22.56 -28.78
N ALA F 143 -44.11 -22.53 -28.37
CA ALA F 143 -43.62 -23.41 -27.32
C ALA F 143 -43.59 -22.66 -26.01
N ARG F 144 -43.69 -23.42 -24.94
CA ARG F 144 -43.60 -22.88 -23.62
C ARG F 144 -42.54 -23.61 -22.84
N PHE F 145 -41.99 -22.94 -21.85
CA PHE F 145 -41.12 -23.59 -20.92
C PHE F 145 -41.77 -24.91 -20.46
N PRO F 146 -41.01 -26.01 -20.43
CA PRO F 146 -39.57 -26.14 -20.65
C PRO F 146 -39.22 -26.75 -22.00
N GLN F 147 -40.05 -26.53 -23.01
CA GLN F 147 -39.88 -27.24 -24.29
C GLN F 147 -38.48 -26.99 -24.83
N ALA F 148 -38.09 -25.72 -24.89
CA ALA F 148 -36.82 -25.36 -25.50
C ALA F 148 -35.64 -26.08 -24.87
N ILE F 149 -35.65 -26.21 -23.55
CA ILE F 149 -34.56 -26.85 -22.83
C ILE F 149 -34.50 -28.32 -23.15
N GLU F 150 -35.67 -28.96 -23.16
CA GLU F 150 -35.77 -30.36 -23.53
C GLU F 150 -35.29 -30.59 -24.96
N GLU F 151 -35.62 -29.68 -25.86
CA GLU F 151 -35.14 -29.78 -27.24
C GLU F 151 -33.62 -29.72 -27.26
N ILE F 152 -33.06 -28.79 -26.49
CA ILE F 152 -31.63 -28.60 -26.43
C ILE F 152 -30.94 -29.82 -25.84
N VAL F 153 -31.47 -30.31 -24.74
CA VAL F 153 -30.90 -31.49 -24.11
C VAL F 153 -31.00 -32.72 -25.01
N ALA F 154 -32.08 -32.85 -25.77
CA ALA F 154 -32.24 -33.99 -26.67
C ALA F 154 -31.28 -33.89 -27.85
N ALA F 155 -31.17 -32.69 -28.43
CA ALA F 155 -30.29 -32.48 -29.58
C ALA F 155 -28.87 -32.81 -29.19
N CYS F 156 -28.44 -32.24 -28.09
CA CYS F 156 -27.11 -32.48 -27.57
C CYS F 156 -26.89 -33.98 -27.23
N CYS F 157 -27.87 -34.68 -26.70
CA CYS F 157 -27.73 -36.13 -26.46
C CYS F 157 -27.64 -36.96 -27.77
N TYR F 158 -28.34 -36.52 -28.80
CA TYR F 158 -28.32 -37.19 -30.07
C TYR F 158 -26.93 -37.05 -30.73
N PHE F 159 -26.33 -35.88 -30.62
CA PHE F 159 -24.99 -35.66 -31.13
C PHE F 159 -23.98 -36.50 -30.36
N HIS F 160 -24.16 -36.67 -29.06
CA HIS F 160 -23.28 -37.57 -28.28
C HIS F 160 -23.40 -39.01 -28.80
N GLN F 161 -24.64 -39.45 -28.98
CA GLN F 161 -24.95 -40.77 -29.51
C GLN F 161 -24.24 -41.01 -30.85
N GLN F 162 -24.48 -40.11 -31.81
CA GLN F 162 -24.05 -40.28 -33.20
C GLN F 162 -22.78 -39.50 -33.54
N ALA F 163 -21.91 -39.27 -32.55
CA ALA F 163 -20.78 -38.37 -32.73
C ALA F 163 -19.93 -38.78 -33.92
N GLU F 164 -19.72 -40.09 -34.05
CA GLU F 164 -18.85 -40.63 -35.11
C GLU F 164 -19.39 -40.22 -36.47
N ASP F 165 -20.71 -40.37 -36.64
CA ASP F 165 -21.36 -40.04 -37.89
C ASP F 165 -21.20 -38.56 -38.28
N TYR F 166 -21.29 -37.67 -37.29
CA TYR F 166 -21.13 -36.23 -37.54
C TYR F 166 -19.67 -35.78 -37.48
N GLN F 167 -18.77 -36.68 -37.10
CA GLN F 167 -17.33 -36.41 -37.06
C GLN F 167 -17.03 -35.24 -36.13
N ILE F 168 -17.75 -35.21 -35.02
CA ILE F 168 -17.58 -34.19 -33.98
C ILE F 168 -17.05 -34.83 -32.71
N ASN F 169 -16.37 -34.03 -31.89
CA ASN F 169 -15.84 -34.49 -30.64
C ASN F 169 -16.79 -34.11 -29.49
N MET F 170 -17.52 -35.11 -28.99
CA MET F 170 -18.47 -34.95 -27.90
C MET F 170 -17.97 -35.52 -26.56
N SER F 171 -16.69 -35.88 -26.48
CA SER F 171 -16.09 -36.22 -25.18
C SER F 171 -16.18 -35.03 -24.21
N ARG F 172 -16.12 -33.82 -24.76
CA ARG F 172 -16.23 -32.60 -23.97
C ARG F 172 -17.10 -31.59 -24.70
N ILE F 173 -18.05 -30.99 -23.99
CA ILE F 173 -18.98 -30.02 -24.57
C ILE F 173 -19.12 -28.73 -23.73
N GLY F 174 -19.77 -27.74 -24.31
CA GLY F 174 -20.07 -26.50 -23.63
C GLY F 174 -21.40 -25.95 -24.11
N PHE F 175 -21.97 -25.06 -23.30
CA PHE F 175 -23.15 -24.34 -23.68
C PHE F 175 -22.83 -22.88 -23.63
N ALA F 176 -23.43 -22.14 -24.55
CA ALA F 176 -23.11 -20.73 -24.69
C ALA F 176 -24.34 -20.02 -25.17
N GLY F 177 -24.54 -18.80 -24.70
CA GLY F 177 -25.71 -18.02 -25.10
C GLY F 177 -25.69 -16.56 -24.68
N ASP F 178 -26.49 -15.77 -25.37
CA ASP F 178 -26.72 -14.35 -25.03
C ASP F 178 -28.17 -14.10 -24.50
N ALA F 180 -31.61 -14.29 -23.27
CA ALA F 180 -32.45 -15.44 -23.07
C ALA F 180 -31.68 -16.71 -23.33
N GLY F 181 -30.75 -16.66 -24.30
CA GLY F 181 -29.95 -17.82 -24.65
C GLY F 181 -29.02 -18.26 -23.53
N ALA F 182 -28.53 -17.28 -22.80
CA ALA F 182 -27.67 -17.54 -21.66
C ALA F 182 -28.43 -18.34 -20.61
N MET F 183 -29.69 -17.99 -20.39
CA MET F 183 -30.49 -18.69 -19.41
C MET F 183 -30.64 -20.10 -19.87
N LEU F 184 -30.92 -20.28 -21.15
CA LEU F 184 -31.11 -21.61 -21.69
C LEU F 184 -29.82 -22.43 -21.61
N ALA F 185 -28.68 -21.75 -21.76
CA ALA F 185 -27.38 -22.40 -21.73
C ALA F 185 -27.11 -22.95 -20.35
N LEU F 186 -27.28 -22.13 -19.34
CA LEU F 186 -26.99 -22.59 -17.99
C LEU F 186 -28.04 -23.60 -17.53
N ALA F 187 -29.30 -23.37 -17.88
CA ALA F 187 -30.38 -24.27 -17.50
C ALA F 187 -30.15 -25.65 -18.04
N SER F 188 -29.67 -25.72 -19.30
CA SER F 188 -29.47 -26.99 -19.94
C SER F 188 -28.32 -27.74 -19.28
N ALA F 189 -27.22 -27.04 -19.00
CA ALA F 189 -26.10 -27.63 -18.28
C ALA F 189 -26.53 -28.17 -16.91
N LEU F 190 -27.34 -27.42 -16.20
CA LEU F 190 -27.79 -27.86 -14.87
C LEU F 190 -28.74 -29.06 -14.97
N TRP F 191 -29.66 -29.03 -15.95
CA TRP F 191 -30.57 -30.15 -16.19
C TRP F 191 -29.76 -31.45 -16.38
N LEU F 192 -28.72 -31.39 -17.23
CA LEU F 192 -27.80 -32.51 -17.43
C LEU F 192 -27.13 -32.99 -16.15
N ARG F 193 -26.58 -32.07 -15.38
CA ARG F 193 -26.06 -32.40 -14.05
C ARG F 193 -27.10 -33.06 -13.12
N ASP F 194 -28.29 -32.46 -13.04
CA ASP F 194 -29.30 -32.91 -12.09
C ASP F 194 -29.82 -34.29 -12.47
N LYS F 195 -30.04 -34.53 -13.75
CA LYS F 195 -30.54 -35.82 -14.23
C LYS F 195 -29.42 -36.87 -14.33
N GLN F 196 -28.18 -36.45 -14.17
CA GLN F 196 -27.01 -37.32 -14.22
C GLN F 196 -26.87 -38.04 -15.57
N ILE F 197 -27.21 -37.33 -16.64
CA ILE F 197 -27.09 -37.83 -18.00
C ILE F 197 -25.71 -37.50 -18.57
N ASP F 198 -24.96 -38.50 -19.02
CA ASP F 198 -23.67 -38.26 -19.67
C ASP F 198 -23.83 -38.08 -21.20
N CYS F 199 -24.05 -36.82 -21.62
CA CYS F 199 -24.12 -36.45 -23.03
C CYS F 199 -22.86 -35.68 -23.43
N GLY F 200 -21.78 -35.93 -22.67
CA GLY F 200 -20.54 -35.20 -22.79
C GLY F 200 -20.15 -34.51 -21.50
N LYS F 201 -18.85 -34.50 -21.20
CA LYS F 201 -18.37 -33.82 -20.02
C LYS F 201 -18.50 -32.30 -20.27
N VAL F 202 -19.27 -31.62 -19.44
CA VAL F 202 -19.51 -30.19 -19.63
C VAL F 202 -18.33 -29.40 -19.08
N ALA F 203 -17.50 -28.88 -19.98
CA ALA F 203 -16.24 -28.26 -19.61
C ALA F 203 -16.44 -26.81 -19.28
N GLY F 204 -17.52 -26.21 -19.80
CA GLY F 204 -17.76 -24.79 -19.61
C GLY F 204 -19.11 -24.31 -20.08
N VAL F 205 -19.54 -23.20 -19.50
CA VAL F 205 -20.74 -22.51 -19.94
C VAL F 205 -20.36 -21.04 -20.17
N LEU F 206 -20.73 -20.49 -21.32
CA LEU F 206 -20.38 -19.11 -21.66
C LEU F 206 -21.64 -18.27 -21.66
N LEU F 207 -21.70 -17.28 -20.77
CA LEU F 207 -22.94 -16.53 -20.51
C LEU F 207 -22.82 -15.01 -20.71
N TRP F 208 -23.33 -14.52 -21.84
CA TRP F 208 -23.28 -13.07 -22.14
C TRP F 208 -24.58 -12.39 -21.80
N TYR F 209 -24.50 -11.43 -20.87
CA TYR F 209 -25.63 -10.61 -20.38
C TYR F 209 -26.93 -11.37 -20.23
N GLY F 210 -26.85 -12.45 -19.47
CA GLY F 210 -27.99 -13.32 -19.26
C GLY F 210 -28.97 -12.79 -18.23
N LEU F 211 -30.14 -13.43 -18.20
CA LEU F 211 -31.09 -13.28 -17.10
C LEU F 211 -31.27 -14.67 -16.49
N TYR F 212 -31.37 -14.75 -15.18
CA TYR F 212 -31.34 -16.04 -14.49
C TYR F 212 -32.44 -16.17 -13.43
N GLY F 213 -33.40 -15.24 -13.40
CA GLY F 213 -34.60 -15.43 -12.59
C GLY F 213 -34.92 -14.34 -11.58
N LEU F 214 -34.10 -13.30 -11.51
CA LEU F 214 -34.42 -12.16 -10.66
C LEU F 214 -35.73 -11.51 -11.11
N ARG F 215 -36.56 -11.09 -10.15
CA ARG F 215 -37.79 -10.41 -10.52
C ARG F 215 -37.65 -8.88 -10.46
N ASP F 216 -36.49 -8.39 -10.05
CA ASP F 216 -36.31 -6.97 -9.76
C ASP F 216 -34.86 -6.87 -9.31
N SER F 217 -34.31 -5.68 -9.33
CA SER F 217 -32.94 -5.44 -8.85
C SER F 217 -32.62 -3.96 -8.94
N VAL F 218 -31.51 -3.58 -8.32
CA VAL F 218 -31.01 -2.21 -8.44
C VAL F 218 -30.84 -1.80 -9.92
N THR F 219 -30.17 -2.63 -10.71
CA THR F 219 -29.95 -2.26 -12.10
C THR F 219 -31.26 -2.30 -12.87
N ARG F 220 -32.16 -3.24 -12.55
CA ARG F 220 -33.46 -3.21 -13.24
C ARG F 220 -34.23 -1.92 -12.98
N ARG F 221 -34.06 -1.33 -11.80
CA ARG F 221 -34.71 -0.05 -11.49
C ARG F 221 -34.01 1.14 -12.12
N LEU F 222 -32.71 1.22 -11.95
CA LEU F 222 -31.95 2.33 -12.52
C LEU F 222 -31.93 2.35 -14.05
N LEU F 223 -31.94 1.18 -14.68
CA LEU F 223 -31.65 1.09 -16.12
C LEU F 223 -32.77 0.58 -17.04
N GLY F 224 -33.94 0.22 -16.50
CA GLY F 224 -35.07 -0.17 -17.36
C GLY F 224 -35.51 1.00 -18.22
N GLY F 225 -35.59 0.82 -19.54
CA GLY F 225 -35.93 1.93 -20.44
C GLY F 225 -36.45 1.62 -21.85
N VAL F 226 -37.27 2.54 -22.38
CA VAL F 226 -37.89 2.42 -23.71
C VAL F 226 -36.84 2.45 -24.86
N TRP F 227 -35.68 3.04 -24.57
CA TRP F 227 -34.55 3.14 -25.53
C TRP F 227 -33.96 1.83 -26.04
N ASP F 228 -34.27 0.70 -25.39
CA ASP F 228 -33.69 -0.60 -25.76
C ASP F 228 -34.68 -1.77 -25.83
N GLY F 229 -35.95 -1.54 -25.47
CA GLY F 229 -36.91 -2.63 -25.35
C GLY F 229 -36.69 -3.50 -24.12
N LEU F 230 -36.12 -2.92 -23.06
CA LEU F 230 -35.84 -3.65 -21.81
C LEU F 230 -36.44 -2.93 -20.59
N THR F 231 -37.68 -2.48 -20.73
CA THR F 231 -38.46 -2.00 -19.61
C THR F 231 -38.82 -3.21 -18.77
N GLN F 232 -39.22 -2.97 -17.53
CA GLN F 232 -39.73 -4.04 -16.67
C GLN F 232 -41.07 -4.60 -17.23
N GLN F 233 -41.89 -3.74 -17.83
CA GLN F 233 -43.12 -4.18 -18.51
C GLN F 233 -42.82 -4.99 -19.78
N ASP F 234 -41.68 -4.70 -20.42
CA ASP F 234 -41.23 -5.47 -21.58
C ASP F 234 -40.86 -6.89 -21.19
N LEU F 235 -40.01 -7.02 -20.19
CA LEU F 235 -39.57 -8.30 -19.65
C LEU F 235 -40.73 -9.15 -19.17
N GLN F 236 -41.80 -8.51 -18.72
CA GLN F 236 -43.02 -9.21 -18.41
C GLN F 236 -43.62 -9.85 -19.67
N MET F 237 -43.81 -9.09 -20.74
CA MET F 237 -44.38 -9.67 -22.00
C MET F 237 -43.60 -10.94 -22.37
N TYR F 238 -42.28 -10.86 -22.35
CA TYR F 238 -41.45 -11.99 -22.76
C TYR F 238 -41.67 -13.17 -21.84
N GLU F 239 -41.58 -12.93 -20.54
CA GLU F 239 -41.88 -13.97 -19.56
C GLU F 239 -43.26 -14.59 -19.79
N GLU F 240 -44.27 -13.77 -20.03
CA GLU F 240 -45.64 -14.30 -20.18
C GLU F 240 -45.81 -15.15 -21.45
N ALA F 241 -45.05 -14.84 -22.50
CA ALA F 241 -45.02 -15.70 -23.67
C ALA F 241 -44.26 -17.02 -23.46
N TYR F 242 -43.30 -17.03 -22.53
CA TYR F 242 -42.41 -18.19 -22.35
C TYR F 242 -42.98 -19.20 -21.36
N LEU F 243 -43.38 -18.71 -20.19
CA LEU F 243 -43.90 -19.60 -19.17
C LEU F 243 -45.31 -20.08 -19.53
N SER F 244 -45.62 -21.32 -19.19
CA SER F 244 -46.95 -21.90 -19.35
C SER F 244 -47.85 -21.56 -18.17
N ASN F 245 -47.25 -21.41 -16.98
CA ASN F 245 -48.00 -21.01 -15.80
C ASN F 245 -47.16 -20.15 -14.84
N ASP F 246 -47.82 -19.52 -13.87
CA ASP F 246 -47.12 -18.65 -12.93
C ASP F 246 -46.10 -19.39 -12.05
N ALA F 247 -46.41 -20.63 -11.69
CA ALA F 247 -45.52 -21.46 -10.85
C ALA F 247 -44.15 -21.73 -11.49
N ASP F 248 -44.10 -21.75 -12.82
CA ASP F 248 -42.83 -21.84 -13.54
C ASP F 248 -41.85 -20.71 -13.15
N ARG F 249 -42.35 -19.53 -12.74
CA ARG F 249 -41.44 -18.47 -12.27
C ARG F 249 -40.47 -18.94 -11.19
N GLU F 250 -40.80 -20.04 -10.50
CA GLU F 250 -39.98 -20.55 -9.41
C GLU F 250 -39.20 -21.79 -9.78
N SER F 251 -39.42 -22.34 -10.96
CA SER F 251 -38.71 -23.56 -11.35
C SER F 251 -37.20 -23.35 -11.25
N PRO F 252 -36.46 -24.38 -10.83
CA PRO F 252 -35.01 -24.27 -10.76
C PRO F 252 -34.33 -24.34 -12.14
N TYR F 253 -35.14 -24.41 -13.20
CA TYR F 253 -34.64 -24.29 -14.58
C TYR F 253 -35.14 -23.02 -15.23
N TYR F 254 -35.80 -22.16 -14.46
CA TYR F 254 -36.13 -20.82 -14.90
C TYR F 254 -35.41 -19.84 -13.99
N CYS F 255 -35.87 -19.75 -12.74
CA CYS F 255 -35.09 -19.10 -11.70
C CYS F 255 -33.98 -20.06 -11.27
N LEU F 256 -32.84 -19.95 -11.94
CA LEU F 256 -31.73 -20.85 -11.72
C LEU F 256 -31.16 -20.68 -10.33
N PHE F 257 -31.43 -19.55 -9.70
CA PHE F 257 -31.00 -19.33 -8.33
C PHE F 257 -31.66 -20.28 -7.31
N ASN F 258 -32.76 -20.91 -7.69
CA ASN F 258 -33.40 -21.90 -6.85
C ASN F 258 -32.88 -23.31 -7.09
N ASN F 259 -32.01 -23.48 -8.09
CA ASN F 259 -31.27 -24.72 -8.24
C ASN F 259 -30.08 -24.72 -7.27
N ASP F 260 -29.43 -25.87 -7.12
CA ASP F 260 -28.23 -25.96 -6.30
C ASP F 260 -27.08 -25.40 -7.12
N LEU F 261 -26.50 -24.31 -6.64
CA LEU F 261 -25.37 -23.65 -7.30
C LEU F 261 -24.10 -23.74 -6.47
N THR F 262 -24.05 -24.70 -5.56
CA THR F 262 -22.97 -24.82 -4.58
C THR F 262 -22.03 -25.96 -4.88
N ARG F 263 -22.44 -26.89 -5.74
CA ARG F 263 -21.56 -28.00 -6.08
C ARG F 263 -21.70 -28.44 -7.53
N GLU F 264 -20.61 -28.94 -8.08
CA GLU F 264 -20.59 -29.52 -9.42
C GLU F 264 -21.21 -28.65 -10.51
N VAL F 265 -21.11 -27.33 -10.35
CA VAL F 265 -21.46 -26.44 -11.44
C VAL F 265 -20.28 -26.40 -12.44
N PRO F 266 -20.56 -26.53 -13.74
CA PRO F 266 -19.47 -26.39 -14.68
C PRO F 266 -18.89 -24.98 -14.63
N PRO F 267 -17.63 -24.83 -15.06
CA PRO F 267 -17.05 -23.50 -15.06
C PRO F 267 -17.89 -22.56 -15.89
N CYS F 268 -18.09 -21.36 -15.36
CA CYS F 268 -18.97 -20.39 -15.96
C CYS F 268 -18.25 -19.10 -16.26
N PHE F 269 -18.45 -18.62 -17.47
CA PHE F 269 -17.93 -17.34 -17.86
C PHE F 269 -19.09 -16.41 -17.98
N ILE F 270 -19.00 -15.29 -17.28
CA ILE F 270 -20.13 -14.42 -17.07
C ILE F 270 -19.75 -12.99 -17.41
N ALA F 271 -20.39 -12.49 -18.44
CA ALA F 271 -20.13 -11.17 -18.98
C ALA F 271 -21.32 -10.29 -18.72
N GLY F 272 -21.09 -9.16 -18.06
CA GLY F 272 -22.12 -8.18 -17.84
C GLY F 272 -21.90 -6.91 -18.66
N ALA F 273 -22.98 -6.24 -19.04
CA ALA F 273 -22.97 -4.96 -19.73
C ALA F 273 -23.27 -3.86 -18.75
N GLU F 274 -22.47 -2.79 -18.81
CA GLU F 274 -22.56 -1.72 -17.81
C GLU F 274 -23.95 -1.05 -17.68
N PHE F 275 -24.63 -0.85 -18.78
CA PHE F 275 -25.85 -0.06 -18.76
C PHE F 275 -27.06 -0.90 -19.09
N ASP F 276 -26.98 -2.16 -18.66
CA ASP F 276 -27.99 -3.18 -18.92
C ASP F 276 -28.78 -3.40 -17.61
N PRO F 277 -30.11 -3.29 -17.67
CA PRO F 277 -30.85 -3.58 -16.44
C PRO F 277 -30.62 -5.01 -15.92
N LEU F 278 -30.20 -5.94 -16.79
CA LEU F 278 -29.98 -7.34 -16.40
C LEU F 278 -28.64 -7.60 -15.74
N LEU F 279 -27.80 -6.58 -15.64
CA LEU F 279 -26.46 -6.73 -15.07
C LEU F 279 -26.46 -7.42 -13.69
N ASP F 280 -27.40 -7.04 -12.81
CA ASP F 280 -27.43 -7.61 -11.48
C ASP F 280 -27.68 -9.12 -11.48
N ASP F 281 -28.44 -9.63 -12.43
CA ASP F 281 -28.55 -11.08 -12.60
C ASP F 281 -27.20 -11.77 -12.76
N SER F 282 -26.31 -11.15 -13.53
CA SER F 282 -24.97 -11.71 -13.76
C SER F 282 -24.13 -11.56 -12.52
N ARG F 283 -24.19 -10.38 -11.92
CA ARG F 283 -23.48 -10.14 -10.66
C ARG F 283 -23.88 -11.15 -9.57
N LEU F 284 -25.18 -11.41 -9.43
CA LEU F 284 -25.64 -12.36 -8.42
C LEU F 284 -25.15 -13.77 -8.71
N LEU F 285 -25.21 -14.17 -9.97
CA LEU F 285 -24.78 -15.51 -10.34
C LEU F 285 -23.32 -15.68 -9.96
N TYR F 286 -22.51 -14.70 -10.33
CA TYR F 286 -21.08 -14.76 -10.06
C TYR F 286 -20.82 -14.83 -8.56
N GLN F 287 -21.43 -13.91 -7.80
CA GLN F 287 -21.21 -13.88 -6.35
C GLN F 287 -21.58 -15.21 -5.72
N THR F 288 -22.66 -15.81 -6.21
CA THR F 288 -23.12 -17.09 -5.73
C THR F 288 -22.12 -18.17 -6.02
N LEU F 289 -21.72 -18.29 -7.27
CA LEU F 289 -20.75 -19.30 -7.63
C LEU F 289 -19.46 -19.16 -6.84
N ALA F 290 -18.93 -17.94 -6.75
CA ALA F 290 -17.65 -17.73 -6.10
C ALA F 290 -17.68 -17.95 -4.58
N ALA F 291 -18.79 -17.60 -3.93
CA ALA F 291 -18.92 -17.89 -2.50
C ALA F 291 -18.90 -19.40 -2.18
N HIS F 292 -19.22 -20.26 -3.14
CA HIS F 292 -19.13 -21.70 -2.95
C HIS F 292 -17.99 -22.31 -3.75
N GLN F 293 -17.01 -21.49 -4.07
CA GLN F 293 -15.80 -21.94 -4.74
C GLN F 293 -16.10 -22.75 -6.00
N GLN F 294 -17.12 -22.34 -6.74
CA GLN F 294 -17.40 -22.94 -8.04
C GLN F 294 -16.66 -22.14 -9.11
N PRO F 295 -16.06 -22.84 -10.07
CA PRO F 295 -15.15 -22.20 -11.02
C PRO F 295 -15.91 -21.22 -11.91
N CYS F 296 -15.43 -20.00 -11.98
CA CYS F 296 -16.15 -18.98 -12.71
C CYS F 296 -15.29 -17.78 -12.87
N GLU F 297 -15.70 -16.92 -13.79
CA GLU F 297 -15.03 -15.67 -14.02
C GLU F 297 -16.12 -14.67 -14.41
N PHE F 298 -15.97 -13.45 -13.96
CA PHE F 298 -16.92 -12.41 -14.25
C PHE F 298 -16.20 -11.25 -14.87
N LYS F 299 -16.79 -10.67 -15.91
CA LYS F 299 -16.23 -9.47 -16.50
C LYS F 299 -17.32 -8.49 -16.90
N LEU F 300 -17.10 -7.24 -16.54
CA LEU F 300 -18.03 -6.17 -16.82
C LEU F 300 -17.49 -5.36 -17.97
N TYR F 301 -18.20 -5.38 -19.08
CA TYR F 301 -17.82 -4.61 -20.25
C TYR F 301 -18.38 -3.18 -20.16
N PRO F 302 -17.49 -2.18 -20.06
CA PRO F 302 -17.95 -0.82 -19.85
C PRO F 302 -18.54 -0.20 -21.09
N GLY F 303 -19.44 0.75 -20.90
CA GLY F 303 -19.91 1.59 -21.99
C GLY F 303 -20.98 0.92 -22.82
N THR F 304 -21.34 -0.31 -22.45
CA THR F 304 -22.23 -1.12 -23.29
C THR F 304 -23.65 -1.17 -22.75
N LEU F 305 -24.61 -1.07 -23.67
CA LEU F 305 -26.01 -1.46 -23.43
C LEU F 305 -26.15 -2.99 -23.61
N HIS F 306 -27.31 -3.51 -23.26
CA HIS F 306 -27.65 -4.90 -23.50
C HIS F 306 -27.58 -5.25 -25.00
N ALA F 307 -27.43 -6.53 -25.31
CA ALA F 307 -27.41 -7.03 -26.70
C ALA F 307 -26.16 -6.60 -27.51
N PHE F 308 -25.15 -6.04 -26.83
CA PHE F 308 -23.98 -5.44 -27.49
C PHE F 308 -23.17 -6.41 -28.35
N LEU F 309 -23.34 -7.72 -28.12
CA LEU F 309 -22.56 -8.77 -28.78
C LEU F 309 -22.72 -8.86 -30.32
N HIS F 310 -23.82 -8.31 -30.85
CA HIS F 310 -24.08 -8.31 -32.30
C HIS F 310 -23.19 -7.35 -33.09
N TYR F 311 -22.70 -6.31 -32.40
CA TYR F 311 -22.12 -5.12 -33.01
C TYR F 311 -20.59 -5.14 -33.10
N SER F 312 -20.01 -6.32 -33.35
CA SER F 312 -18.54 -6.50 -33.32
C SER F 312 -17.79 -5.88 -34.52
N ARG F 313 -18.55 -5.41 -35.53
CA ARG F 313 -18.00 -4.62 -36.64
C ARG F 313 -17.57 -3.22 -36.18
N MET F 314 -18.45 -2.54 -35.44
CA MET F 314 -18.23 -1.16 -34.94
C MET F 314 -17.73 -1.08 -33.47
N MET F 315 -17.76 -2.20 -32.74
CA MET F 315 -17.34 -2.21 -31.33
C MET F 315 -16.30 -3.28 -30.99
N LYS F 316 -15.13 -2.80 -30.60
CA LYS F 316 -14.10 -3.66 -30.08
C LYS F 316 -14.54 -4.29 -28.76
N THR F 317 -15.27 -3.53 -27.95
CA THR F 317 -15.78 -4.03 -26.68
C THR F 317 -16.63 -5.28 -26.86
N ALA F 318 -17.50 -5.27 -27.87
CA ALA F 318 -18.29 -6.45 -28.21
C ALA F 318 -17.45 -7.63 -28.64
N ASP F 319 -16.50 -7.37 -29.54
CA ASP F 319 -15.54 -8.38 -29.94
C ASP F 319 -14.66 -8.92 -28.79
N GLU F 320 -14.13 -8.03 -27.98
CA GLU F 320 -13.41 -8.42 -26.78
C GLU F 320 -14.18 -9.44 -25.93
N ALA F 321 -15.50 -9.26 -25.80
CA ALA F 321 -16.32 -10.14 -24.95
C ALA F 321 -16.47 -11.55 -25.52
N LEU F 322 -16.67 -11.66 -26.82
CA LEU F 322 -16.61 -12.96 -27.49
C LEU F 322 -15.27 -13.67 -27.31
N ARG F 323 -14.19 -12.93 -27.48
CA ARG F 323 -12.85 -13.50 -27.33
C ARG F 323 -12.56 -14.00 -25.93
N ASP F 324 -12.88 -13.17 -24.94
CA ASP F 324 -12.73 -13.53 -23.53
C ASP F 324 -13.52 -14.79 -23.19
N GLY F 325 -14.75 -14.88 -23.67
CA GLY F 325 -15.53 -16.11 -23.53
C GLY F 325 -14.88 -17.31 -24.19
N ALA F 326 -14.52 -17.18 -25.47
CA ALA F 326 -13.79 -18.23 -26.18
C ALA F 326 -12.57 -18.70 -25.41
N GLN F 327 -11.76 -17.76 -24.97
CA GLN F 327 -10.54 -18.10 -24.25
C GLN F 327 -10.78 -18.81 -22.92
N PHE F 328 -11.82 -18.39 -22.20
CA PHE F 328 -12.17 -19.02 -20.96
C PHE F 328 -12.49 -20.47 -21.23
N PHE F 329 -13.28 -20.71 -22.26
CA PHE F 329 -13.66 -22.07 -22.58
C PHE F 329 -12.47 -22.98 -22.90
N THR F 330 -11.60 -22.53 -23.79
CA THR F 330 -10.44 -23.36 -24.12
C THR F 330 -9.54 -23.53 -22.88
N ALA F 331 -9.52 -22.56 -21.98
CA ALA F 331 -8.72 -22.71 -20.75
C ALA F 331 -9.13 -23.92 -19.90
N GLN F 332 -10.37 -24.40 -20.02
CA GLN F 332 -10.86 -25.55 -19.27
C GLN F 332 -10.55 -26.88 -19.91
N LEU F 333 -10.03 -26.90 -21.12
CA LEU F 333 -9.83 -28.14 -21.88
C LEU F 333 -8.43 -28.72 -21.72
#